data_9Q6D
#
_entry.id   9Q6D
#
_cell.length_a   1.00
_cell.length_b   1.00
_cell.length_c   1.00
_cell.angle_alpha   90.00
_cell.angle_beta   90.00
_cell.angle_gamma   90.00
#
_symmetry.space_group_name_H-M   'P 1'
#
_entity_poly.entity_id   1
_entity_poly.type   'polypeptide(L)'
_entity_poly.pdbx_seq_one_letter_code
;MGSSHHHHHHSSGLVPRGSHMKYKIPKNFLSGFQILSQLDKKEIEELAKLLGELPVGSNVQEFQSAIQTNKELSENALKS
ADTIFSLGGLLLEIKADDSLNQVAEDLTNAYAKEGEEEIGTEQREQLIHNLLIVLQKAENLKKTFKAYRLLFENTRSFRK
SRVMTDMRMIFDDDFQKKNQTGLIIHQLKLEYIEDNTSKEFFISLDNDDVLKLSEELKRSLEKEECIKRDFDQVQFINIK
;
_entity_poly.pdbx_strand_id   A,B,C,D,E,F,G,H,I,J
#
# COMPACT_ATOMS: atom_id res chain seq x y z
N MET A 21 -17.35 -32.91 -8.79
CA MET A 21 -17.99 -33.78 -9.81
C MET A 21 -17.18 -33.74 -11.10
N LYS A 22 -17.64 -34.46 -12.12
CA LYS A 22 -16.88 -34.56 -13.37
C LYS A 22 -16.71 -33.20 -14.04
N TYR A 23 -17.77 -32.40 -14.09
CA TYR A 23 -17.74 -31.13 -14.82
C TYR A 23 -18.44 -30.06 -14.01
N LYS A 24 -17.97 -28.82 -14.17
CA LYS A 24 -18.63 -27.64 -13.61
C LYS A 24 -19.84 -27.31 -14.49
N ILE A 25 -20.89 -28.10 -14.31
CA ILE A 25 -22.04 -28.07 -15.23
C ILE A 25 -22.76 -26.75 -15.10
N PRO A 26 -22.91 -25.98 -16.18
CA PRO A 26 -23.82 -24.83 -16.14
C PRO A 26 -25.25 -25.29 -15.90
N LYS A 27 -26.01 -24.48 -15.15
CA LYS A 27 -27.38 -24.84 -14.84
C LYS A 27 -28.34 -24.55 -15.99
N ASN A 28 -27.86 -23.89 -17.05
CA ASN A 28 -28.71 -23.65 -18.22
C ASN A 28 -28.60 -24.77 -19.24
N PHE A 29 -27.49 -25.52 -19.22
CA PHE A 29 -27.29 -26.61 -20.15
C PHE A 29 -28.08 -27.86 -19.76
N LEU A 30 -28.74 -27.83 -18.60
CA LEU A 30 -29.45 -29.01 -18.12
C LEU A 30 -30.55 -29.43 -19.09
N SER A 31 -31.28 -28.47 -19.65
CA SER A 31 -32.29 -28.80 -20.66
C SER A 31 -31.65 -29.44 -21.89
N GLY A 32 -30.49 -28.92 -22.33
CA GLY A 32 -29.79 -29.54 -23.43
C GLY A 32 -29.37 -30.96 -23.11
N PHE A 33 -28.90 -31.19 -21.89
CA PHE A 33 -28.54 -32.55 -21.47
C PHE A 33 -29.75 -33.47 -21.48
N GLN A 34 -30.90 -32.98 -21.01
CA GLN A 34 -32.12 -33.79 -21.06
C GLN A 34 -32.48 -34.13 -22.49
N ILE A 35 -32.42 -33.15 -23.38
CA ILE A 35 -32.75 -33.38 -24.78
C ILE A 35 -31.81 -34.43 -25.37
N LEU A 36 -30.52 -34.31 -25.11
CA LEU A 36 -29.56 -35.28 -25.61
C LEU A 36 -29.80 -36.66 -25.05
N SER A 37 -30.13 -36.77 -23.77
CA SER A 37 -30.43 -38.06 -23.17
C SER A 37 -31.65 -38.70 -23.81
N GLN A 38 -32.68 -37.91 -24.10
CA GLN A 38 -33.89 -38.45 -24.72
C GLN A 38 -33.84 -38.42 -26.25
N LEU A 39 -32.74 -37.93 -26.82
CA LEU A 39 -32.70 -37.74 -28.27
C LEU A 39 -32.70 -39.08 -29.00
N ASP A 40 -33.21 -39.06 -30.23
CA ASP A 40 -33.32 -40.26 -31.03
C ASP A 40 -31.93 -40.73 -31.49
N LYS A 41 -31.80 -42.04 -31.69
CA LYS A 41 -30.55 -42.61 -32.18
C LYS A 41 -30.21 -42.11 -33.59
N LYS A 42 -31.21 -42.02 -34.47
CA LYS A 42 -30.97 -41.50 -35.81
C LYS A 42 -30.43 -40.07 -35.76
N GLU A 43 -31.03 -39.22 -34.93
CA GLU A 43 -30.61 -37.83 -34.86
C GLU A 43 -29.17 -37.70 -34.36
N ILE A 44 -28.81 -38.43 -33.31
CA ILE A 44 -27.45 -38.32 -32.78
C ILE A 44 -26.43 -38.83 -33.79
N GLU A 45 -26.73 -39.94 -34.48
CA GLU A 45 -25.80 -40.44 -35.48
C GLU A 45 -25.64 -39.46 -36.63
N GLU A 46 -26.74 -38.88 -37.11
CA GLU A 46 -26.64 -37.90 -38.19
C GLU A 46 -25.87 -36.67 -37.76
N LEU A 47 -26.08 -36.21 -36.52
CA LEU A 47 -25.35 -35.05 -36.02
C LEU A 47 -23.86 -35.38 -35.89
N ALA A 48 -23.53 -36.59 -35.46
CA ALA A 48 -22.12 -36.99 -35.40
C ALA A 48 -21.50 -36.98 -36.78
N LYS A 49 -22.22 -37.49 -37.79
CA LYS A 49 -21.73 -37.44 -39.15
C LYS A 49 -21.47 -36.00 -39.59
N LEU A 50 -22.46 -35.13 -39.36
CA LEU A 50 -22.32 -33.73 -39.79
C LEU A 50 -21.15 -33.07 -39.10
N LEU A 51 -20.98 -33.32 -37.80
CA LEU A 51 -19.85 -32.76 -37.06
C LEU A 51 -18.53 -33.28 -37.60
N GLY A 52 -18.45 -34.57 -37.94
CA GLY A 52 -17.27 -35.09 -38.58
C GLY A 52 -17.01 -34.50 -39.94
N GLU A 53 -18.04 -33.95 -40.58
CA GLU A 53 -17.87 -33.19 -41.81
C GLU A 53 -17.65 -31.70 -41.57
N LEU A 54 -17.68 -31.25 -40.33
CA LEU A 54 -17.54 -29.82 -40.04
C LEU A 54 -16.11 -29.36 -40.34
N PRO A 55 -15.93 -28.28 -41.10
CA PRO A 55 -14.58 -27.74 -41.27
C PRO A 55 -14.12 -27.00 -40.02
N VAL A 56 -12.80 -26.88 -39.87
CA VAL A 56 -12.23 -26.20 -38.72
C VAL A 56 -12.56 -24.72 -38.80
N GLY A 57 -12.78 -24.11 -37.63
CA GLY A 57 -13.02 -22.69 -37.54
C GLY A 57 -14.47 -22.25 -37.64
N SER A 58 -15.39 -23.17 -37.89
CA SER A 58 -16.80 -22.82 -37.97
C SER A 58 -17.28 -22.31 -36.61
N ASN A 59 -18.05 -21.23 -36.62
CA ASN A 59 -18.52 -20.62 -35.38
C ASN A 59 -19.91 -21.12 -35.02
N VAL A 60 -20.35 -20.77 -33.81
CA VAL A 60 -21.61 -21.29 -33.28
C VAL A 60 -22.78 -20.82 -34.13
N GLN A 61 -22.78 -19.54 -34.52
CA GLN A 61 -23.91 -19.02 -35.29
C GLN A 61 -24.09 -19.75 -36.60
N GLU A 62 -23.00 -19.98 -37.34
CA GLU A 62 -23.11 -20.69 -38.61
C GLU A 62 -23.58 -22.13 -38.39
N PHE A 63 -23.06 -22.80 -37.36
CA PHE A 63 -23.48 -24.17 -37.08
C PHE A 63 -24.96 -24.23 -36.77
N GLN A 64 -25.46 -23.32 -35.94
CA GLN A 64 -26.86 -23.31 -35.58
C GLN A 64 -27.74 -22.96 -36.78
N SER A 65 -27.31 -22.02 -37.61
CA SER A 65 -28.07 -21.70 -38.82
C SER A 65 -28.14 -22.90 -39.77
N ALA A 66 -27.02 -23.60 -39.94
CA ALA A 66 -27.03 -24.81 -40.77
C ALA A 66 -27.96 -25.87 -40.19
N ILE A 67 -27.94 -26.03 -38.87
CA ILE A 67 -28.87 -26.96 -38.23
C ILE A 67 -30.30 -26.57 -38.53
N GLN A 68 -30.62 -25.28 -38.40
CA GLN A 68 -31.98 -24.81 -38.67
C GLN A 68 -32.38 -25.10 -40.11
N THR A 69 -31.49 -24.83 -41.06
CA THR A 69 -31.81 -25.03 -42.47
C THR A 69 -31.86 -26.51 -42.85
N ASN A 70 -31.36 -27.40 -42.00
CA ASN A 70 -31.42 -28.83 -42.26
C ASN A 70 -32.79 -29.34 -41.86
N LYS A 71 -33.55 -29.84 -42.83
CA LYS A 71 -34.93 -30.25 -42.60
C LYS A 71 -35.03 -31.50 -41.73
N GLU A 72 -34.10 -32.44 -41.88
CA GLU A 72 -34.19 -33.69 -41.13
C GLU A 72 -33.97 -33.49 -39.63
N LEU A 73 -33.50 -32.32 -39.21
CA LEU A 73 -33.19 -32.07 -37.81
C LEU A 73 -34.39 -31.43 -37.12
N SER A 74 -34.79 -32.01 -35.99
CA SER A 74 -35.83 -31.41 -35.17
C SER A 74 -35.27 -30.23 -34.39
N GLU A 75 -36.17 -29.48 -33.74
CA GLU A 75 -35.74 -28.37 -32.91
C GLU A 75 -34.90 -28.81 -31.72
N ASN A 76 -34.93 -30.11 -31.39
CA ASN A 76 -34.10 -30.61 -30.30
C ASN A 76 -32.63 -30.31 -30.56
N ALA A 77 -32.16 -30.56 -31.78
CA ALA A 77 -30.76 -30.34 -32.10
C ALA A 77 -30.39 -28.87 -31.96
N LEU A 78 -31.20 -27.97 -32.51
CA LEU A 78 -30.90 -26.54 -32.42
C LEU A 78 -30.91 -26.09 -30.96
N LYS A 79 -31.90 -26.53 -30.19
CA LYS A 79 -31.94 -26.20 -28.77
C LYS A 79 -30.78 -26.78 -27.99
N SER A 80 -30.17 -27.86 -28.49
CA SER A 80 -28.96 -28.41 -27.89
C SER A 80 -27.72 -28.08 -28.71
N ALA A 81 -27.85 -27.30 -29.79
CA ALA A 81 -26.71 -26.97 -30.61
C ALA A 81 -25.68 -26.16 -29.83
N ASP A 82 -26.13 -25.21 -29.01
CA ASP A 82 -25.20 -24.42 -28.21
C ASP A 82 -24.40 -25.33 -27.28
N THR A 83 -25.07 -26.29 -26.65
CA THR A 83 -24.35 -27.25 -25.82
C THR A 83 -23.36 -28.07 -26.65
N ILE A 84 -23.76 -28.46 -27.85
CA ILE A 84 -22.85 -29.18 -28.74
C ILE A 84 -21.64 -28.33 -29.06
N PHE A 85 -21.86 -27.06 -29.39
CA PHE A 85 -20.73 -26.17 -29.67
C PHE A 85 -19.91 -25.92 -28.40
N SER A 86 -20.54 -25.97 -27.24
CA SER A 86 -19.81 -25.77 -25.99
C SER A 86 -18.89 -26.94 -25.67
N LEU A 87 -19.05 -28.07 -26.37
CA LEU A 87 -18.23 -29.24 -26.08
C LEU A 87 -16.76 -29.00 -26.40
N GLY A 88 -16.46 -28.16 -27.38
CA GLY A 88 -15.09 -27.90 -27.75
C GLY A 88 -14.27 -27.33 -26.60
N GLY A 89 -14.90 -26.52 -25.75
CA GLY A 89 -14.20 -25.97 -24.59
C GLY A 89 -13.96 -26.98 -23.50
N LEU A 90 -14.74 -28.07 -23.50
CA LEU A 90 -14.51 -29.15 -22.55
C LEU A 90 -13.98 -30.41 -23.23
N LEU A 91 -14.05 -30.49 -24.56
CA LEU A 91 -13.39 -31.58 -25.27
C LEU A 91 -11.89 -31.56 -25.10
N LEU A 92 -11.31 -30.37 -24.90
CA LEU A 92 -9.88 -30.25 -24.61
C LEU A 92 -9.59 -30.10 -23.12
N GLU A 93 -10.56 -29.62 -22.34
CA GLU A 93 -10.42 -29.68 -20.90
C GLU A 93 -10.26 -31.12 -20.44
N ILE A 94 -10.85 -32.06 -21.16
CA ILE A 94 -10.52 -33.47 -20.99
C ILE A 94 -9.28 -33.78 -21.80
N LYS A 95 -8.69 -34.95 -21.56
CA LYS A 95 -7.43 -35.31 -22.19
C LYS A 95 -7.44 -36.78 -22.62
N ALA A 96 -6.59 -37.10 -23.60
CA ALA A 96 -6.53 -38.46 -24.15
C ALA A 96 -6.17 -39.49 -23.10
N ASP A 97 -5.55 -39.08 -21.99
CA ASP A 97 -5.16 -40.01 -20.93
C ASP A 97 -6.37 -40.66 -20.27
N ASP A 98 -7.56 -40.11 -20.46
CA ASP A 98 -8.78 -40.67 -19.88
C ASP A 98 -9.61 -41.38 -20.95
N SER A 99 -10.39 -42.35 -20.51
CA SER A 99 -11.24 -43.12 -21.42
C SER A 99 -12.53 -42.37 -21.68
N LEU A 100 -12.81 -42.11 -22.95
CA LEU A 100 -14.03 -41.36 -23.31
C LEU A 100 -15.28 -42.05 -22.78
N ASN A 101 -15.27 -43.38 -22.71
CA ASN A 101 -16.42 -44.09 -22.15
C ASN A 101 -16.62 -43.73 -20.69
N GLN A 102 -15.54 -43.77 -19.89
CA GLN A 102 -15.66 -43.41 -18.49
C GLN A 102 -15.96 -41.93 -18.33
N VAL A 103 -15.46 -41.09 -19.23
CA VAL A 103 -15.81 -39.67 -19.19
C VAL A 103 -17.31 -39.50 -19.39
N ALA A 104 -17.88 -40.22 -20.36
CA ALA A 104 -19.32 -40.14 -20.59
C ALA A 104 -20.10 -40.63 -19.38
N GLU A 105 -19.66 -41.74 -18.78
CA GLU A 105 -20.35 -42.26 -17.60
C GLU A 105 -20.31 -41.26 -16.45
N ASP A 106 -19.12 -40.70 -16.17
CA ASP A 106 -18.98 -39.78 -15.06
C ASP A 106 -19.77 -38.49 -15.30
N LEU A 107 -19.78 -38.00 -16.54
CA LEU A 107 -20.55 -36.80 -16.82
C LEU A 107 -22.05 -37.05 -16.80
N THR A 108 -22.48 -38.26 -17.18
CA THR A 108 -23.89 -38.62 -17.00
C THR A 108 -24.24 -38.62 -15.53
N ASN A 109 -23.36 -39.16 -14.68
CA ASN A 109 -23.58 -39.10 -13.24
C ASN A 109 -23.65 -37.66 -12.75
N ALA A 110 -22.74 -36.81 -13.25
CA ALA A 110 -22.72 -35.41 -12.84
C ALA A 110 -24.01 -34.71 -13.22
N TYR A 111 -24.50 -34.97 -14.43
CA TYR A 111 -25.76 -34.36 -14.86
C TYR A 111 -26.94 -34.88 -14.06
N ALA A 112 -26.97 -36.19 -13.77
CA ALA A 112 -28.05 -36.75 -12.97
C ALA A 112 -28.02 -36.27 -11.54
N LYS A 113 -26.86 -35.80 -11.07
CA LYS A 113 -26.74 -35.30 -9.70
C LYS A 113 -27.06 -33.83 -9.61
N GLU A 114 -26.53 -33.02 -10.52
CA GLU A 114 -26.70 -31.58 -10.50
C GLU A 114 -27.72 -31.08 -11.51
N GLY A 115 -28.21 -31.95 -12.41
CA GLY A 115 -29.05 -31.52 -13.51
C GLY A 115 -30.52 -31.66 -13.22
N GLU A 116 -31.31 -31.76 -14.30
CA GLU A 116 -32.76 -31.75 -14.19
C GLU A 116 -33.29 -32.97 -13.45
N GLU A 117 -32.84 -34.18 -13.82
CA GLU A 117 -33.49 -35.40 -13.38
C GLU A 117 -32.45 -36.39 -12.89
N GLU A 118 -32.82 -37.20 -11.90
CA GLU A 118 -32.08 -38.40 -11.55
C GLU A 118 -32.44 -39.47 -12.57
N ILE A 119 -31.69 -39.51 -13.66
CA ILE A 119 -32.08 -40.26 -14.84
C ILE A 119 -32.29 -41.72 -14.49
N GLY A 120 -33.34 -42.31 -15.05
CA GLY A 120 -33.55 -43.75 -14.92
C GLY A 120 -32.46 -44.51 -15.66
N THR A 121 -32.27 -45.77 -15.26
CA THR A 121 -31.15 -46.55 -15.79
C THR A 121 -31.18 -46.63 -17.31
N GLU A 122 -32.37 -46.85 -17.89
CA GLU A 122 -32.44 -46.96 -19.35
C GLU A 122 -32.04 -45.66 -20.03
N GLN A 123 -32.56 -44.54 -19.56
CA GLN A 123 -32.20 -43.27 -20.17
C GLN A 123 -30.79 -42.84 -19.76
N ARG A 124 -30.32 -43.29 -18.61
CA ARG A 124 -28.93 -43.06 -18.24
C ARG A 124 -27.99 -43.72 -19.25
N GLU A 125 -28.27 -44.99 -19.58
CA GLU A 125 -27.45 -45.70 -20.56
C GLU A 125 -27.60 -45.07 -21.94
N GLN A 126 -28.82 -44.64 -22.28
CA GLN A 126 -29.02 -43.96 -23.56
C GLN A 126 -28.17 -42.70 -23.64
N LEU A 127 -28.16 -41.90 -22.58
CA LEU A 127 -27.36 -40.68 -22.56
C LEU A 127 -25.87 -41.00 -22.67
N ILE A 128 -25.41 -42.02 -21.94
CA ILE A 128 -23.99 -42.37 -22.00
C ILE A 128 -23.62 -42.81 -23.41
N HIS A 129 -24.47 -43.64 -24.03
CA HIS A 129 -24.19 -44.10 -25.39
C HIS A 129 -24.20 -42.94 -26.38
N ASN A 130 -25.14 -42.01 -26.22
CA ASN A 130 -25.18 -40.84 -27.09
C ASN A 130 -23.93 -39.98 -26.91
N LEU A 131 -23.49 -39.80 -25.67
CA LEU A 131 -22.25 -39.08 -25.42
C LEU A 131 -21.08 -39.74 -26.13
N LEU A 132 -20.97 -41.06 -25.99
CA LEU A 132 -19.89 -41.77 -26.66
C LEU A 132 -19.95 -41.59 -28.17
N ILE A 133 -21.16 -41.65 -28.73
CA ILE A 133 -21.31 -41.50 -30.18
C ILE A 133 -20.88 -40.11 -30.61
N VAL A 134 -21.35 -39.07 -29.92
CA VAL A 134 -21.13 -37.71 -30.36
C VAL A 134 -19.80 -37.15 -29.87
N LEU A 135 -19.43 -37.43 -28.62
CA LEU A 135 -18.15 -36.96 -28.12
C LEU A 135 -17.00 -37.57 -28.92
N GLN A 136 -17.20 -38.77 -29.46
CA GLN A 136 -16.24 -39.33 -30.39
C GLN A 136 -16.23 -38.51 -31.68
N LYS A 137 -15.35 -38.86 -32.62
CA LYS A 137 -15.15 -38.04 -33.81
C LYS A 137 -14.74 -36.63 -33.43
N ALA A 138 -15.65 -35.65 -33.57
CA ALA A 138 -15.43 -34.29 -33.09
C ALA A 138 -14.00 -33.81 -33.27
N GLU A 139 -13.43 -34.02 -34.46
CA GLU A 139 -12.01 -33.73 -34.66
C GLU A 139 -11.79 -32.26 -34.99
N ASN A 140 -12.48 -31.77 -36.03
CA ASN A 140 -12.28 -30.38 -36.44
C ASN A 140 -12.73 -29.39 -35.37
N LEU A 141 -13.83 -29.67 -34.68
CA LEU A 141 -14.27 -28.80 -33.60
C LEU A 141 -13.25 -28.75 -32.47
N LYS A 142 -12.73 -29.91 -32.09
CA LYS A 142 -11.73 -29.96 -31.03
C LYS A 142 -10.48 -29.20 -31.44
N LYS A 143 -10.05 -29.37 -32.69
CA LYS A 143 -8.88 -28.63 -33.16
C LYS A 143 -9.14 -27.14 -33.21
N THR A 144 -10.36 -26.74 -33.58
CA THR A 144 -10.70 -25.32 -33.57
C THR A 144 -10.59 -24.74 -32.17
N PHE A 145 -11.15 -25.44 -31.18
CA PHE A 145 -11.07 -24.89 -29.83
C PHE A 145 -9.66 -25.02 -29.27
N LYS A 146 -8.84 -25.92 -29.80
CA LYS A 146 -7.43 -25.93 -29.42
C LYS A 146 -6.73 -24.70 -29.96
N ALA A 147 -7.02 -24.34 -31.21
CA ALA A 147 -6.48 -23.11 -31.77
C ALA A 147 -6.89 -21.91 -30.94
N TYR A 148 -8.15 -21.87 -30.51
CA TYR A 148 -8.58 -20.82 -29.60
C TYR A 148 -7.83 -20.89 -28.27
N ARG A 149 -7.58 -22.11 -27.78
CA ARG A 149 -6.81 -22.28 -26.56
C ARG A 149 -5.37 -21.83 -26.76
N LEU A 150 -4.73 -22.30 -27.83
CA LEU A 150 -3.39 -21.84 -28.15
C LEU A 150 -3.40 -20.34 -28.41
N LEU A 151 -4.54 -19.80 -28.82
CA LEU A 151 -4.65 -18.37 -29.05
C LEU A 151 -4.44 -17.56 -27.79
N PHE A 152 -5.17 -17.89 -26.72
CA PHE A 152 -5.23 -17.03 -25.55
C PHE A 152 -4.41 -17.57 -24.37
N GLU A 153 -3.27 -18.21 -24.64
CA GLU A 153 -2.29 -18.38 -23.58
C GLU A 153 -1.66 -17.05 -23.20
N ASN A 154 -1.86 -16.02 -24.02
CA ASN A 154 -1.29 -14.70 -23.78
C ASN A 154 -2.12 -13.96 -22.72
N THR A 155 -1.84 -12.66 -22.60
CA THR A 155 -2.45 -11.87 -21.52
C THR A 155 -3.64 -11.07 -22.02
N ARG A 156 -3.58 -10.52 -23.24
CA ARG A 156 -4.57 -9.56 -23.67
C ARG A 156 -4.71 -9.55 -25.18
N SER A 157 -5.83 -8.97 -25.65
CA SER A 157 -6.12 -8.88 -27.07
C SER A 157 -7.08 -7.71 -27.31
N PHE A 158 -7.01 -7.15 -28.52
CA PHE A 158 -7.86 -6.04 -28.91
C PHE A 158 -9.33 -6.42 -28.85
N ARG A 159 -10.19 -5.40 -28.90
CA ARG A 159 -11.56 -5.60 -29.35
C ARG A 159 -12.01 -4.53 -30.34
N LYS A 160 -11.51 -3.30 -30.21
CA LYS A 160 -11.96 -2.22 -31.07
C LYS A 160 -11.11 -0.99 -30.80
N SER A 161 -11.33 0.05 -31.61
CA SER A 161 -10.63 1.31 -31.48
C SER A 161 -11.43 2.40 -32.18
N ARG A 162 -11.07 3.65 -31.88
CA ARG A 162 -11.72 4.82 -32.43
C ARG A 162 -10.70 5.92 -32.62
N VAL A 163 -10.78 6.60 -33.76
CA VAL A 163 -9.83 7.65 -34.11
C VAL A 163 -10.51 9.01 -33.95
N MET A 164 -9.82 9.92 -33.28
CA MET A 164 -10.34 11.26 -33.03
C MET A 164 -9.25 12.28 -33.34
N THR A 165 -9.63 13.34 -34.04
CA THR A 165 -8.68 14.38 -34.41
C THR A 165 -9.33 15.75 -34.21
N ASP A 166 -8.50 16.73 -33.86
CA ASP A 166 -8.96 18.08 -33.55
C ASP A 166 -7.99 19.06 -34.17
N MET A 167 -8.46 20.29 -34.40
CA MET A 167 -7.62 21.35 -34.91
C MET A 167 -7.90 22.60 -34.11
N ARG A 168 -6.87 23.43 -33.93
CA ARG A 168 -6.97 24.62 -33.10
C ARG A 168 -6.13 25.73 -33.72
N MET A 169 -6.64 26.97 -33.63
CA MET A 169 -6.00 28.11 -34.27
C MET A 169 -5.12 28.87 -33.30
N ILE A 170 -4.19 29.66 -33.85
CA ILE A 170 -3.21 30.38 -33.06
C ILE A 170 -3.65 31.84 -33.00
N PHE A 171 -3.58 32.42 -31.81
CA PHE A 171 -4.07 33.77 -31.59
C PHE A 171 -2.93 34.68 -31.14
N ASP A 172 -3.27 35.96 -30.97
CA ASP A 172 -2.31 36.96 -30.51
C ASP A 172 -2.66 37.44 -29.11
N ASP A 173 -1.65 37.96 -28.40
CA ASP A 173 -1.90 38.59 -27.12
C ASP A 173 -2.83 39.78 -27.24
N ASP A 174 -2.63 40.62 -28.25
CA ASP A 174 -3.56 41.69 -28.61
C ASP A 174 -4.10 41.37 -29.99
N PHE A 175 -5.43 41.38 -30.12
CA PHE A 175 -6.08 40.99 -31.37
C PHE A 175 -6.16 42.14 -32.36
N GLN A 176 -5.29 43.15 -32.20
CA GLN A 176 -5.06 44.09 -33.28
C GLN A 176 -4.56 43.38 -34.53
N LYS A 177 -3.96 42.19 -34.35
CA LYS A 177 -3.59 41.32 -35.46
C LYS A 177 -4.66 40.27 -35.65
N LYS A 178 -5.06 40.05 -36.90
CA LYS A 178 -6.03 39.02 -37.23
C LYS A 178 -5.38 37.65 -37.16
N ASN A 179 -6.16 36.63 -36.80
CA ASN A 179 -5.63 35.28 -36.66
C ASN A 179 -5.37 34.68 -38.04
N GLN A 180 -4.10 34.36 -38.30
CA GLN A 180 -3.70 33.81 -39.59
C GLN A 180 -3.26 32.35 -39.50
N THR A 181 -3.15 31.79 -38.30
CA THR A 181 -2.43 30.54 -38.12
C THR A 181 -3.17 29.59 -37.20
N GLY A 182 -2.93 28.29 -37.38
CA GLY A 182 -3.50 27.27 -36.53
C GLY A 182 -2.66 26.02 -36.48
N LEU A 183 -3.16 25.04 -35.72
CA LEU A 183 -2.48 23.78 -35.48
C LEU A 183 -3.48 22.63 -35.50
N ILE A 184 -3.08 21.53 -36.13
CA ILE A 184 -3.92 20.34 -36.26
C ILE A 184 -3.28 19.20 -35.49
N ILE A 185 -4.08 18.50 -34.68
CA ILE A 185 -3.61 17.39 -33.86
C ILE A 185 -4.51 16.20 -34.12
N HIS A 186 -4.01 15.01 -33.78
CA HIS A 186 -4.75 13.78 -33.98
C HIS A 186 -4.74 12.94 -32.71
N GLN A 187 -5.79 12.14 -32.54
CA GLN A 187 -5.95 11.29 -31.37
C GLN A 187 -6.45 9.92 -31.79
N LEU A 188 -5.95 8.89 -31.14
CA LEU A 188 -6.44 7.53 -31.31
C LEU A 188 -6.80 6.97 -29.95
N LYS A 189 -7.89 6.20 -29.91
CA LYS A 189 -8.30 5.49 -28.71
C LYS A 189 -8.69 4.07 -29.09
N LEU A 190 -8.32 3.12 -28.23
CA LEU A 190 -8.37 1.71 -28.56
C LEU A 190 -8.96 0.94 -27.40
N GLU A 191 -9.50 -0.25 -27.69
CA GLU A 191 -10.11 -1.10 -26.69
C GLU A 191 -9.56 -2.51 -26.83
N TYR A 192 -9.44 -3.20 -25.70
CA TYR A 192 -8.83 -4.52 -25.68
C TYR A 192 -9.24 -5.23 -24.41
N ILE A 193 -9.08 -6.56 -24.42
CA ILE A 193 -9.34 -7.40 -23.26
C ILE A 193 -8.01 -7.90 -22.74
N GLU A 194 -7.79 -7.79 -21.44
CA GLU A 194 -6.60 -8.34 -20.81
C GLU A 194 -7.02 -9.23 -19.65
N ASP A 195 -6.50 -10.46 -19.65
CA ASP A 195 -6.74 -11.42 -18.57
C ASP A 195 -8.23 -11.50 -18.26
N ASN A 196 -9.04 -11.61 -19.33
CA ASN A 196 -10.49 -11.68 -19.22
C ASN A 196 -11.10 -10.37 -18.74
N THR A 197 -10.36 -9.27 -18.86
CA THR A 197 -10.83 -7.96 -18.42
C THR A 197 -10.75 -6.97 -19.56
N SER A 198 -11.85 -6.27 -19.83
CA SER A 198 -11.88 -5.30 -20.92
C SER A 198 -11.10 -4.05 -20.54
N LYS A 199 -10.45 -3.45 -21.53
CA LYS A 199 -9.57 -2.32 -21.29
C LYS A 199 -9.56 -1.40 -22.52
N GLU A 200 -9.02 -0.21 -22.33
CA GLU A 200 -8.87 0.76 -23.40
C GLU A 200 -7.62 1.59 -23.14
N PHE A 201 -7.18 2.32 -24.17
CA PHE A 201 -5.93 3.06 -24.10
C PHE A 201 -6.00 4.23 -25.08
N PHE A 202 -5.48 5.37 -24.65
CA PHE A 202 -5.72 6.63 -25.33
C PHE A 202 -4.39 7.29 -25.68
N ILE A 203 -4.27 7.81 -26.90
CA ILE A 203 -3.04 8.44 -27.37
C ILE A 203 -3.36 9.52 -28.39
N SER A 204 -2.46 10.49 -28.52
CA SER A 204 -2.56 11.56 -29.51
C SER A 204 -1.41 11.46 -30.51
N LEU A 205 -1.70 11.76 -31.77
CA LEU A 205 -0.77 11.54 -32.87
C LEU A 205 -0.66 12.78 -33.75
N ASP A 206 0.28 12.71 -34.69
CA ASP A 206 0.42 13.66 -35.78
C ASP A 206 0.38 12.89 -37.10
N ASN A 207 0.03 13.61 -38.17
CA ASN A 207 -0.24 12.95 -39.45
C ASN A 207 0.97 12.18 -39.95
N ASP A 208 2.17 12.72 -39.75
CA ASP A 208 3.38 12.06 -40.25
C ASP A 208 3.55 10.68 -39.61
N ASP A 209 3.36 10.60 -38.29
CA ASP A 209 3.50 9.30 -37.62
C ASP A 209 2.40 8.35 -38.06
N VAL A 210 1.21 8.87 -38.32
CA VAL A 210 0.13 8.03 -38.82
C VAL A 210 0.53 7.43 -40.17
N LEU A 211 1.11 8.25 -41.04
CA LEU A 211 1.58 7.75 -42.33
C LEU A 211 2.67 6.72 -42.16
N LYS A 212 3.59 6.97 -41.25
CA LYS A 212 4.68 6.03 -41.00
C LYS A 212 4.14 4.70 -40.49
N LEU A 213 3.17 4.74 -39.58
CA LEU A 213 2.54 3.53 -39.09
C LEU A 213 1.81 2.80 -40.21
N SER A 214 1.14 3.56 -41.09
CA SER A 214 0.49 2.95 -42.24
C SER A 214 1.51 2.21 -43.09
N GLU A 215 2.67 2.82 -43.30
CA GLU A 215 3.72 2.14 -44.07
C GLU A 215 4.19 0.88 -43.38
N GLU A 216 4.41 0.95 -42.06
CA GLU A 216 4.82 -0.24 -41.32
C GLU A 216 3.81 -1.36 -41.45
N LEU A 217 2.53 -1.06 -41.20
CA LEU A 217 1.52 -2.10 -41.21
C LEU A 217 1.29 -2.62 -42.61
N LYS A 218 1.50 -1.79 -43.63
CA LYS A 218 1.39 -2.27 -45.00
C LYS A 218 2.53 -3.21 -45.33
N ARG A 219 3.74 -2.90 -44.86
CA ARG A 219 4.86 -3.80 -45.05
C ARG A 219 4.60 -5.14 -44.36
N SER A 220 4.07 -5.09 -43.14
CA SER A 220 3.74 -6.32 -42.43
C SER A 220 2.64 -7.09 -43.14
N LEU A 221 1.69 -6.37 -43.75
CA LEU A 221 0.63 -7.04 -44.51
C LEU A 221 1.21 -7.75 -45.72
N GLU A 222 2.15 -7.11 -46.41
CA GLU A 222 2.82 -7.79 -47.51
C GLU A 222 3.59 -9.02 -47.01
N LYS A 223 4.21 -8.90 -45.84
CA LYS A 223 4.84 -10.06 -45.23
C LYS A 223 3.83 -11.18 -45.01
N GLU A 224 2.66 -10.83 -44.49
CA GLU A 224 1.64 -11.83 -44.21
C GLU A 224 1.14 -12.48 -45.50
N GLU A 225 1.02 -11.70 -46.56
CA GLU A 225 0.62 -12.27 -47.85
C GLU A 225 1.69 -13.22 -48.38
N CYS A 226 2.96 -12.83 -48.27
CA CYS A 226 4.04 -13.72 -48.68
C CYS A 226 4.03 -14.99 -47.84
N ILE A 227 3.59 -14.89 -46.59
CA ILE A 227 3.51 -16.07 -45.73
C ILE A 227 2.34 -16.95 -46.14
N LYS A 228 1.19 -16.35 -46.45
CA LYS A 228 0.14 -17.08 -47.17
C LYS A 228 0.73 -17.87 -48.32
N ARG A 229 1.61 -17.23 -49.10
CA ARG A 229 2.11 -17.85 -50.33
C ARG A 229 3.17 -18.91 -50.06
N ASP A 230 3.94 -18.77 -48.99
CA ASP A 230 5.14 -19.58 -48.81
C ASP A 230 4.84 -21.06 -48.66
N PHE A 231 3.90 -21.42 -47.78
CA PHE A 231 3.58 -22.82 -47.53
C PHE A 231 2.29 -23.24 -48.23
N ASP A 232 2.37 -23.46 -49.53
CA ASP A 232 1.22 -24.01 -50.25
C ASP A 232 0.85 -25.40 -49.77
N GLN A 233 1.76 -26.11 -49.10
CA GLN A 233 1.50 -27.45 -48.62
C GLN A 233 0.64 -27.48 -47.35
N VAL A 234 0.48 -26.35 -46.68
CA VAL A 234 -0.25 -26.27 -45.41
C VAL A 234 -1.28 -25.17 -45.49
N GLN A 235 -2.35 -25.31 -44.70
CA GLN A 235 -3.39 -24.31 -44.62
C GLN A 235 -3.23 -23.49 -43.34
N PHE A 236 -3.60 -22.22 -43.41
CA PHE A 236 -3.56 -21.33 -42.26
C PHE A 236 -4.89 -20.60 -42.17
N ILE A 237 -5.45 -20.54 -40.97
CA ILE A 237 -6.85 -20.20 -40.77
C ILE A 237 -6.98 -18.95 -39.92
N ASN A 238 -8.08 -18.23 -40.13
CA ASN A 238 -8.52 -17.17 -39.24
C ASN A 238 -9.67 -17.70 -38.40
N ILE A 239 -9.56 -17.56 -37.08
CA ILE A 239 -10.52 -18.15 -36.16
C ILE A 239 -11.22 -17.04 -35.39
N LYS A 240 -12.54 -17.10 -35.35
CA LYS A 240 -13.34 -16.06 -34.71
C LYS A 240 -14.44 -16.67 -33.85
N MET B 21 16.27 33.84 -8.11
CA MET B 21 16.77 34.80 -9.14
C MET B 21 15.78 34.88 -10.30
N LYS B 22 16.11 35.67 -11.32
CA LYS B 22 15.19 35.87 -12.43
C LYS B 22 14.92 34.58 -13.19
N TYR B 23 15.96 33.80 -13.45
CA TYR B 23 15.82 32.60 -14.27
C TYR B 23 16.62 31.46 -13.66
N LYS B 24 16.11 30.24 -13.88
CA LYS B 24 16.84 29.02 -13.51
C LYS B 24 17.93 28.78 -14.57
N ILE B 25 19.00 29.56 -14.47
CA ILE B 25 20.00 29.62 -15.53
C ILE B 25 20.74 28.29 -15.62
N PRO B 26 20.73 27.62 -16.77
CA PRO B 26 21.63 26.48 -16.96
C PRO B 26 23.08 26.92 -16.87
N LYS B 27 23.92 26.06 -16.31
CA LYS B 27 25.34 26.40 -16.15
C LYS B 27 26.13 26.21 -17.45
N ASN B 28 25.51 25.65 -18.49
CA ASN B 28 26.18 25.52 -19.77
C ASN B 28 25.94 26.72 -20.67
N PHE B 29 24.85 27.46 -20.43
CA PHE B 29 24.54 28.63 -21.23
C PHE B 29 25.38 29.83 -20.84
N LEU B 30 26.19 29.71 -19.79
CA LEU B 30 26.96 30.85 -19.31
C LEU B 30 27.93 31.37 -20.38
N SER B 31 28.56 30.45 -21.12
CA SER B 31 29.42 30.89 -22.22
C SER B 31 28.62 31.62 -23.29
N GLY B 32 27.42 31.13 -23.61
CA GLY B 32 26.58 31.85 -24.55
C GLY B 32 26.22 33.23 -24.05
N PHE B 33 25.91 33.35 -22.76
CA PHE B 33 25.62 34.66 -22.19
C PHE B 33 26.83 35.58 -22.28
N GLN B 34 28.03 35.07 -22.02
CA GLN B 34 29.22 35.88 -22.16
C GLN B 34 29.40 36.36 -23.60
N ILE B 35 29.21 35.45 -24.56
CA ILE B 35 29.34 35.81 -25.96
C ILE B 35 28.35 36.90 -26.32
N LEU B 36 27.10 36.74 -25.89
CA LEU B 36 26.08 37.74 -26.18
C LEU B 36 26.40 39.08 -25.53
N SER B 37 26.91 39.07 -24.30
CA SER B 37 27.30 40.32 -23.64
C SER B 37 28.42 41.01 -24.39
N GLN B 38 29.40 40.26 -24.88
CA GLN B 38 30.51 40.86 -25.61
C GLN B 38 30.25 40.95 -27.11
N LEU B 39 29.09 40.51 -27.58
CA LEU B 39 28.84 40.45 -29.01
C LEU B 39 28.76 41.85 -29.62
N ASP B 40 29.09 41.94 -30.90
CA ASP B 40 29.09 43.21 -31.61
C ASP B 40 27.67 43.71 -31.82
N LYS B 41 27.52 45.03 -31.89
CA LYS B 41 26.21 45.63 -32.16
C LYS B 41 25.68 45.26 -33.54
N LYS B 42 26.55 45.24 -34.55
CA LYS B 42 26.12 44.84 -35.89
C LYS B 42 25.59 43.42 -35.89
N GLU B 43 26.29 42.51 -35.23
CA GLU B 43 25.87 41.10 -35.21
C GLU B 43 24.52 40.92 -34.55
N ILE B 44 24.30 41.55 -33.39
CA ILE B 44 23.03 41.40 -32.70
C ILE B 44 21.89 41.98 -33.52
N GLU B 45 22.09 43.15 -34.13
CA GLU B 45 21.04 43.73 -34.95
C GLU B 45 20.72 42.85 -36.15
N GLU B 46 21.74 42.32 -36.83
CA GLU B 46 21.50 41.44 -37.96
C GLU B 46 20.77 40.16 -37.54
N LEU B 47 21.16 39.60 -36.39
CA LEU B 47 20.48 38.41 -35.89
C LEU B 47 19.04 38.70 -35.54
N ALA B 48 18.77 39.87 -34.96
CA ALA B 48 17.39 40.26 -34.68
C ALA B 48 16.59 40.37 -35.96
N LYS B 49 17.16 40.96 -37.00
CA LYS B 49 16.49 41.03 -38.29
C LYS B 49 16.17 39.63 -38.81
N LEU B 50 17.17 38.74 -38.79
CA LEU B 50 16.97 37.40 -39.32
C LEU B 50 15.90 36.66 -38.53
N LEU B 51 15.92 36.81 -37.21
CA LEU B 51 14.90 36.18 -36.37
C LEU B 51 13.51 36.73 -36.67
N GLY B 52 13.40 38.04 -36.89
CA GLY B 52 12.14 38.61 -37.31
C GLY B 52 11.70 38.13 -38.68
N GLU B 53 12.63 37.66 -39.50
CA GLU B 53 12.30 37.00 -40.76
C GLU B 53 12.10 35.50 -40.62
N LEU B 54 12.29 34.93 -39.43
CA LEU B 54 12.18 33.48 -39.26
C LEU B 54 10.73 33.04 -39.40
N PRO B 55 10.44 32.03 -40.21
CA PRO B 55 9.07 31.49 -40.24
C PRO B 55 8.78 30.65 -39.02
N VAL B 56 7.49 30.52 -38.70
CA VAL B 56 7.08 29.73 -37.54
C VAL B 56 7.39 28.26 -37.80
N GLY B 57 7.77 27.55 -36.73
CA GLY B 57 8.01 26.13 -36.80
C GLY B 57 9.43 25.71 -37.12
N SER B 58 10.32 26.66 -37.42
CA SER B 58 11.70 26.32 -37.72
C SER B 58 12.35 25.71 -36.49
N ASN B 59 13.12 24.64 -36.69
CA ASN B 59 13.74 23.92 -35.59
C ASN B 59 15.17 24.40 -35.38
N VAL B 60 15.76 23.95 -34.27
CA VAL B 60 17.09 24.44 -33.88
C VAL B 60 18.14 24.05 -34.92
N GLN B 61 18.07 22.81 -35.42
CA GLN B 61 19.08 22.35 -36.36
C GLN B 61 19.09 23.21 -37.63
N GLU B 62 17.91 23.49 -38.18
CA GLU B 62 17.85 24.31 -39.39
C GLU B 62 18.36 25.72 -39.12
N PHE B 63 17.98 26.29 -37.98
CA PHE B 63 18.43 27.63 -37.63
C PHE B 63 19.95 27.69 -37.52
N GLN B 64 20.55 26.70 -36.85
CA GLN B 64 22.00 26.67 -36.69
C GLN B 64 22.70 26.45 -38.02
N SER B 65 22.14 25.57 -38.87
CA SER B 65 22.73 25.37 -40.19
C SER B 65 22.68 26.64 -41.02
N ALA B 66 21.56 27.35 -40.98
CA ALA B 66 21.46 28.62 -41.71
C ALA B 66 22.46 29.63 -41.16
N ILE B 67 22.63 29.67 -39.84
CA ILE B 67 23.63 30.56 -39.26
C ILE B 67 25.02 30.20 -39.77
N GLN B 68 25.34 28.91 -39.82
CA GLN B 68 26.65 28.47 -40.30
C GLN B 68 26.85 28.89 -41.76
N THR B 69 25.84 28.70 -42.60
CA THR B 69 25.97 29.03 -44.01
C THR B 69 25.97 30.53 -44.26
N ASN B 70 25.59 31.34 -43.28
CA ASN B 70 25.62 32.79 -43.43
C ASN B 70 27.04 33.28 -43.16
N LYS B 71 27.66 33.86 -44.19
CA LYS B 71 29.07 34.24 -44.10
C LYS B 71 29.29 35.43 -43.17
N GLU B 72 28.35 36.37 -43.09
CA GLU B 72 28.55 37.54 -42.25
C GLU B 72 28.53 37.22 -40.76
N LEU B 73 28.13 36.02 -40.39
CA LEU B 73 28.00 35.64 -38.99
C LEU B 73 29.28 34.94 -38.53
N SER B 74 29.83 35.42 -37.42
CA SER B 74 30.97 34.76 -36.80
C SER B 74 30.52 33.52 -36.05
N GLU B 75 31.50 32.72 -35.61
CA GLU B 75 31.18 31.53 -34.82
C GLU B 75 30.51 31.88 -33.50
N ASN B 76 30.59 33.14 -33.06
CA ASN B 76 29.92 33.53 -31.83
C ASN B 76 28.42 33.25 -31.91
N ALA B 77 27.79 33.61 -33.03
CA ALA B 77 26.36 33.40 -33.17
C ALA B 77 26.00 31.93 -33.11
N LEU B 78 26.74 31.08 -33.84
CA LEU B 78 26.45 29.65 -33.83
C LEU B 78 26.65 29.07 -32.44
N LYS B 79 27.73 29.45 -31.76
CA LYS B 79 27.97 28.99 -30.41
C LYS B 79 26.92 29.49 -29.43
N SER B 80 26.26 30.61 -29.74
CA SER B 80 25.14 31.11 -28.94
C SER B 80 23.80 30.83 -29.61
N ALA B 81 23.78 30.15 -30.77
CA ALA B 81 22.53 29.88 -31.45
C ALA B 81 21.61 29.01 -30.61
N ASP B 82 22.17 28.00 -29.94
CA ASP B 82 21.35 27.14 -29.09
C ASP B 82 20.69 27.94 -27.99
N THR B 83 21.44 28.86 -27.36
CA THR B 83 20.85 29.74 -26.36
C THR B 83 19.76 30.61 -26.98
N ILE B 84 20.00 31.12 -28.20
CA ILE B 84 18.99 31.91 -28.89
C ILE B 84 17.73 31.09 -29.11
N PHE B 85 17.89 29.85 -29.57
CA PHE B 85 16.75 28.97 -29.77
C PHE B 85 16.09 28.61 -28.44
N SER B 86 16.88 28.56 -27.36
CA SER B 86 16.32 28.24 -26.05
C SER B 86 15.46 29.38 -25.51
N LEU B 87 15.53 30.56 -26.12
CA LEU B 87 14.76 31.70 -25.63
C LEU B 87 13.27 31.47 -25.75
N GLY B 88 12.83 30.72 -26.76
CA GLY B 88 11.41 30.49 -26.96
C GLY B 88 10.76 29.82 -25.77
N GLY B 89 11.48 28.93 -25.08
CA GLY B 89 10.96 28.29 -23.90
C GLY B 89 10.87 29.20 -22.69
N LEU B 90 11.65 30.28 -22.70
CA LEU B 90 11.57 31.28 -21.64
C LEU B 90 10.94 32.58 -22.12
N LEU B 91 10.83 32.78 -23.44
CA LEU B 91 10.10 33.93 -23.97
C LEU B 91 8.63 33.88 -23.59
N LEU B 92 8.07 32.68 -23.42
CA LEU B 92 6.71 32.52 -22.95
C LEU B 92 6.62 32.23 -21.46
N GLU B 93 7.67 31.69 -20.86
CA GLU B 93 7.74 31.63 -19.41
C GLU B 93 7.64 33.02 -18.80
N ILE B 94 8.14 34.03 -19.52
CA ILE B 94 7.84 35.42 -19.18
C ILE B 94 6.49 35.79 -19.79
N LYS B 95 5.96 36.93 -19.36
CA LYS B 95 4.62 37.34 -19.79
C LYS B 95 4.58 38.84 -20.08
N ALA B 96 3.61 39.24 -20.91
CA ALA B 96 3.48 40.63 -21.32
C ALA B 96 3.28 41.57 -20.14
N ASP B 97 2.81 41.06 -19.00
CA ASP B 97 2.58 41.89 -17.83
C ASP B 97 3.87 42.49 -17.29
N ASP B 98 5.02 41.97 -17.69
CA ASP B 98 6.30 42.48 -17.22
C ASP B 98 6.98 43.28 -18.32
N SER B 99 7.82 44.23 -17.91
CA SER B 99 8.54 45.07 -18.86
C SER B 99 9.79 44.35 -19.35
N LEU B 100 9.89 44.22 -20.68
CA LEU B 100 11.04 43.51 -21.26
C LEU B 100 12.35 44.15 -20.84
N ASN B 101 12.36 45.47 -20.66
CA ASN B 101 13.57 46.14 -20.20
C ASN B 101 13.98 45.65 -18.82
N GLN B 102 13.02 45.62 -17.89
CA GLN B 102 13.32 45.13 -16.55
C GLN B 102 13.64 43.65 -16.56
N VAL B 103 13.02 42.89 -17.46
CA VAL B 103 13.37 41.47 -17.60
C VAL B 103 14.82 41.33 -18.01
N ALA B 104 15.25 42.13 -18.98
CA ALA B 104 16.65 42.09 -19.41
C ALA B 104 17.59 42.47 -18.28
N GLU B 105 17.24 43.52 -17.52
CA GLU B 105 18.09 43.94 -16.41
C GLU B 105 18.20 42.84 -15.36
N ASP B 106 17.06 42.27 -14.97
CA ASP B 106 17.06 41.24 -13.93
C ASP B 106 17.80 39.99 -14.39
N LEU B 107 17.64 39.60 -15.65
CA LEU B 107 18.36 38.43 -16.15
C LEU B 107 19.85 38.70 -16.31
N THR B 108 20.24 39.93 -16.63
CA THR B 108 21.65 40.29 -16.61
C THR B 108 22.21 40.17 -15.21
N ASN B 109 21.44 40.62 -14.21
CA ASN B 109 21.86 40.44 -12.82
C ASN B 109 21.99 38.96 -12.48
N ALA B 110 21.02 38.15 -12.91
CA ALA B 110 21.04 36.72 -12.62
C ALA B 110 22.27 36.07 -13.24
N TYR B 111 22.60 36.43 -14.48
CA TYR B 111 23.78 35.88 -15.13
C TYR B 111 25.06 36.34 -14.45
N ALA B 112 25.13 37.61 -14.06
CA ALA B 112 26.31 38.11 -13.38
C ALA B 112 26.47 37.50 -11.99
N LYS B 113 25.39 36.97 -11.41
CA LYS B 113 25.45 36.38 -10.09
C LYS B 113 25.78 34.89 -10.16
N GLU B 114 25.12 34.17 -11.07
CA GLU B 114 25.28 32.73 -11.20
C GLU B 114 26.16 32.33 -12.39
N GLY B 115 26.52 33.27 -13.25
CA GLY B 115 27.20 32.96 -14.49
C GLY B 115 28.71 33.08 -14.39
N GLU B 116 29.34 33.28 -15.55
CA GLU B 116 30.79 33.27 -15.64
C GLU B 116 31.42 34.43 -14.88
N GLU B 117 30.94 35.65 -15.09
CA GLU B 117 31.64 36.84 -14.62
C GLU B 117 30.68 37.77 -13.92
N GLU B 118 31.20 38.48 -12.92
CA GLU B 118 30.51 39.65 -12.37
C GLU B 118 30.74 40.81 -13.33
N ILE B 119 29.83 40.94 -14.30
CA ILE B 119 30.07 41.80 -15.46
C ILE B 119 30.33 43.22 -15.01
N GLY B 120 31.31 43.87 -15.65
CA GLY B 120 31.52 45.28 -15.43
C GLY B 120 30.36 46.10 -15.95
N THR B 121 30.23 47.32 -15.42
CA THR B 121 29.05 48.12 -15.71
C THR B 121 28.88 48.35 -17.21
N GLU B 122 29.97 48.63 -17.93
CA GLU B 122 29.85 48.87 -19.37
C GLU B 122 29.35 47.63 -20.10
N GLN B 123 29.92 46.46 -19.81
CA GLN B 123 29.48 45.24 -20.47
C GLN B 123 28.14 44.78 -19.92
N ARG B 124 27.83 45.12 -18.67
CA ARG B 124 26.50 44.86 -18.13
C ARG B 124 25.44 45.60 -18.96
N GLU B 125 25.68 46.89 -19.20
CA GLU B 125 24.74 47.68 -19.99
C GLU B 125 24.70 47.17 -21.43
N GLN B 126 25.85 46.77 -21.98
CA GLN B 126 25.87 46.22 -23.32
C GLN B 126 25.02 44.96 -23.39
N LEU B 127 25.14 44.07 -22.41
CA LEU B 127 24.35 42.86 -22.38
C LEU B 127 22.87 43.17 -22.27
N ILE B 128 22.50 44.12 -21.40
CA ILE B 128 21.10 44.46 -21.24
C ILE B 128 20.54 45.03 -22.55
N HIS B 129 21.29 45.90 -23.20
CA HIS B 129 20.85 46.49 -24.46
C HIS B 129 20.70 45.42 -25.53
N ASN B 130 21.65 44.47 -25.58
CA ASN B 130 21.57 43.39 -26.56
C ASN B 130 20.35 42.50 -26.29
N LEU B 131 20.08 42.22 -25.01
CA LEU B 131 18.89 41.47 -24.66
C LEU B 131 17.64 42.18 -25.14
N LEU B 132 17.55 43.48 -24.88
CA LEU B 132 16.39 44.24 -25.33
C LEU B 132 16.25 44.20 -26.84
N ILE B 133 17.37 44.31 -27.56
CA ILE B 133 17.32 44.28 -29.02
C ILE B 133 16.83 42.94 -29.51
N VAL B 134 17.39 41.85 -28.97
CA VAL B 134 17.10 40.52 -29.51
C VAL B 134 15.84 39.92 -28.89
N LEU B 135 15.65 40.08 -27.57
CA LEU B 135 14.44 39.56 -26.96
C LEU B 135 13.20 40.23 -27.53
N GLN B 136 13.34 41.48 -27.98
CA GLN B 136 12.26 42.11 -28.73
C GLN B 136 12.06 41.39 -30.07
N LYS B 137 11.07 41.83 -30.85
CA LYS B 137 10.71 41.13 -32.07
C LYS B 137 10.35 39.67 -31.76
N ALA B 138 11.22 38.71 -32.10
CA ALA B 138 11.07 37.31 -31.72
C ALA B 138 9.61 36.85 -31.74
N GLU B 139 8.89 37.16 -32.82
CA GLU B 139 7.46 36.87 -32.86
C GLU B 139 7.19 35.44 -33.28
N ASN B 140 7.72 35.03 -34.44
CA ASN B 140 7.47 33.70 -34.94
C ASN B 140 8.05 32.63 -34.04
N LEU B 141 9.24 32.85 -33.48
CA LEU B 141 9.82 31.87 -32.54
C LEU B 141 8.96 31.73 -31.30
N LYS B 142 8.50 32.86 -30.75
CA LYS B 142 7.65 32.81 -29.56
C LYS B 142 6.35 32.08 -29.86
N LYS B 143 5.75 32.34 -31.03
CA LYS B 143 4.53 31.64 -31.39
C LYS B 143 4.78 30.16 -31.60
N THR B 144 5.93 29.80 -32.16
CA THR B 144 6.27 28.40 -32.34
C THR B 144 6.35 27.69 -30.99
N PHE B 145 7.03 28.30 -30.02
CA PHE B 145 7.13 27.65 -28.72
C PHE B 145 5.82 27.70 -27.97
N LYS B 146 4.94 28.65 -28.30
CA LYS B 146 3.59 28.61 -27.74
C LYS B 146 2.82 27.43 -28.29
N ALA B 147 2.94 27.18 -29.59
CA ALA B 147 2.31 26.00 -30.18
C ALA B 147 2.83 24.74 -29.51
N TYR B 148 4.14 24.68 -29.26
CA TYR B 148 4.68 23.55 -28.52
C TYR B 148 4.12 23.50 -27.10
N ARG B 149 3.94 24.67 -26.48
CA ARG B 149 3.34 24.72 -25.15
C ARG B 149 1.89 24.29 -25.19
N LEU B 150 1.12 24.85 -26.12
CA LEU B 150 -0.25 24.41 -26.30
C LEU B 150 -0.30 22.94 -26.68
N LEU B 151 0.78 22.43 -27.28
CA LEU B 151 0.84 21.03 -27.66
C LEU B 151 0.81 20.12 -26.45
N PHE B 152 1.68 20.36 -25.47
CA PHE B 152 1.89 19.40 -24.39
C PHE B 152 1.25 19.83 -23.08
N GLU B 153 0.08 20.48 -23.14
CA GLU B 153 -0.75 20.56 -21.94
C GLU B 153 -1.32 19.19 -21.59
N ASN B 154 -1.24 18.24 -22.51
CA ASN B 154 -1.77 16.90 -22.31
C ASN B 154 -0.82 16.07 -21.45
N THR B 155 -1.08 14.77 -21.40
CA THR B 155 -0.34 13.90 -20.49
C THR B 155 0.78 13.15 -21.22
N ARG B 156 0.54 12.71 -22.45
CA ARG B 156 1.47 11.79 -23.10
C ARG B 156 1.39 11.91 -24.61
N SER B 157 2.43 11.40 -25.28
CA SER B 157 2.53 11.41 -26.72
C SER B 157 3.43 10.28 -27.19
N PHE B 158 3.21 9.84 -28.43
CA PHE B 158 3.99 8.76 -29.02
C PHE B 158 5.45 9.14 -29.14
N ARG B 159 6.29 8.13 -29.38
CA ARG B 159 7.59 8.38 -30.00
C ARG B 159 7.90 7.41 -31.13
N LYS B 160 7.41 6.18 -31.04
CA LYS B 160 7.73 5.17 -32.06
C LYS B 160 6.93 3.91 -31.77
N SER B 161 7.02 2.96 -32.69
CA SER B 161 6.34 1.69 -32.58
C SER B 161 7.03 0.67 -33.47
N ARG B 162 6.71 -0.60 -33.23
CA ARG B 162 7.28 -1.72 -33.97
C ARG B 162 6.23 -2.81 -34.11
N VAL B 163 6.15 -3.39 -35.31
CA VAL B 163 5.16 -4.42 -35.61
C VAL B 163 5.84 -5.77 -35.68
N MET B 164 5.25 -6.74 -35.00
CA MET B 164 5.79 -8.10 -34.93
C MET B 164 4.67 -9.09 -35.18
N THR B 165 4.94 -10.08 -36.03
CA THR B 165 3.94 -11.10 -36.34
C THR B 165 4.60 -12.47 -36.36
N ASP B 166 3.83 -13.48 -35.98
CA ASP B 166 4.32 -14.85 -35.86
C ASP B 166 3.26 -15.79 -36.42
N MET B 167 3.70 -16.98 -36.82
CA MET B 167 2.79 -18.00 -37.31
C MET B 167 3.17 -19.32 -36.66
N ARG B 168 2.16 -20.17 -36.42
CA ARG B 168 2.37 -21.43 -35.71
C ARG B 168 1.46 -22.49 -36.31
N MET B 169 1.97 -23.72 -36.40
CA MET B 169 1.24 -24.80 -37.05
C MET B 169 0.49 -25.66 -36.02
N ILE B 170 -0.51 -26.39 -36.51
CA ILE B 170 -1.38 -27.19 -35.66
C ILE B 170 -0.94 -28.64 -35.79
N PHE B 171 -0.85 -29.33 -34.65
CA PHE B 171 -0.35 -30.69 -34.62
C PHE B 171 -1.41 -31.65 -34.11
N ASP B 172 -1.06 -32.93 -34.09
CA ASP B 172 -1.96 -33.97 -33.60
C ASP B 172 -1.42 -34.57 -32.31
N ASP B 173 -2.32 -35.16 -31.52
CA ASP B 173 -1.90 -35.89 -30.33
C ASP B 173 -1.00 -37.06 -30.69
N ASP B 174 -1.35 -37.81 -31.74
CA ASP B 174 -0.48 -38.84 -32.31
C ASP B 174 -0.13 -38.39 -33.72
N PHE B 175 1.17 -38.39 -34.02
CA PHE B 175 1.64 -37.88 -35.31
C PHE B 175 1.58 -38.95 -36.39
N GLN B 176 0.74 -39.97 -36.21
CA GLN B 176 0.37 -40.82 -37.33
C GLN B 176 -0.31 -40.00 -38.42
N LYS B 177 -0.87 -38.84 -38.07
CA LYS B 177 -1.38 -37.89 -39.04
C LYS B 177 -0.33 -36.80 -39.28
N LYS B 178 -0.12 -36.48 -40.56
CA LYS B 178 0.82 -35.41 -40.91
C LYS B 178 0.18 -34.05 -40.64
N ASN B 179 1.01 -33.08 -40.30
CA ASN B 179 0.51 -31.74 -39.97
C ASN B 179 0.06 -31.03 -41.24
N GLN B 180 -1.23 -30.69 -41.30
CA GLN B 180 -1.79 -30.04 -42.47
C GLN B 180 -2.21 -28.60 -42.20
N THR B 181 -2.15 -28.14 -40.95
CA THR B 181 -2.84 -26.92 -40.56
C THR B 181 -1.97 -26.04 -39.68
N GLY B 182 -2.23 -24.73 -39.71
CA GLY B 182 -1.54 -23.79 -38.86
C GLY B 182 -2.36 -22.55 -38.58
N LEU B 183 -1.75 -21.63 -37.81
CA LEU B 183 -2.39 -20.41 -37.37
C LEU B 183 -1.40 -19.26 -37.43
N ILE B 184 -1.87 -18.09 -37.89
CA ILE B 184 -1.06 -16.90 -38.04
C ILE B 184 -1.58 -15.84 -37.09
N ILE B 185 -0.67 -15.21 -36.35
CA ILE B 185 -1.03 -14.18 -35.38
C ILE B 185 -0.16 -12.96 -35.65
N HIS B 186 -0.59 -11.81 -35.14
CA HIS B 186 0.12 -10.56 -35.34
C HIS B 186 0.28 -9.83 -34.01
N GLN B 187 1.35 -9.05 -33.91
CA GLN B 187 1.67 -8.30 -32.70
C GLN B 187 2.12 -6.90 -33.07
N LEU B 188 1.70 -5.93 -32.27
CA LEU B 188 2.20 -4.56 -32.37
C LEU B 188 2.73 -4.10 -31.04
N LYS B 189 3.82 -3.34 -31.07
CA LYS B 189 4.40 -2.74 -29.90
C LYS B 189 4.73 -1.29 -30.20
N LEU B 190 4.48 -0.42 -29.23
CA LEU B 190 4.49 1.02 -29.43
C LEU B 190 5.24 1.69 -28.29
N GLU B 191 5.74 2.89 -28.55
CA GLU B 191 6.48 3.66 -27.57
C GLU B 191 5.94 5.07 -27.51
N TYR B 192 5.97 5.66 -26.33
CA TYR B 192 5.38 6.97 -26.11
C TYR B 192 5.96 7.58 -24.84
N ILE B 193 5.80 8.89 -24.72
CA ILE B 193 6.23 9.63 -23.54
C ILE B 193 4.97 10.08 -22.80
N GLU B 194 4.94 9.86 -21.50
CA GLU B 194 3.85 10.34 -20.65
C GLU B 194 4.43 11.14 -19.50
N ASP B 195 3.92 12.35 -19.32
CA ASP B 195 4.31 13.21 -18.21
C ASP B 195 5.83 13.28 -18.09
N ASN B 196 6.49 13.49 -19.24
CA ASN B 196 7.93 13.55 -19.33
C ASN B 196 8.60 12.22 -19.05
N THR B 197 7.85 11.12 -19.17
CA THR B 197 8.37 9.78 -18.90
C THR B 197 8.12 8.89 -20.12
N SER B 198 9.17 8.24 -20.59
CA SER B 198 9.05 7.36 -21.75
C SER B 198 8.33 6.08 -21.38
N LYS B 199 7.54 5.56 -22.33
CA LYS B 199 6.70 4.40 -22.07
C LYS B 199 6.52 3.60 -23.35
N GLU B 200 6.00 2.39 -23.19
CA GLU B 200 5.69 1.51 -24.31
C GLU B 200 4.48 0.66 -23.97
N PHE B 201 3.93 0.02 -24.99
CA PHE B 201 2.69 -0.73 -24.82
C PHE B 201 2.61 -1.81 -25.89
N PHE B 202 2.14 -2.99 -25.50
CA PHE B 202 2.29 -4.19 -26.31
C PHE B 202 0.92 -4.83 -26.53
N ILE B 203 0.63 -5.24 -27.77
CA ILE B 203 -0.66 -5.83 -28.11
C ILE B 203 -0.47 -6.82 -29.25
N SER B 204 -1.39 -7.78 -29.34
CA SER B 204 -1.45 -8.75 -30.43
C SER B 204 -2.71 -8.57 -31.25
N LEU B 205 -2.60 -8.77 -32.57
CA LEU B 205 -3.67 -8.45 -33.51
C LEU B 205 -3.90 -9.61 -34.47
N ASP B 206 -4.96 -9.47 -35.25
CA ASP B 206 -5.26 -10.31 -36.40
C ASP B 206 -5.39 -9.44 -37.64
N ASN B 207 -5.20 -10.06 -38.80
CA ASN B 207 -5.10 -9.29 -40.04
C ASN B 207 -6.36 -8.48 -40.30
N ASP B 208 -7.53 -9.05 -39.99
CA ASP B 208 -8.78 -8.36 -40.26
C ASP B 208 -8.87 -7.05 -39.49
N ASP B 209 -8.50 -7.07 -38.20
CA ASP B 209 -8.54 -5.84 -37.42
C ASP B 209 -7.50 -4.85 -37.91
N VAL B 210 -6.36 -5.34 -38.38
CA VAL B 210 -5.35 -4.44 -38.95
C VAL B 210 -5.93 -3.74 -40.17
N LEU B 211 -6.62 -4.48 -41.03
CA LEU B 211 -7.25 -3.88 -42.19
C LEU B 211 -8.32 -2.86 -41.78
N LYS B 212 -9.11 -3.21 -40.77
CA LYS B 212 -10.14 -2.29 -40.30
C LYS B 212 -9.53 -1.01 -39.76
N LEU B 213 -8.45 -1.13 -39.01
CA LEU B 213 -7.75 0.05 -38.50
C LEU B 213 -7.17 0.87 -39.64
N SER B 214 -6.64 0.20 -40.65
CA SER B 214 -6.15 0.90 -41.83
C SER B 214 -7.27 1.72 -42.46
N GLU B 215 -8.46 1.12 -42.57
CA GLU B 215 -9.59 1.85 -43.12
C GLU B 215 -9.95 3.06 -42.27
N GLU B 216 -9.99 2.87 -40.94
CA GLU B 216 -10.30 3.97 -40.05
C GLU B 216 -9.30 5.11 -40.22
N LEU B 217 -8.01 4.79 -40.17
CA LEU B 217 -7.00 5.84 -40.23
C LEU B 217 -6.96 6.49 -41.61
N LYS B 218 -7.30 5.74 -42.65
CA LYS B 218 -7.39 6.34 -43.98
C LYS B 218 -8.55 7.31 -44.06
N ARG B 219 -9.69 6.94 -43.46
CA ARG B 219 -10.83 7.85 -43.41
C ARG B 219 -10.46 9.12 -42.66
N SER B 220 -9.77 8.97 -41.53
CA SER B 220 -9.35 10.14 -40.77
C SER B 220 -8.35 10.97 -41.56
N LEU B 221 -7.49 10.33 -42.34
CA LEU B 221 -6.55 11.06 -43.18
C LEU B 221 -7.29 11.87 -44.24
N GLU B 222 -8.31 11.29 -44.85
CA GLU B 222 -9.13 12.06 -45.78
C GLU B 222 -9.80 13.22 -45.07
N LYS B 223 -10.26 13.01 -43.85
CA LYS B 223 -10.80 14.11 -43.06
C LYS B 223 -9.76 15.21 -42.88
N GLU B 224 -8.53 14.82 -42.55
CA GLU B 224 -7.47 15.80 -42.33
C GLU B 224 -7.17 16.56 -43.61
N GLU B 225 -7.19 15.88 -44.74
CA GLU B 225 -6.97 16.56 -46.03
C GLU B 225 -8.09 17.54 -46.31
N CYS B 226 -9.34 17.13 -46.07
CA CYS B 226 -10.45 18.05 -46.25
C CYS B 226 -10.32 19.24 -45.31
N ILE B 227 -9.71 19.03 -44.15
CA ILE B 227 -9.51 20.13 -43.20
C ILE B 227 -8.41 21.06 -43.69
N LYS B 228 -7.32 20.50 -44.21
CA LYS B 228 -6.37 21.30 -44.99
C LYS B 228 -7.10 22.18 -45.99
N ARG B 229 -8.08 21.60 -46.70
CA ARG B 229 -8.74 22.32 -47.78
C ARG B 229 -9.75 23.35 -47.28
N ASP B 230 -10.37 23.11 -46.13
CA ASP B 230 -11.53 23.89 -45.71
C ASP B 230 -11.20 25.35 -45.49
N PHE B 231 -10.15 25.65 -44.72
CA PHE B 231 -9.80 27.02 -44.38
C PHE B 231 -8.61 27.50 -45.21
N ASP B 232 -8.86 27.85 -46.47
CA ASP B 232 -7.82 28.46 -47.29
C ASP B 232 -7.37 29.81 -46.74
N GLN B 233 -8.19 30.44 -45.89
CA GLN B 233 -7.85 31.74 -45.34
C GLN B 233 -6.83 31.66 -44.21
N VAL B 234 -6.58 30.48 -43.66
CA VAL B 234 -5.70 30.31 -42.50
C VAL B 234 -4.69 29.22 -42.83
N GLN B 235 -3.53 29.30 -42.18
CA GLN B 235 -2.48 28.30 -42.34
C GLN B 235 -2.47 27.38 -41.12
N PHE B 236 -2.11 26.12 -41.35
CA PHE B 236 -2.01 25.13 -40.28
C PHE B 236 -0.68 24.40 -40.44
N ILE B 237 0.03 24.24 -39.33
CA ILE B 237 1.45 23.89 -39.37
C ILE B 237 1.68 22.58 -38.65
N ASN B 238 2.74 21.88 -39.07
CA ASN B 238 3.29 20.75 -38.33
C ASN B 238 4.55 21.22 -37.63
N ILE B 239 4.62 20.96 -36.32
CA ILE B 239 5.70 21.48 -35.49
C ILE B 239 6.48 20.31 -34.92
N LYS B 240 7.80 20.37 -35.06
CA LYS B 240 8.67 19.28 -34.63
C LYS B 240 9.89 19.82 -33.88
N MET C 21 21.63 23.51 21.81
CA MET C 21 22.04 24.90 22.17
C MET C 21 20.80 25.80 22.22
N LYS C 22 21.00 27.09 22.51
CA LYS C 22 19.88 28.00 22.65
C LYS C 22 19.08 28.14 21.36
N TYR C 23 19.76 28.27 20.22
CA TYR C 23 19.08 28.52 18.96
C TYR C 23 19.71 27.67 17.86
N LYS C 24 18.88 27.30 16.89
CA LYS C 24 19.35 26.65 15.67
C LYS C 24 19.97 27.70 14.75
N ILE C 25 21.18 28.11 15.11
CA ILE C 25 21.81 29.28 14.49
C ILE C 25 22.12 28.98 13.03
N PRO C 26 21.61 29.77 12.08
CA PRO C 26 22.10 29.66 10.71
C PRO C 26 23.57 30.03 10.63
N LYS C 27 24.30 29.34 9.75
CA LYS C 27 25.73 29.59 9.62
C LYS C 27 26.03 30.83 8.78
N ASN C 28 25.00 31.44 8.17
CA ASN C 28 25.22 32.67 7.43
C ASN C 28 25.03 33.90 8.31
N PHE C 29 24.28 33.77 9.40
CA PHE C 29 24.05 34.89 10.31
C PHE C 29 25.25 35.15 11.21
N LEU C 30 26.28 34.31 11.14
CA LEU C 30 27.42 34.45 12.03
C LEU C 30 28.11 35.80 11.84
N SER C 31 28.26 36.23 10.58
CA SER C 31 28.83 37.56 10.33
C SER C 31 27.97 38.66 10.92
N GLY C 32 26.65 38.54 10.80
CA GLY C 32 25.76 39.51 11.44
C GLY C 32 25.93 39.53 12.94
N PHE C 33 26.07 38.35 13.55
CA PHE C 33 26.29 38.27 14.98
C PHE C 33 27.61 38.94 15.37
N GLN C 34 28.66 38.73 14.58
CA GLN C 34 29.94 39.39 14.85
C GLN C 34 29.78 40.90 14.76
N ILE C 35 29.11 41.38 13.72
CA ILE C 35 28.91 42.81 13.57
C ILE C 35 28.15 43.38 14.76
N LEU C 36 27.09 42.70 15.19
CA LEU C 36 26.32 43.15 16.34
C LEU C 36 27.14 43.15 17.62
N SER C 37 27.97 42.12 17.82
CA SER C 37 28.83 42.07 18.98
C SER C 37 29.83 43.23 18.99
N GLN C 38 30.39 43.57 17.83
CA GLN C 38 31.35 44.67 17.76
C GLN C 38 30.70 46.01 17.47
N LEU C 39 29.37 46.05 17.34
CA LEU C 39 28.71 47.28 16.92
C LEU C 39 28.81 48.34 18.00
N ASP C 40 28.76 49.60 17.57
CA ASP C 40 28.87 50.73 18.48
C ASP C 40 27.61 50.85 19.34
N LYS C 41 27.79 51.40 20.55
CA LYS C 41 26.66 51.62 21.44
C LYS C 41 25.67 52.64 20.86
N LYS C 42 26.16 53.70 20.25
CA LYS C 42 25.28 54.68 19.63
C LYS C 42 24.43 54.03 18.54
N GLU C 43 25.04 53.21 17.69
CA GLU C 43 24.31 52.59 16.61
C GLU C 43 23.21 51.67 17.11
N ILE C 44 23.52 50.83 18.10
CA ILE C 44 22.50 49.90 18.61
C ILE C 44 21.36 50.65 19.27
N GLU C 45 21.66 51.70 20.05
CA GLU C 45 20.60 52.47 20.68
C GLU C 45 19.71 53.15 19.63
N GLU C 46 20.32 53.74 18.60
CA GLU C 46 19.55 54.39 17.55
C GLU C 46 18.68 53.38 16.80
N LEU C 47 19.23 52.20 16.52
CA LEU C 47 18.46 51.16 15.85
C LEU C 47 17.30 50.69 16.72
N ALA C 48 17.53 50.56 18.02
CA ALA C 48 16.44 50.21 18.92
C ALA C 48 15.34 51.26 18.90
N LYS C 49 15.72 52.54 18.92
CA LYS C 49 14.74 53.61 18.81
C LYS C 49 13.93 53.48 17.51
N LEU C 50 14.64 53.31 16.39
CA LEU C 50 13.95 53.23 15.10
C LEU C 50 13.01 52.03 15.06
N LEU C 51 13.46 50.89 15.58
CA LEU C 51 12.60 49.71 15.64
C LEU C 51 11.38 49.94 16.50
N GLY C 52 11.55 50.62 17.63
CA GLY C 52 10.41 50.99 18.45
C GLY C 52 9.46 51.95 17.76
N GLU C 53 9.97 52.69 16.76
CA GLU C 53 9.12 53.51 15.91
C GLU C 53 8.60 52.77 14.68
N LEU C 54 8.98 51.51 14.47
CA LEU C 54 8.57 50.78 13.29
C LEU C 54 7.08 50.47 13.34
N PRO C 55 6.31 50.76 12.30
CA PRO C 55 4.90 50.33 12.28
C PRO C 55 4.79 48.84 12.01
N VAL C 56 3.66 48.27 12.43
CA VAL C 56 3.43 46.84 12.23
C VAL C 56 3.27 46.56 10.75
N GLY C 57 3.76 45.39 10.31
CA GLY C 57 3.60 44.95 8.94
C GLY C 57 4.69 45.35 7.99
N SER C 58 5.67 46.15 8.44
CA SER C 58 6.77 46.53 7.56
C SER C 58 7.58 45.31 7.18
N ASN C 59 7.95 45.22 5.90
CA ASN C 59 8.67 44.07 5.39
C ASN C 59 10.17 44.32 5.40
N VAL C 60 10.94 43.25 5.14
CA VAL C 60 12.40 43.34 5.23
C VAL C 60 12.95 44.31 4.20
N GLN C 61 12.43 44.28 2.97
CA GLN C 61 12.97 45.14 1.94
C GLN C 61 12.82 46.62 2.30
N GLU C 62 11.63 47.01 2.79
CA GLU C 62 11.43 48.41 3.16
C GLU C 62 12.33 48.80 4.33
N PHE C 63 12.47 47.91 5.32
CA PHE C 63 13.33 48.21 6.45
C PHE C 63 14.78 48.40 6.01
N GLN C 64 15.27 47.53 5.14
CA GLN C 64 16.65 47.65 4.67
C GLN C 64 16.84 48.89 3.81
N SER C 65 15.87 49.21 2.97
CA SER C 65 15.96 50.44 2.18
C SER C 65 15.99 51.67 3.06
N ALA C 66 15.15 51.71 4.09
CA ALA C 66 15.16 52.82 5.03
C ALA C 66 16.50 52.91 5.75
N ILE C 67 17.06 51.77 6.15
CA ILE C 67 18.38 51.77 6.77
C ILE C 67 19.41 52.34 5.81
N GLN C 68 19.37 51.94 4.54
CA GLN C 68 20.32 52.46 3.57
C GLN C 68 20.18 53.97 3.41
N THR C 69 18.96 54.47 3.33
CA THR C 69 18.73 55.90 3.15
C THR C 69 19.04 56.71 4.40
N ASN C 70 19.19 56.07 5.55
CA ASN C 70 19.55 56.76 6.78
C ASN C 70 21.06 56.97 6.81
N LYS C 71 21.47 58.24 6.80
CA LYS C 71 22.88 58.57 6.69
C LYS C 71 23.67 58.21 7.93
N GLU C 72 23.07 58.34 9.12
CA GLU C 72 23.79 58.07 10.36
C GLU C 72 24.13 56.60 10.54
N LEU C 73 23.56 55.72 9.72
CA LEU C 73 23.78 54.28 9.86
C LEU C 73 24.90 53.83 8.95
N SER C 74 25.86 53.12 9.53
CA SER C 74 26.93 52.51 8.74
C SER C 74 26.42 51.28 8.03
N GLU C 75 27.24 50.74 7.12
CA GLU C 75 26.88 49.52 6.42
C GLU C 75 26.75 48.34 7.35
N ASN C 76 27.28 48.43 8.58
CA ASN C 76 27.12 47.35 9.54
C ASN C 76 25.65 47.04 9.79
N ALA C 77 24.83 48.07 9.97
CA ALA C 77 23.40 47.86 10.23
C ALA C 77 22.73 47.17 9.06
N LEU C 78 22.97 47.64 7.83
CA LEU C 78 22.34 47.02 6.68
C LEU C 78 22.79 45.58 6.51
N LYS C 79 24.08 45.32 6.69
CA LYS C 79 24.60 43.95 6.62
C LYS C 79 24.04 43.07 7.73
N SER C 80 23.63 43.66 8.84
CA SER C 80 22.95 42.93 9.91
C SER C 80 21.45 43.18 9.92
N ALA C 81 20.93 43.96 8.97
CA ALA C 81 19.50 44.24 8.95
C ALA C 81 18.69 42.97 8.75
N ASP C 82 19.13 42.08 7.86
CA ASP C 82 18.41 40.84 7.65
C ASP C 82 18.34 40.02 8.93
N THR C 83 19.45 39.96 9.67
CA THR C 83 19.42 39.28 10.97
C THR C 83 18.46 39.97 11.92
N ILE C 84 18.44 41.31 11.91
CA ILE C 84 17.51 42.05 12.76
C ILE C 84 16.07 41.70 12.39
N PHE C 85 15.77 41.66 11.08
CA PHE C 85 14.44 41.30 10.65
C PHE C 85 14.14 39.83 10.95
N SER C 86 15.17 38.99 10.97
CA SER C 86 14.97 37.58 11.29
C SER C 86 14.62 37.37 12.76
N LEU C 87 14.80 38.40 13.59
CA LEU C 87 14.53 38.24 15.01
C LEU C 87 13.05 37.99 15.29
N GLY C 88 12.16 38.54 14.46
CA GLY C 88 10.74 38.36 14.68
C GLY C 88 10.33 36.90 14.68
N GLY C 89 10.98 36.08 13.86
CA GLY C 89 10.67 34.66 13.83
C GLY C 89 11.18 33.91 15.04
N LEU C 90 12.16 34.47 15.73
CA LEU C 90 12.65 33.89 16.98
C LEU C 90 12.27 34.72 18.20
N LEU C 91 11.82 35.96 18.00
CA LEU C 91 11.29 36.74 19.11
C LEU C 91 10.03 36.11 19.68
N LEU C 92 9.27 35.39 18.87
CA LEU C 92 8.10 34.65 19.34
C LEU C 92 8.40 33.19 19.57
N GLU C 93 9.41 32.63 18.91
CA GLU C 93 9.87 31.29 19.28
C GLU C 93 10.32 31.27 20.74
N ILE C 94 10.81 32.40 21.24
CA ILE C 94 11.00 32.57 22.68
C ILE C 94 9.67 33.02 23.28
N LYS C 95 9.58 32.98 24.61
CA LYS C 95 8.34 33.27 25.29
C LYS C 95 8.59 34.10 26.55
N ALA C 96 7.55 34.82 26.98
CA ALA C 96 7.66 35.71 28.14
C ALA C 96 8.07 34.97 29.40
N ASP C 97 7.84 33.66 29.46
CA ASP C 97 8.19 32.87 30.64
C ASP C 97 9.68 32.85 30.91
N ASP C 98 10.50 33.22 29.92
CA ASP C 98 11.95 33.23 30.08
C ASP C 98 12.45 34.67 30.21
N SER C 99 13.59 34.82 30.90
CA SER C 99 14.17 36.14 31.11
C SER C 99 14.99 36.53 29.88
N LEU C 100 14.66 37.69 29.31
CA LEU C 100 15.37 38.16 28.13
C LEU C 100 16.86 38.27 28.37
N ASN C 101 17.27 38.62 29.59
CA ASN C 101 18.69 38.69 29.92
C ASN C 101 19.34 37.33 29.77
N GLN C 102 18.73 36.29 30.35
CA GLN C 102 19.29 34.95 30.23
C GLN C 102 19.20 34.44 28.80
N VAL C 103 18.17 34.84 28.07
CA VAL C 103 18.08 34.48 26.66
C VAL C 103 19.27 35.07 25.90
N ALA C 104 19.58 36.35 26.17
CA ALA C 104 20.73 36.97 25.51
C ALA C 104 22.02 36.27 25.89
N GLU C 105 22.19 35.93 27.16
CA GLU C 105 23.41 35.24 27.59
C GLU C 105 23.55 33.88 26.90
N ASP C 106 22.46 33.10 26.90
CA ASP C 106 22.51 31.78 26.31
C ASP C 106 22.75 31.84 24.80
N LEU C 107 22.13 32.81 24.12
CA LEU C 107 22.34 32.93 22.69
C LEU C 107 23.74 33.45 22.37
N THR C 108 24.31 34.30 23.23
CA THR C 108 25.71 34.67 23.07
C THR C 108 26.61 33.45 23.20
N ASN C 109 26.32 32.59 24.17
CA ASN C 109 27.06 31.34 24.30
C ASN C 109 26.91 30.48 23.04
N ALA C 110 25.67 30.38 22.52
CA ALA C 110 25.43 29.59 21.33
C ALA C 110 26.21 30.11 20.15
N TYR C 111 26.24 31.43 19.97
CA TYR C 111 26.99 32.03 18.88
C TYR C 111 28.49 31.83 19.05
N ALA C 112 28.99 31.97 20.28
CA ALA C 112 30.41 31.76 20.53
C ALA C 112 30.81 30.30 20.36
N LYS C 113 29.85 29.39 20.45
CA LYS C 113 30.15 27.96 20.30
C LYS C 113 30.05 27.52 18.84
N GLU C 114 28.99 27.95 18.16
CA GLU C 114 28.75 27.54 16.77
C GLU C 114 29.10 28.61 15.77
N GLY C 115 29.41 29.83 16.21
CA GLY C 115 29.60 30.95 15.31
C GLY C 115 31.04 31.19 14.93
N GLU C 116 31.33 32.44 14.53
CA GLU C 116 32.65 32.77 14.00
C GLU C 116 33.74 32.65 15.04
N GLU C 117 33.55 33.22 16.23
CA GLU C 117 34.63 33.39 17.20
C GLU C 117 34.18 32.94 18.57
N GLU C 118 35.14 32.40 19.33
CA GLU C 118 34.96 32.23 20.77
C GLU C 118 35.18 33.58 21.42
N ILE C 119 34.10 34.35 21.55
CA ILE C 119 34.19 35.77 21.87
C ILE C 119 34.93 35.95 23.18
N GLY C 120 35.80 36.96 23.22
CA GLY C 120 36.42 37.35 24.47
C GLY C 120 35.40 37.91 25.44
N THR C 121 35.75 37.88 26.73
CA THR C 121 34.78 38.25 27.76
C THR C 121 34.23 39.65 27.55
N GLU C 122 35.09 40.61 27.20
CA GLU C 122 34.62 41.99 27.01
C GLU C 122 33.63 42.07 25.87
N GLN C 123 33.95 41.46 24.72
CA GLN C 123 33.03 41.51 23.59
C GLN C 123 31.85 40.59 23.81
N ARG C 124 32.02 39.53 24.60
CA ARG C 124 30.88 38.71 24.99
C ARG C 124 29.85 39.54 25.76
N GLU C 125 30.32 40.29 26.75
CA GLU C 125 29.42 41.14 27.52
C GLU C 125 28.83 42.25 26.64
N GLN C 126 29.63 42.80 25.73
CA GLN C 126 29.11 43.81 24.81
C GLN C 126 27.98 43.23 23.96
N LEU C 127 28.17 42.02 23.43
CA LEU C 127 27.13 41.38 22.63
C LEU C 127 25.89 41.12 23.46
N ILE C 128 26.05 40.64 24.69
CA ILE C 128 24.88 40.37 25.53
C ILE C 128 24.13 41.65 25.82
N HIS C 129 24.85 42.73 26.14
CA HIS C 129 24.22 44.01 26.41
C HIS C 129 23.50 44.55 25.18
N ASN C 130 24.12 44.40 24.01
CA ASN C 130 23.48 44.84 22.77
C ASN C 130 22.21 44.04 22.49
N LEU C 131 22.27 42.72 22.73
CA LEU C 131 21.08 41.89 22.58
C LEU C 131 19.97 42.37 23.48
N LEU C 132 20.30 42.62 24.76
CA LEU C 132 19.29 43.11 25.69
C LEU C 132 18.70 44.44 25.23
N ILE C 133 19.55 45.34 24.73
CA ILE C 133 19.06 46.63 24.27
C ILE C 133 18.13 46.47 23.08
N VAL C 134 18.52 45.66 22.10
CA VAL C 134 17.76 45.59 20.86
C VAL C 134 16.64 44.56 20.94
N LEU C 135 16.89 43.41 21.55
CA LEU C 135 15.82 42.42 21.70
C LEU C 135 14.69 42.97 22.54
N GLN C 136 14.99 43.88 23.46
CA GLN C 136 13.93 44.61 24.16
C GLN C 136 13.18 45.49 23.18
N LYS C 137 12.14 46.18 23.66
CA LYS C 137 11.27 46.96 22.79
C LYS C 137 10.67 46.04 21.72
N ALA C 138 11.12 46.15 20.46
CA ALA C 138 10.74 45.24 19.39
C ALA C 138 9.27 44.81 19.47
N GLU C 139 8.36 45.77 19.65
CA GLU C 139 6.97 45.42 19.88
C GLU C 139 6.23 45.21 18.57
N ASN C 140 6.29 46.20 17.67
CA ASN C 140 5.56 46.09 16.41
C ASN C 140 6.09 44.96 15.55
N LEU C 141 7.41 44.76 15.51
CA LEU C 141 7.97 43.66 14.74
C LEU C 141 7.51 42.31 15.29
N LYS C 142 7.54 42.16 16.61
CA LYS C 142 7.10 40.92 17.23
C LYS C 142 5.62 40.66 16.92
N LYS C 143 4.79 41.70 17.02
CA LYS C 143 3.38 41.54 16.70
C LYS C 143 3.17 41.21 15.23
N THR C 144 3.98 41.79 14.35
CA THR C 144 3.88 41.47 12.93
C THR C 144 4.18 39.99 12.70
N PHE C 145 5.25 39.48 13.31
CA PHE C 145 5.56 38.08 13.08
C PHE C 145 4.59 37.17 13.82
N LYS C 146 3.91 37.67 14.85
CA LYS C 146 2.83 36.91 15.46
C LYS C 146 1.65 36.80 14.50
N ALA C 147 1.32 37.91 13.85
CA ALA C 147 0.27 37.87 12.83
C ALA C 147 0.62 36.87 11.74
N TYR C 148 1.88 36.87 11.31
CA TYR C 148 2.33 35.85 10.35
C TYR C 148 2.21 34.46 10.94
N ARG C 149 2.53 34.31 12.23
CA ARG C 149 2.39 33.02 12.89
C ARG C 149 0.92 32.62 12.99
N LEU C 150 0.08 33.53 13.46
CA LEU C 150 -1.35 33.27 13.49
C LEU C 150 -1.87 33.04 12.08
N LEU C 151 -1.18 33.59 11.09
CA LEU C 151 -1.59 33.41 9.70
C LEU C 151 -1.50 31.95 9.27
N PHE C 152 -0.34 31.32 9.49
CA PHE C 152 -0.07 30.02 8.90
C PHE C 152 -0.17 28.87 9.90
N GLU C 153 -1.10 28.96 10.86
CA GLU C 153 -1.49 27.75 11.58
C GLU C 153 -2.25 26.81 10.68
N ASN C 154 -2.70 27.29 9.53
CA ASN C 154 -3.47 26.49 8.57
C ASN C 154 -2.55 25.56 7.78
N THR C 155 -3.10 24.97 6.74
CA THR C 155 -2.37 23.95 5.98
C THR C 155 -1.75 24.53 4.71
N ARG C 156 -2.45 25.42 4.02
CA ARG C 156 -2.01 25.84 2.69
C ARG C 156 -2.50 27.24 2.35
N SER C 157 -1.86 27.83 1.34
CA SER C 157 -2.20 29.16 0.87
C SER C 157 -1.79 29.31 -0.59
N PHE C 158 -2.48 30.22 -1.28
CA PHE C 158 -2.21 30.49 -2.70
C PHE C 158 -0.79 31.00 -2.88
N ARG C 159 -0.34 30.99 -4.15
CA ARG C 159 0.73 31.90 -4.56
C ARG C 159 0.43 32.59 -5.88
N LYS C 160 -0.30 31.95 -6.79
CA LYS C 160 -0.56 32.54 -8.09
C LYS C 160 -1.53 31.64 -8.85
N SER C 161 -1.96 32.13 -10.01
CA SER C 161 -2.88 31.41 -10.87
C SER C 161 -2.77 31.94 -12.29
N ARG C 162 -3.31 31.18 -13.23
CA ARG C 162 -3.28 31.53 -14.64
C ARG C 162 -4.57 31.04 -15.29
N VAL C 163 -5.14 31.88 -16.16
CA VAL C 163 -6.40 31.59 -16.81
C VAL C 163 -6.14 31.24 -18.27
N MET C 164 -6.73 30.15 -18.73
CA MET C 164 -6.55 29.67 -20.09
C MET C 164 -7.92 29.30 -20.67
N THR C 165 -8.16 29.72 -21.89
CA THR C 165 -9.43 29.43 -22.56
C THR C 165 -9.18 29.05 -24.01
N ASP C 166 -10.03 28.17 -24.52
CA ASP C 166 -9.90 27.62 -25.86
C ASP C 166 -11.27 27.58 -26.51
N MET C 167 -11.28 27.56 -27.84
CA MET C 167 -12.53 27.45 -28.59
C MET C 167 -12.32 26.42 -29.69
N ARG C 168 -13.39 25.69 -30.02
CA ARG C 168 -13.31 24.60 -30.98
C ARG C 168 -14.59 24.56 -31.80
N MET C 169 -14.46 24.26 -33.09
CA MET C 169 -15.59 24.29 -34.00
C MET C 169 -16.20 22.91 -34.19
N ILE C 170 -17.44 22.88 -34.66
CA ILE C 170 -18.20 21.64 -34.81
C ILE C 170 -18.21 21.28 -36.28
N PHE C 171 -17.96 20.00 -36.57
CA PHE C 171 -17.83 19.55 -37.94
C PHE C 171 -18.90 18.51 -38.27
N ASP C 172 -18.90 18.06 -39.53
CA ASP C 172 -19.84 17.05 -39.99
C ASP C 172 -19.11 15.75 -40.30
N ASP C 173 -19.86 14.65 -40.27
CA ASP C 173 -19.31 13.37 -40.70
C ASP C 173 -18.88 13.41 -42.16
N ASP C 174 -19.70 14.01 -43.02
CA ASP C 174 -19.33 14.28 -44.41
C ASP C 174 -19.31 15.80 -44.57
N PHE C 175 -18.21 16.32 -45.10
CA PHE C 175 -18.02 17.76 -45.22
C PHE C 175 -18.67 18.32 -46.48
N GLN C 176 -19.64 17.61 -47.04
CA GLN C 176 -20.53 18.22 -48.01
C GLN C 176 -21.27 19.40 -47.38
N LYS C 177 -21.40 19.42 -46.06
CA LYS C 177 -21.91 20.57 -45.33
C LYS C 177 -20.74 21.40 -44.81
N LYS C 178 -20.84 22.72 -44.98
CA LYS C 178 -19.82 23.62 -44.47
C LYS C 178 -19.97 23.78 -42.96
N ASN C 179 -18.86 24.01 -42.27
CA ASN C 179 -18.88 24.13 -40.82
C ASN C 179 -19.50 25.48 -40.42
N GLN C 180 -20.62 25.42 -39.71
CA GLN C 180 -21.32 26.63 -39.28
C GLN C 180 -21.26 26.86 -37.78
N THR C 181 -20.72 25.91 -37.01
CA THR C 181 -20.93 25.91 -35.57
C THR C 181 -19.64 25.60 -34.82
N GLY C 182 -19.57 26.10 -33.58
CA GLY C 182 -18.44 25.81 -32.72
C GLY C 182 -18.79 25.89 -31.24
N LEU C 183 -17.78 25.66 -30.41
CA LEU C 183 -17.93 25.62 -28.96
C LEU C 183 -16.74 26.30 -28.30
N ILE C 184 -17.02 27.07 -27.25
CA ILE C 184 -16.00 27.82 -26.52
C ILE C 184 -15.94 27.27 -25.10
N ILE C 185 -14.73 27.02 -24.62
CA ILE C 185 -14.51 26.46 -23.29
C ILE C 185 -13.47 27.34 -22.59
N HIS C 186 -13.43 27.24 -21.26
CA HIS C 186 -12.52 28.03 -20.45
C HIS C 186 -11.80 27.14 -19.46
N GLN C 187 -10.59 27.55 -19.10
CA GLN C 187 -9.75 26.80 -18.17
C GLN C 187 -9.08 27.76 -17.20
N LEU C 188 -8.98 27.34 -15.95
CA LEU C 188 -8.22 28.05 -14.93
C LEU C 188 -7.21 27.11 -14.30
N LYS C 189 -6.04 27.65 -14.01
CA LYS C 189 -4.99 26.92 -13.29
C LYS C 189 -4.40 27.82 -12.22
N LEU C 190 -4.14 27.22 -11.06
CA LEU C 190 -3.81 27.96 -9.86
C LEU C 190 -2.61 27.33 -9.17
N GLU C 191 -1.94 28.13 -8.35
CA GLU C 191 -0.76 27.67 -7.63
C GLU C 191 -0.89 28.06 -6.16
N TYR C 192 -0.36 27.22 -5.29
CA TYR C 192 -0.52 27.42 -3.85
C TYR C 192 0.55 26.61 -3.13
N ILE C 193 0.78 26.98 -1.87
CA ILE C 193 1.70 26.28 -0.99
C ILE C 193 0.88 25.55 0.06
N GLU C 194 1.17 24.28 0.27
CA GLU C 194 0.54 23.50 1.34
C GLU C 194 1.62 22.88 2.20
N ASP C 195 1.51 23.08 3.51
CA ASP C 195 2.42 22.48 4.48
C ASP C 195 3.87 22.69 4.06
N ASN C 196 4.18 23.92 3.67
CA ASN C 196 5.51 24.31 3.19
C ASN C 196 5.86 23.65 1.87
N THR C 197 4.86 23.19 1.12
CA THR C 197 5.08 22.54 -0.17
C THR C 197 4.27 23.25 -1.24
N SER C 198 4.93 23.62 -2.33
CA SER C 198 4.25 24.31 -3.43
C SER C 198 3.38 23.34 -4.20
N LYS C 199 2.24 23.84 -4.69
CA LYS C 199 1.24 23.02 -5.34
C LYS C 199 0.50 23.84 -6.39
N GLU C 200 -0.24 23.13 -7.24
CA GLU C 200 -1.07 23.75 -8.25
C GLU C 200 -2.30 22.88 -8.49
N PHE C 201 -3.29 23.46 -9.18
CA PHE C 201 -4.56 22.78 -9.37
C PHE C 201 -5.22 23.33 -10.63
N PHE C 202 -5.84 22.42 -11.40
CA PHE C 202 -6.24 22.73 -12.76
C PHE C 202 -7.73 22.43 -12.92
N ILE C 203 -8.46 23.34 -13.57
CA ILE C 203 -9.90 23.18 -13.77
C ILE C 203 -10.33 23.87 -15.06
N SER C 204 -11.44 23.41 -15.62
CA SER C 204 -12.05 24.01 -16.80
C SER C 204 -13.42 24.58 -16.46
N LEU C 205 -13.75 25.72 -17.08
CA LEU C 205 -14.93 26.48 -16.73
C LEU C 205 -15.72 26.87 -17.97
N ASP C 206 -16.90 27.44 -17.72
CA ASP C 206 -17.72 28.10 -18.73
C ASP C 206 -17.99 29.53 -18.29
N ASN C 207 -18.32 30.38 -19.27
CA ASN C 207 -18.40 31.82 -19.00
C ASN C 207 -19.43 32.13 -17.93
N ASP C 208 -20.56 31.41 -17.93
CA ASP C 208 -21.62 31.69 -16.97
C ASP C 208 -21.13 31.49 -15.55
N ASP C 209 -20.43 30.38 -15.30
CA ASP C 209 -19.92 30.13 -13.94
C ASP C 209 -18.86 31.16 -13.57
N VAL C 210 -18.07 31.60 -14.54
CA VAL C 210 -17.09 32.65 -14.26
C VAL C 210 -17.79 33.92 -13.82
N LEU C 211 -18.88 34.27 -14.50
CA LEU C 211 -19.65 35.45 -14.11
C LEU C 211 -20.25 35.27 -12.73
N LYS C 212 -20.77 34.08 -12.44
CA LYS C 212 -21.35 33.81 -11.13
C LYS C 212 -20.30 33.94 -10.04
N LEU C 213 -19.11 33.40 -10.28
CA LEU C 213 -18.02 33.53 -9.33
C LEU C 213 -17.62 34.97 -9.15
N SER C 214 -17.60 35.74 -10.24
CA SER C 214 -17.32 37.17 -10.13
C SER C 214 -18.33 37.84 -9.23
N GLU C 215 -19.61 37.49 -9.38
CA GLU C 215 -20.63 38.07 -8.52
C GLU C 215 -20.41 37.69 -7.06
N GLU C 216 -20.09 36.41 -6.81
CA GLU C 216 -19.84 35.97 -5.44
C GLU C 216 -18.68 36.76 -4.83
N LEU C 217 -17.56 36.82 -5.54
CA LEU C 217 -16.38 37.46 -4.97
C LEU C 217 -16.59 38.97 -4.84
N LYS C 218 -17.41 39.56 -5.71
CA LYS C 218 -17.72 40.98 -5.56
C LYS C 218 -18.57 41.21 -4.32
N ARG C 219 -19.53 40.32 -4.08
CA ARG C 219 -20.34 40.41 -2.86
C ARG C 219 -19.46 40.29 -1.63
N SER C 220 -18.52 39.34 -1.64
CA SER C 220 -17.61 39.18 -0.51
C SER C 220 -16.71 40.39 -0.37
N LEU C 221 -16.32 41.01 -1.48
CA LEU C 221 -15.51 42.22 -1.41
C LEU C 221 -16.29 43.36 -0.76
N GLU C 222 -17.57 43.50 -1.12
CA GLU C 222 -18.41 44.48 -0.44
C GLU C 222 -18.52 44.17 1.04
N LYS C 223 -18.64 42.89 1.39
CA LYS C 223 -18.62 42.51 2.80
C LYS C 223 -17.34 42.96 3.46
N GLU C 224 -16.20 42.74 2.81
CA GLU C 224 -14.91 43.11 3.38
C GLU C 224 -14.82 44.63 3.56
N GLU C 225 -15.35 45.38 2.60
CA GLU C 225 -15.35 46.84 2.74
C GLU C 225 -16.23 47.27 3.91
N CYS C 226 -17.40 46.66 4.05
CA CYS C 226 -18.25 46.98 5.18
C CYS C 226 -17.55 46.61 6.49
N ILE C 227 -16.70 45.59 6.46
CA ILE C 227 -15.96 45.20 7.65
C ILE C 227 -14.85 46.20 7.95
N LYS C 228 -14.14 46.66 6.92
CA LYS C 228 -13.30 47.84 7.06
C LYS C 228 -14.05 48.95 7.79
N ARG C 229 -15.30 49.18 7.40
CA ARG C 229 -16.05 50.33 7.92
C ARG C 229 -16.57 50.08 9.33
N ASP C 230 -16.86 48.83 9.68
CA ASP C 230 -17.61 48.55 10.90
C ASP C 230 -16.87 48.96 12.17
N PHE C 231 -15.60 48.57 12.31
CA PHE C 231 -14.82 48.86 13.51
C PHE C 231 -13.86 50.01 13.27
N ASP C 232 -14.38 51.25 13.27
CA ASP C 232 -13.50 52.41 13.20
C ASP C 232 -12.59 52.52 14.42
N GLN C 233 -12.92 51.85 15.52
CA GLN C 233 -12.12 51.91 16.73
C GLN C 233 -10.88 51.05 16.66
N VAL C 234 -10.78 50.14 15.69
CA VAL C 234 -9.67 49.20 15.60
C VAL C 234 -9.10 49.25 14.18
N GLN C 235 -7.82 48.91 14.06
CA GLN C 235 -7.17 48.85 12.75
C GLN C 235 -7.03 47.40 12.32
N PHE C 236 -7.09 47.19 11.01
CA PHE C 236 -6.92 45.87 10.42
C PHE C 236 -5.93 45.97 9.27
N ILE C 237 -4.98 45.04 9.22
CA ILE C 237 -3.78 45.20 8.42
C ILE C 237 -3.68 44.09 7.39
N ASN C 238 -3.01 44.40 6.28
CA ASN C 238 -2.57 43.39 5.32
C ASN C 238 -1.08 43.17 5.53
N ILE C 239 -0.70 41.91 5.67
CA ILE C 239 0.67 41.54 6.01
C ILE C 239 1.27 40.73 4.88
N LYS C 240 2.46 41.12 4.44
CA LYS C 240 3.12 40.47 3.32
C LYS C 240 4.59 40.22 3.61
N MET D 21 -26.69 -7.54 -26.64
CA MET D 21 -27.81 -7.06 -27.49
C MET D 21 -27.43 -5.72 -28.12
N LYS D 22 -28.35 -5.14 -28.90
CA LYS D 22 -28.04 -3.91 -29.61
C LYS D 22 -27.74 -2.76 -28.65
N TYR D 23 -28.51 -2.61 -27.59
CA TYR D 23 -28.37 -1.47 -26.68
C TYR D 23 -28.49 -1.94 -25.25
N LYS D 24 -27.78 -1.24 -24.35
CA LYS D 24 -27.92 -1.43 -22.92
C LYS D 24 -29.20 -0.74 -22.46
N ILE D 25 -30.32 -1.40 -22.74
CA ILE D 25 -31.64 -0.76 -22.59
C ILE D 25 -31.93 -0.52 -21.12
N PRO D 26 -32.18 0.72 -20.70
CA PRO D 26 -32.71 0.94 -19.34
C PRO D 26 -34.07 0.27 -19.18
N LYS D 27 -34.33 -0.24 -17.99
CA LYS D 27 -35.59 -0.92 -17.74
C LYS D 27 -36.73 0.05 -17.48
N ASN D 28 -36.44 1.35 -17.37
CA ASN D 28 -37.50 2.34 -17.20
C ASN D 28 -37.99 2.88 -18.54
N PHE D 29 -37.16 2.79 -19.58
CA PHE D 29 -37.54 3.27 -20.91
C PHE D 29 -38.48 2.29 -21.61
N LEU D 30 -38.74 1.13 -21.02
CA LEU D 30 -39.56 0.12 -21.69
C LEU D 30 -40.96 0.64 -21.97
N SER D 31 -41.54 1.38 -21.02
CA SER D 31 -42.85 1.98 -21.27
C SER D 31 -42.80 2.98 -22.41
N GLY D 32 -41.74 3.78 -22.48
CA GLY D 32 -41.58 4.69 -23.60
C GLY D 32 -41.47 3.95 -24.92
N PHE D 33 -40.73 2.84 -24.93
CA PHE D 33 -40.63 2.03 -26.13
C PHE D 33 -41.99 1.47 -26.54
N GLN D 34 -42.78 1.00 -25.57
CA GLN D 34 -44.12 0.52 -25.88
C GLN D 34 -44.97 1.63 -26.48
N ILE D 35 -44.92 2.82 -25.88
CA ILE D 35 -45.71 3.94 -26.39
C ILE D 35 -45.29 4.26 -27.82
N LEU D 36 -43.99 4.31 -28.08
CA LEU D 36 -43.51 4.59 -29.43
C LEU D 36 -43.92 3.51 -30.42
N SER D 37 -43.87 2.25 -30.02
CA SER D 37 -44.31 1.17 -30.89
C SER D 37 -45.79 1.28 -31.23
N GLN D 38 -46.62 1.65 -30.25
CA GLN D 38 -48.05 1.79 -30.50
C GLN D 38 -48.45 3.20 -30.93
N LEU D 39 -47.49 4.11 -31.04
CA LEU D 39 -47.83 5.51 -31.31
C LEU D 39 -48.40 5.66 -32.71
N ASP D 40 -49.21 6.69 -32.88
CA ASP D 40 -49.87 6.96 -34.15
C ASP D 40 -48.86 7.46 -35.18
N LYS D 41 -49.14 7.18 -36.45
CA LYS D 41 -48.28 7.65 -37.54
C LYS D 41 -48.26 9.17 -37.62
N LYS D 42 -49.41 9.82 -37.44
CA LYS D 42 -49.44 11.29 -37.47
C LYS D 42 -48.56 11.87 -36.37
N GLU D 43 -48.65 11.31 -35.16
CA GLU D 43 -47.87 11.84 -34.04
C GLU D 43 -46.38 11.72 -34.28
N ILE D 44 -45.92 10.55 -34.75
CA ILE D 44 -44.49 10.37 -34.98
C ILE D 44 -43.99 11.29 -36.07
N GLU D 45 -44.75 11.44 -37.16
CA GLU D 45 -44.33 12.35 -38.23
C GLU D 45 -44.26 13.79 -37.75
N GLU D 46 -45.27 14.23 -36.98
CA GLU D 46 -45.24 15.59 -36.47
C GLU D 46 -44.08 15.81 -35.50
N LEU D 47 -43.79 14.81 -34.66
CA LEU D 47 -42.66 14.92 -33.74
C LEU D 47 -41.35 14.97 -34.51
N ALA D 48 -41.23 14.19 -35.57
CA ALA D 48 -40.03 14.25 -36.40
C ALA D 48 -39.86 15.62 -37.02
N LYS D 49 -40.96 16.21 -37.52
CA LYS D 49 -40.89 17.57 -38.04
C LYS D 49 -40.41 18.54 -36.97
N LEU D 50 -41.02 18.48 -35.79
CA LEU D 50 -40.66 19.41 -34.72
C LEU D 50 -39.20 19.25 -34.33
N LEU D 51 -38.72 18.00 -34.23
CA LEU D 51 -37.32 17.75 -33.91
C LEU D 51 -36.40 18.29 -34.99
N GLY D 52 -36.77 18.14 -36.26
CA GLY D 52 -36.01 18.75 -37.33
C GLY D 52 -36.02 20.26 -37.28
N GLU D 53 -37.02 20.85 -36.63
CA GLU D 53 -37.02 22.28 -36.36
C GLU D 53 -36.36 22.66 -35.05
N LEU D 54 -35.90 21.69 -34.27
CA LEU D 54 -35.31 21.99 -32.97
C LEU D 54 -33.97 22.70 -33.14
N PRO D 55 -33.75 23.83 -32.46
CA PRO D 55 -32.41 24.44 -32.49
C PRO D 55 -31.43 23.66 -31.64
N VAL D 56 -30.14 23.82 -31.95
CA VAL D 56 -29.10 23.13 -31.20
C VAL D 56 -29.04 23.69 -29.79
N GLY D 57 -28.74 22.82 -28.83
CA GLY D 57 -28.56 23.21 -27.45
C GLY D 57 -29.80 23.19 -26.58
N SER D 58 -30.97 22.91 -27.15
CA SER D 58 -32.19 22.84 -26.37
C SER D 58 -32.10 21.70 -25.36
N ASN D 59 -32.53 21.96 -24.13
CA ASN D 59 -32.43 20.98 -23.06
C ASN D 59 -33.73 20.21 -22.92
N VAL D 60 -33.68 19.15 -22.11
CA VAL D 60 -34.82 18.24 -21.98
C VAL D 60 -36.03 18.97 -21.40
N GLN D 61 -35.81 19.80 -20.38
CA GLN D 61 -36.94 20.49 -19.74
C GLN D 61 -37.68 21.38 -20.72
N GLU D 62 -36.97 22.16 -21.51
CA GLU D 62 -37.62 23.03 -22.48
C GLU D 62 -38.37 22.22 -23.54
N PHE D 63 -37.76 21.13 -24.01
CA PHE D 63 -38.41 20.28 -25.00
C PHE D 63 -39.71 19.69 -24.45
N GLN D 64 -39.67 19.19 -23.21
CA GLN D 64 -40.86 18.60 -22.62
C GLN D 64 -41.94 19.66 -22.36
N SER D 65 -41.53 20.85 -21.91
CA SER D 65 -42.51 21.92 -21.72
C SER D 65 -43.16 22.32 -23.03
N ALA D 66 -42.38 22.43 -24.11
CA ALA D 66 -42.95 22.73 -25.41
C ALA D 66 -43.90 21.64 -25.86
N ILE D 67 -43.54 20.37 -25.63
CA ILE D 67 -44.44 19.28 -25.95
C ILE D 67 -45.75 19.42 -25.19
N GLN D 68 -45.66 19.74 -23.90
CA GLN D 68 -46.86 19.90 -23.09
C GLN D 68 -47.74 21.02 -23.62
N THR D 69 -47.13 22.16 -23.97
CA THR D 69 -47.89 23.30 -24.46
C THR D 69 -48.44 23.09 -25.86
N ASN D 70 -47.96 22.08 -26.59
CA ASN D 70 -48.47 21.78 -27.91
C ASN D 70 -49.74 20.96 -27.77
N LYS D 71 -50.86 21.52 -28.24
CA LYS D 71 -52.15 20.90 -28.05
C LYS D 71 -52.33 19.63 -28.87
N GLU D 72 -51.76 19.57 -30.08
CA GLU D 72 -51.94 18.42 -30.95
C GLU D 72 -51.24 17.17 -30.41
N LEU D 73 -50.39 17.31 -29.40
CA LEU D 73 -49.62 16.19 -28.88
C LEU D 73 -50.35 15.58 -27.68
N SER D 74 -50.54 14.26 -27.74
CA SER D 74 -51.10 13.54 -26.60
C SER D 74 -50.03 13.37 -25.51
N GLU D 75 -50.48 12.90 -24.34
CA GLU D 75 -49.55 12.63 -23.26
C GLU D 75 -48.53 11.55 -23.60
N ASN D 76 -48.81 10.76 -24.65
CA ASN D 76 -47.85 9.73 -25.06
C ASN D 76 -46.50 10.35 -25.39
N ALA D 77 -46.50 11.46 -26.13
CA ALA D 77 -45.24 12.10 -26.52
C ALA D 77 -44.48 12.59 -25.29
N LEU D 78 -45.15 13.26 -24.36
CA LEU D 78 -44.47 13.77 -23.17
C LEU D 78 -43.94 12.62 -22.33
N LYS D 79 -44.73 11.55 -22.16
CA LYS D 79 -44.26 10.39 -21.43
C LYS D 79 -43.11 9.68 -22.13
N SER D 80 -42.99 9.84 -23.45
CA SER D 80 -41.85 9.33 -24.19
C SER D 80 -40.86 10.42 -24.56
N ALA D 81 -41.10 11.67 -24.13
CA ALA D 81 -40.20 12.76 -24.47
C ALA D 81 -38.81 12.54 -23.89
N ASP D 82 -38.74 12.07 -22.65
CA ASP D 82 -37.44 11.80 -22.04
C ASP D 82 -36.66 10.76 -22.84
N THR D 83 -37.34 9.71 -23.29
CA THR D 83 -36.69 8.73 -24.16
C THR D 83 -36.24 9.37 -25.46
N ILE D 84 -37.07 10.25 -26.03
CA ILE D 84 -36.68 10.95 -27.25
C ILE D 84 -35.44 11.79 -27.01
N PHE D 85 -35.40 12.52 -25.90
CA PHE D 85 -34.23 13.31 -25.57
C PHE D 85 -33.02 12.42 -25.26
N SER D 86 -33.27 11.21 -24.74
CA SER D 86 -32.18 10.29 -24.45
C SER D 86 -31.55 9.74 -25.72
N LEU D 87 -32.19 9.93 -26.88
CA LEU D 87 -31.66 9.38 -28.12
C LEU D 87 -30.34 10.03 -28.50
N GLY D 88 -30.15 11.31 -28.16
CA GLY D 88 -28.91 11.98 -28.51
C GLY D 88 -27.68 11.31 -27.95
N GLY D 89 -27.78 10.72 -26.76
CA GLY D 89 -26.67 10.00 -26.18
C GLY D 89 -26.39 8.67 -26.85
N LEU D 90 -27.38 8.12 -27.54
CA LEU D 90 -27.18 6.90 -28.30
C LEU D 90 -27.21 7.15 -29.80
N LEU D 91 -27.69 8.32 -30.25
CA LEU D 91 -27.59 8.68 -31.66
C LEU D 91 -26.15 8.82 -32.10
N LEU D 92 -25.25 9.18 -31.20
CA LEU D 92 -23.82 9.23 -31.49
C LEU D 92 -23.08 7.99 -31.03
N GLU D 93 -23.60 7.28 -30.03
CA GLU D 93 -23.07 5.97 -29.71
C GLU D 93 -23.15 5.04 -30.91
N ILE D 94 -24.17 5.24 -31.77
CA ILE D 94 -24.18 4.63 -33.09
C ILE D 94 -23.35 5.49 -34.03
N LYS D 95 -23.05 4.94 -35.21
CA LYS D 95 -22.18 5.62 -36.16
C LYS D 95 -22.69 5.46 -37.58
N ALA D 96 -22.29 6.39 -38.45
CA ALA D 96 -22.74 6.40 -39.83
C ALA D 96 -22.37 5.11 -40.57
N ASP D 97 -21.37 4.39 -40.10
CA ASP D 97 -20.95 3.14 -40.75
C ASP D 97 -22.04 2.07 -40.73
N ASP D 98 -23.05 2.24 -39.87
CA ASP D 98 -24.12 1.26 -39.78
C ASP D 98 -25.39 1.82 -40.43
N SER D 99 -26.23 0.91 -40.91
CA SER D 99 -27.48 1.29 -41.56
C SER D 99 -28.55 1.56 -40.50
N LEU D 100 -29.12 2.77 -40.55
CA LEU D 100 -30.14 3.14 -39.58
C LEU D 100 -31.32 2.17 -39.60
N ASN D 101 -31.63 1.61 -40.77
CA ASN D 101 -32.71 0.63 -40.84
C ASN D 101 -32.37 -0.61 -40.01
N GLN D 102 -31.16 -1.14 -40.19
CA GLN D 102 -30.76 -2.31 -39.42
C GLN D 102 -30.60 -1.96 -37.94
N VAL D 103 -30.18 -0.72 -37.64
CA VAL D 103 -30.13 -0.30 -36.24
C VAL D 103 -31.52 -0.35 -35.63
N ALA D 104 -32.52 0.17 -36.35
CA ALA D 104 -33.88 0.14 -35.86
C ALA D 104 -34.37 -1.30 -35.66
N GLU D 105 -34.08 -2.18 -36.63
CA GLU D 105 -34.50 -3.56 -36.50
C GLU D 105 -33.86 -4.23 -35.29
N ASP D 106 -32.55 -4.06 -35.13
CA ASP D 106 -31.84 -4.70 -34.03
C ASP D 106 -32.29 -4.15 -32.68
N LEU D 107 -32.55 -2.84 -32.59
CA LEU D 107 -33.02 -2.27 -31.34
C LEU D 107 -34.46 -2.68 -31.05
N THR D 108 -35.29 -2.86 -32.08
CA THR D 108 -36.61 -3.42 -31.86
C THR D 108 -36.51 -4.84 -31.30
N ASN D 109 -35.59 -5.64 -31.85
CA ASN D 109 -35.35 -6.96 -31.29
C ASN D 109 -34.88 -6.88 -29.84
N ALA D 110 -33.97 -5.95 -29.54
CA ALA D 110 -33.47 -5.80 -28.19
C ALA D 110 -34.59 -5.43 -27.22
N TYR D 111 -35.47 -4.52 -27.64
CA TYR D 111 -36.59 -4.13 -26.79
C TYR D 111 -37.58 -5.28 -26.61
N ALA D 112 -37.86 -6.04 -27.68
CA ALA D 112 -38.77 -7.16 -27.57
C ALA D 112 -38.18 -8.29 -26.73
N LYS D 113 -36.85 -8.32 -26.58
CA LYS D 113 -36.21 -9.36 -25.78
C LYS D 113 -36.09 -8.96 -24.32
N GLU D 114 -35.67 -7.72 -24.06
CA GLU D 114 -35.44 -7.24 -22.71
C GLU D 114 -36.55 -6.33 -22.21
N GLY D 115 -37.49 -5.92 -23.08
CA GLY D 115 -38.48 -4.93 -22.72
C GLY D 115 -39.78 -5.51 -22.25
N GLU D 116 -40.84 -4.72 -22.38
CA GLU D 116 -42.15 -5.09 -21.84
C GLU D 116 -42.74 -6.32 -22.53
N GLU D 117 -42.75 -6.34 -23.86
CA GLU D 117 -43.52 -7.32 -24.60
C GLU D 117 -42.68 -7.94 -25.70
N GLU D 118 -42.94 -9.21 -25.99
CA GLU D 118 -42.48 -9.83 -27.22
C GLU D 118 -43.39 -9.37 -28.35
N ILE D 119 -43.03 -8.25 -28.97
CA ILE D 119 -43.94 -7.53 -29.84
C ILE D 119 -44.41 -8.44 -30.97
N GLY D 120 -45.70 -8.34 -31.29
CA GLY D 120 -46.21 -9.03 -32.46
C GLY D 120 -45.63 -8.43 -33.74
N THR D 121 -45.67 -9.23 -34.80
CA THR D 121 -45.00 -8.83 -36.04
C THR D 121 -45.51 -7.48 -36.56
N GLU D 122 -46.82 -7.26 -36.50
CA GLU D 122 -47.35 -6.00 -37.01
C GLU D 122 -46.84 -4.82 -36.19
N GLN D 123 -46.89 -4.92 -34.86
CA GLN D 123 -46.41 -3.82 -34.03
C GLN D 123 -44.89 -3.77 -34.03
N ARG D 124 -44.22 -4.91 -34.25
CA ARG D 124 -42.77 -4.89 -34.43
C ARG D 124 -42.39 -4.04 -35.64
N GLU D 125 -43.07 -4.27 -36.77
CA GLU D 125 -42.80 -3.49 -37.96
C GLU D 125 -43.18 -2.03 -37.75
N GLN D 126 -44.29 -1.78 -37.05
CA GLN D 126 -44.68 -0.40 -36.75
C GLN D 126 -43.59 0.30 -35.94
N LEU D 127 -43.06 -0.37 -34.93
CA LEU D 127 -42.00 0.21 -34.11
C LEU D 127 -40.74 0.47 -34.94
N ILE D 128 -40.37 -0.48 -35.80
CA ILE D 128 -39.18 -0.29 -36.63
C ILE D 128 -39.37 0.90 -37.56
N HIS D 129 -40.54 1.00 -38.18
CA HIS D 129 -40.83 2.11 -39.09
C HIS D 129 -40.81 3.44 -38.34
N ASN D 130 -41.38 3.47 -37.13
CA ASN D 130 -41.38 4.69 -36.34
C ASN D 130 -39.96 5.08 -35.95
N LEU D 131 -39.13 4.10 -35.59
CA LEU D 131 -37.72 4.37 -35.30
C LEU D 131 -37.03 4.98 -36.51
N LEU D 132 -37.24 4.39 -37.68
CA LEU D 132 -36.63 4.94 -38.88
C LEU D 132 -37.09 6.37 -39.15
N ILE D 133 -38.38 6.63 -38.94
CA ILE D 133 -38.91 7.97 -39.18
C ILE D 133 -38.27 8.97 -38.21
N VAL D 134 -38.24 8.63 -36.92
CA VAL D 134 -37.81 9.59 -35.91
C VAL D 134 -36.30 9.59 -35.74
N LEU D 135 -35.65 8.42 -35.74
CA LEU D 135 -34.20 8.38 -35.62
C LEU D 135 -33.55 9.09 -36.80
N GLN D 136 -34.20 9.10 -37.96
CA GLN D 136 -33.75 9.93 -39.06
C GLN D 136 -33.89 11.41 -38.71
N LYS D 137 -33.46 12.30 -39.61
CA LYS D 137 -33.43 13.72 -39.30
C LYS D 137 -32.57 13.96 -38.06
N ALA D 138 -33.18 14.29 -36.92
CA ALA D 138 -32.49 14.41 -35.64
C ALA D 138 -31.09 15.01 -35.77
N GLU D 139 -30.98 16.13 -36.51
CA GLU D 139 -29.66 16.68 -36.79
C GLU D 139 -29.18 17.57 -35.66
N ASN D 140 -29.98 18.57 -35.28
CA ASN D 140 -29.57 19.50 -34.24
C ASN D 140 -29.40 18.80 -32.90
N LEU D 141 -30.29 17.87 -32.55
CA LEU D 141 -30.14 17.13 -31.30
C LEU D 141 -28.86 16.31 -31.28
N LYS D 142 -28.57 15.63 -32.40
CA LYS D 142 -27.35 14.83 -32.48
C LYS D 142 -26.12 15.72 -32.35
N LYS D 143 -26.13 16.88 -33.02
CA LYS D 143 -25.01 17.80 -32.91
C LYS D 143 -24.87 18.35 -31.49
N THR D 144 -26.00 18.60 -30.82
CA THR D 144 -25.95 19.06 -29.44
C THR D 144 -25.28 18.03 -28.55
N PHE D 145 -25.67 16.76 -28.69
CA PHE D 145 -25.06 15.75 -27.84
C PHE D 145 -23.63 15.45 -28.26
N LYS D 146 -23.27 15.76 -29.52
CA LYS D 146 -21.86 15.67 -29.90
C LYS D 146 -21.06 16.76 -29.20
N ALA D 147 -21.61 17.97 -29.15
CA ALA D 147 -20.95 19.05 -28.41
C ALA D 147 -20.77 18.65 -26.96
N TYR D 148 -21.79 18.04 -26.37
CA TYR D 148 -21.64 17.52 -25.01
C TYR D 148 -20.58 16.43 -24.94
N ARG D 149 -20.51 15.58 -25.97
CA ARG D 149 -19.50 14.54 -26.03
C ARG D 149 -18.11 15.17 -26.20
N LEU D 150 -17.97 16.08 -27.15
CA LEU D 150 -16.71 16.80 -27.29
C LEU D 150 -16.40 17.59 -26.03
N LEU D 151 -17.43 17.94 -25.27
CA LEU D 151 -17.23 18.68 -24.03
C LEU D 151 -16.45 17.86 -23.01
N PHE D 152 -16.90 16.62 -22.74
CA PHE D 152 -16.37 15.87 -21.61
C PHE D 152 -15.41 14.76 -22.03
N GLU D 153 -14.62 14.98 -23.07
CA GLU D 153 -13.44 14.14 -23.26
C GLU D 153 -12.41 14.39 -22.18
N ASN D 154 -12.56 15.49 -21.43
CA ASN D 154 -11.63 15.86 -20.39
C ASN D 154 -11.87 15.03 -19.13
N THR D 155 -11.25 15.44 -18.03
CA THR D 155 -11.28 14.66 -16.81
C THR D 155 -12.33 15.18 -15.83
N ARG D 156 -12.47 16.49 -15.71
CA ARG D 156 -13.26 17.06 -14.63
C ARG D 156 -13.83 18.42 -15.02
N SER D 157 -14.85 18.85 -14.26
CA SER D 157 -15.52 20.12 -14.47
C SER D 157 -16.16 20.59 -13.17
N PHE D 158 -16.32 21.91 -13.06
CA PHE D 158 -16.92 22.52 -11.88
C PHE D 158 -18.35 22.05 -11.69
N ARG D 159 -18.88 22.31 -10.50
CA ARG D 159 -20.34 22.39 -10.34
C ARG D 159 -20.76 23.60 -9.52
N LYS D 160 -19.94 24.04 -8.56
CA LYS D 160 -20.33 25.14 -7.70
C LYS D 160 -19.15 25.51 -6.80
N SER D 161 -19.32 26.58 -6.05
CA SER D 161 -18.30 27.08 -5.13
C SER D 161 -18.96 27.96 -4.08
N ARG D 162 -18.22 28.21 -3.01
CA ARG D 162 -18.68 29.03 -1.90
C ARG D 162 -17.50 29.80 -1.33
N VAL D 163 -17.73 31.07 -1.03
CA VAL D 163 -16.69 31.96 -0.52
C VAL D 163 -16.92 32.21 0.96
N MET D 164 -15.84 32.06 1.74
CA MET D 164 -15.89 32.23 3.18
C MET D 164 -14.72 33.09 3.62
N THR D 165 -15.00 34.06 4.49
CA THR D 165 -13.96 34.95 4.99
C THR D 165 -14.15 35.16 6.48
N ASP D 166 -13.02 35.37 7.18
CA ASP D 166 -13.01 35.49 8.62
C ASP D 166 -12.03 36.60 8.99
N MET D 167 -12.23 37.18 10.17
CA MET D 167 -11.33 38.21 10.68
C MET D 167 -11.02 37.89 12.12
N ARG D 168 -9.80 38.23 12.56
CA ARG D 168 -9.33 37.90 13.89
C ARG D 168 -8.46 39.03 14.42
N MET D 169 -8.57 39.31 15.72
CA MET D 169 -7.88 40.44 16.33
C MET D 169 -6.59 40.00 16.99
N ILE D 170 -5.69 40.96 17.20
CA ILE D 170 -4.36 40.70 17.73
C ILE D 170 -4.37 41.11 19.20
N PHE D 171 -3.79 40.25 20.05
CA PHE D 171 -3.83 40.47 21.48
C PHE D 171 -2.42 40.61 22.03
N ASP D 172 -2.34 40.86 23.34
CA ASP D 172 -1.06 41.00 24.02
C ASP D 172 -0.85 39.83 24.98
N ASP D 173 0.42 39.58 25.30
CA ASP D 173 0.75 38.59 26.32
C ASP D 173 0.15 38.97 27.68
N ASP D 174 0.26 40.25 28.05
CA ASP D 174 -0.41 40.79 29.23
C ASP D 174 -1.41 41.83 28.72
N PHE D 175 -2.66 41.70 29.15
CA PHE D 175 -3.73 42.56 28.67
C PHE D 175 -3.79 43.88 29.44
N GLN D 176 -2.69 44.28 30.08
CA GLN D 176 -2.56 45.66 30.53
C GLN D 176 -2.64 46.61 29.35
N LYS D 177 -2.35 46.13 28.14
CA LYS D 177 -2.56 46.88 26.92
C LYS D 177 -3.89 46.46 26.29
N LYS D 178 -4.68 47.45 25.86
CA LYS D 178 -5.94 47.17 25.19
C LYS D 178 -5.67 46.73 23.75
N ASN D 179 -6.55 45.87 23.24
CA ASN D 179 -6.37 45.34 21.89
C ASN D 179 -6.70 46.42 20.86
N GLN D 180 -5.70 46.78 20.06
CA GLN D 180 -5.86 47.82 19.05
C GLN D 180 -5.81 47.28 17.62
N THR D 181 -5.49 46.00 17.44
CA THR D 181 -5.10 45.50 16.13
C THR D 181 -5.76 44.17 15.80
N GLY D 182 -5.93 43.91 14.51
CA GLY D 182 -6.48 42.65 14.05
C GLY D 182 -6.02 42.29 12.66
N LEU D 183 -6.50 41.14 12.18
CA LEU D 183 -6.14 40.58 10.89
C LEU D 183 -7.36 39.99 10.21
N ILE D 184 -7.47 40.22 8.90
CA ILE D 184 -8.58 39.74 8.10
C ILE D 184 -8.06 38.74 7.08
N ILE D 185 -8.75 37.60 6.98
CA ILE D 185 -8.36 36.53 6.07
C ILE D 185 -9.58 36.15 5.24
N HIS D 186 -9.33 35.48 4.11
CA HIS D 186 -10.39 35.08 3.20
C HIS D 186 -10.22 33.61 2.83
N GLN D 187 -11.35 32.96 2.54
CA GLN D 187 -11.36 31.55 2.17
C GLN D 187 -12.31 31.34 1.01
N LEU D 188 -11.92 30.45 0.09
CA LEU D 188 -12.78 30.01 -0.98
C LEU D 188 -12.85 28.49 -0.97
N LYS D 189 -14.04 27.97 -1.26
CA LYS D 189 -14.25 26.54 -1.40
C LYS D 189 -15.11 26.29 -2.64
N LEU D 190 -14.74 25.24 -3.37
CA LEU D 190 -15.25 24.99 -4.71
C LEU D 190 -15.66 23.53 -4.85
N GLU D 191 -16.54 23.26 -5.79
CA GLU D 191 -17.04 21.92 -6.06
C GLU D 191 -16.95 21.63 -7.54
N TYR D 192 -16.68 20.37 -7.86
CA TYR D 192 -16.45 19.97 -9.25
C TYR D 192 -16.64 18.47 -9.37
N ILE D 193 -16.84 18.01 -10.60
CA ILE D 193 -16.96 16.60 -10.93
C ILE D 193 -15.71 16.20 -11.69
N GLU D 194 -15.09 15.10 -11.28
CA GLU D 194 -13.95 14.53 -12.00
C GLU D 194 -14.24 13.07 -12.32
N ASP D 195 -14.07 12.71 -13.59
CA ASP D 195 -14.23 11.33 -14.04
C ASP D 195 -15.53 10.74 -13.51
N ASN D 196 -16.61 11.51 -13.64
CA ASN D 196 -17.93 11.13 -13.17
C ASN D 196 -18.01 11.05 -11.64
N THR D 197 -17.08 11.71 -10.95
CA THR D 197 -17.04 11.71 -9.49
C THR D 197 -17.05 13.14 -8.98
N SER D 198 -17.95 13.44 -8.06
CA SER D 198 -18.05 14.77 -7.49
C SER D 198 -16.90 15.04 -6.55
N LYS D 199 -16.44 16.29 -6.52
CA LYS D 199 -15.26 16.67 -5.74
C LYS D 199 -15.38 18.11 -5.30
N GLU D 200 -14.51 18.48 -4.36
CA GLU D 200 -14.44 19.85 -3.86
C GLU D 200 -12.99 20.16 -3.49
N PHE D 201 -12.71 21.45 -3.29
CA PHE D 201 -11.35 21.89 -3.05
C PHE D 201 -11.40 23.20 -2.27
N PHE D 202 -10.48 23.34 -1.31
CA PHE D 202 -10.58 24.38 -0.29
C PHE D 202 -9.28 25.19 -0.27
N ILE D 203 -9.41 26.52 -0.20
CA ILE D 203 -8.24 27.40 -0.21
C ILE D 203 -8.57 28.67 0.57
N SER D 204 -7.52 29.32 1.08
CA SER D 204 -7.62 30.61 1.77
C SER D 204 -6.90 31.69 0.99
N LEU D 205 -7.45 32.90 1.00
CA LEU D 205 -6.99 33.98 0.16
C LEU D 205 -6.82 35.27 0.96
N ASP D 206 -6.25 36.26 0.30
CA ASP D 206 -6.20 37.64 0.77
C ASP D 206 -6.84 38.55 -0.28
N ASN D 207 -7.28 39.73 0.16
CA ASN D 207 -8.07 40.59 -0.70
C ASN D 207 -7.31 40.98 -1.96
N ASP D 208 -6.01 41.23 -1.83
CA ASP D 208 -5.23 41.66 -2.98
C ASP D 208 -5.22 40.60 -4.08
N ASP D 209 -5.04 39.34 -3.71
CA ASP D 209 -5.05 38.29 -4.71
C ASP D 209 -6.44 38.11 -5.31
N VAL D 210 -7.48 38.32 -4.50
CA VAL D 210 -8.84 38.27 -5.03
C VAL D 210 -9.02 39.34 -6.10
N LEU D 211 -8.54 40.55 -5.82
CA LEU D 211 -8.63 41.62 -6.80
C LEU D 211 -7.84 41.28 -8.06
N LYS D 212 -6.65 40.72 -7.88
CA LYS D 212 -5.82 40.35 -9.03
C LYS D 212 -6.53 39.30 -9.88
N LEU D 213 -7.13 38.31 -9.23
CA LEU D 213 -7.88 37.29 -9.96
C LEU D 213 -9.08 37.89 -10.67
N SER D 214 -9.75 38.85 -10.02
CA SER D 214 -10.84 39.54 -10.67
C SER D 214 -10.35 40.24 -11.94
N GLU D 215 -9.19 40.88 -11.87
CA GLU D 215 -8.63 41.52 -13.05
C GLU D 215 -8.33 40.50 -14.15
N GLU D 216 -7.72 39.38 -13.77
CA GLU D 216 -7.42 38.33 -14.75
C GLU D 216 -8.69 37.85 -15.44
N LEU D 217 -9.70 37.50 -14.65
CA LEU D 217 -10.91 36.93 -15.22
C LEU D 217 -11.68 37.97 -16.03
N LYS D 218 -11.57 39.25 -15.65
CA LYS D 218 -12.20 40.29 -16.44
C LYS D 218 -11.50 40.45 -17.78
N ARG D 219 -10.17 40.37 -17.78
CA ARG D 219 -9.43 40.40 -19.03
C ARG D 219 -9.82 39.24 -19.93
N SER D 220 -9.92 38.05 -19.35
CA SER D 220 -10.33 36.89 -20.13
C SER D 220 -11.76 37.04 -20.63
N LEU D 221 -12.63 37.68 -19.84
CA LEU D 221 -13.99 37.93 -20.29
C LEU D 221 -14.01 38.87 -21.49
N GLU D 222 -13.18 39.91 -21.44
CA GLU D 222 -13.06 40.79 -22.60
C GLU D 222 -12.54 40.03 -23.81
N LYS D 223 -11.59 39.12 -23.58
CA LYS D 223 -11.13 38.25 -24.66
C LYS D 223 -12.29 37.45 -25.24
N GLU D 224 -13.12 36.88 -24.37
CA GLU D 224 -14.23 36.06 -24.82
C GLU D 224 -15.24 36.90 -25.61
N GLU D 225 -15.47 38.13 -25.18
CA GLU D 225 -16.36 39.02 -25.92
C GLU D 225 -15.78 39.35 -27.29
N CYS D 226 -14.48 39.64 -27.35
CA CYS D 226 -13.85 39.88 -28.64
C CYS D 226 -13.93 38.64 -29.52
N ILE D 227 -13.94 37.45 -28.92
CA ILE D 227 -14.07 36.22 -29.68
C ILE D 227 -15.50 36.05 -30.19
N LYS D 228 -16.49 36.34 -29.35
CA LYS D 228 -17.85 36.52 -29.85
C LYS D 228 -17.86 37.39 -31.09
N ARG D 229 -17.12 38.50 -31.06
CA ARG D 229 -17.19 39.48 -32.13
C ARG D 229 -16.41 39.03 -33.37
N ASP D 230 -15.35 38.26 -33.19
CA ASP D 230 -14.40 38.02 -34.28
C ASP D 230 -15.03 37.28 -35.46
N PHE D 231 -15.72 36.17 -35.20
CA PHE D 231 -16.30 35.36 -36.25
C PHE D 231 -17.80 35.59 -36.38
N ASP D 232 -18.18 36.71 -37.00
CA ASP D 232 -19.58 36.96 -37.29
C ASP D 232 -20.15 35.93 -38.27
N GLN D 233 -19.30 35.22 -39.00
CA GLN D 233 -19.75 34.23 -39.98
C GLN D 233 -20.17 32.92 -39.33
N VAL D 234 -19.83 32.69 -38.06
CA VAL D 234 -20.09 31.43 -37.39
C VAL D 234 -20.78 31.72 -36.06
N GLN D 235 -21.57 30.75 -35.60
CA GLN D 235 -22.23 30.86 -34.31
C GLN D 235 -21.50 30.03 -33.27
N PHE D 236 -21.52 30.49 -32.02
CA PHE D 236 -20.91 29.78 -30.91
C PHE D 236 -21.92 29.73 -29.77
N ILE D 237 -22.06 28.54 -29.16
CA ILE D 237 -23.20 28.23 -28.32
C ILE D 237 -22.74 27.91 -26.91
N ASN D 238 -23.62 28.15 -25.95
CA ASN D 238 -23.48 27.65 -24.59
C ASN D 238 -24.44 26.48 -24.42
N ILE D 239 -23.91 25.35 -23.95
CA ILE D 239 -24.67 24.11 -23.87
C ILE D 239 -24.79 23.70 -22.42
N LYS D 240 -26.02 23.39 -22.00
CA LYS D 240 -26.28 23.04 -20.61
C LYS D 240 -27.20 21.83 -20.51
N MET E 21 32.04 -6.99 19.91
CA MET E 21 32.88 -6.72 21.11
C MET E 21 31.99 -6.63 22.34
N LYS E 22 32.61 -6.37 23.50
CA LYS E 22 31.86 -6.35 24.75
C LYS E 22 30.80 -5.26 24.76
N TYR E 23 31.14 -4.06 24.29
CA TYR E 23 30.22 -2.92 24.36
C TYR E 23 30.27 -2.14 23.07
N LYS E 24 29.13 -1.53 22.72
CA LYS E 24 29.05 -0.60 21.61
C LYS E 24 29.65 0.74 22.05
N ILE E 25 30.98 0.78 22.10
CA ILE E 25 31.69 1.89 22.73
C ILE E 25 31.49 3.15 21.91
N PRO E 26 30.96 4.23 22.50
CA PRO E 26 31.00 5.53 21.81
C PRO E 26 32.43 5.98 21.59
N LYS E 27 32.67 6.64 20.47
CA LYS E 27 34.02 7.10 20.15
C LYS E 27 34.38 8.38 20.89
N ASN E 28 33.44 9.00 21.60
CA ASN E 28 33.75 10.17 22.39
C ASN E 28 34.15 9.80 23.82
N PHE E 29 33.73 8.64 24.30
CA PHE E 29 34.07 8.20 25.64
C PHE E 29 35.50 7.68 25.74
N LEU E 30 36.21 7.59 24.61
CA LEU E 30 37.55 7.03 24.61
C LEU E 30 38.49 7.83 25.50
N SER E 31 38.38 9.16 25.46
CA SER E 31 39.20 9.99 26.34
C SER E 31 38.86 9.72 27.80
N GLY E 32 37.57 9.56 28.13
CA GLY E 32 37.20 9.21 29.48
C GLY E 32 37.78 7.86 29.90
N PHE E 33 37.75 6.90 28.99
CA PHE E 33 38.35 5.60 29.29
C PHE E 33 39.85 5.72 29.53
N GLN E 34 40.54 6.53 28.74
CA GLN E 34 41.97 6.75 28.96
C GLN E 34 42.21 7.38 30.33
N ILE E 35 41.42 8.39 30.68
CA ILE E 35 41.56 9.05 31.97
C ILE E 35 41.36 8.04 33.10
N LEU E 36 40.31 7.22 33.00
CA LEU E 36 40.05 6.22 34.02
C LEU E 36 41.17 5.19 34.11
N SER E 37 41.72 4.76 32.98
CA SER E 37 42.83 3.82 32.99
C SER E 37 44.06 4.42 33.67
N GLN E 38 44.35 5.70 33.42
CA GLN E 38 45.50 6.34 34.04
C GLN E 38 45.17 7.00 35.37
N LEU E 39 43.93 6.92 35.82
CA LEU E 39 43.52 7.66 37.01
C LEU E 39 44.19 7.09 38.26
N ASP E 40 44.37 7.95 39.26
CA ASP E 40 45.03 7.56 40.50
C ASP E 40 44.14 6.62 41.31
N LYS E 41 44.79 5.75 42.10
CA LYS E 41 44.05 4.84 42.96
C LYS E 41 43.25 5.57 44.03
N LYS E 42 43.82 6.63 44.61
CA LYS E 42 43.08 7.41 45.60
C LYS E 42 41.82 8.02 44.99
N GLU E 43 41.94 8.58 43.79
CA GLU E 43 40.78 9.22 43.16
C GLU E 43 39.67 8.22 42.87
N ILE E 44 40.00 7.05 42.33
CA ILE E 44 38.97 6.06 42.02
C ILE E 44 38.30 5.56 43.29
N GLU E 45 39.07 5.30 44.34
CA GLU E 45 38.47 4.84 45.60
C GLU E 45 37.55 5.91 46.19
N GLU E 46 37.98 7.17 46.19
CA GLU E 46 37.13 8.24 46.71
C GLU E 46 35.86 8.39 45.88
N LEU E 47 35.98 8.29 44.56
CA LEU E 47 34.80 8.38 43.70
C LEU E 47 33.85 7.23 43.95
N ALA E 48 34.40 6.02 44.16
CA ALA E 48 33.55 4.88 44.50
C ALA E 48 32.80 5.12 45.81
N LYS E 49 33.50 5.66 46.81
CA LYS E 49 32.84 5.99 48.08
C LYS E 49 31.71 6.98 47.84
N LEU E 50 31.99 8.06 47.11
CA LEU E 50 30.98 9.10 46.87
C LEU E 50 29.78 8.52 46.13
N LEU E 51 30.03 7.68 45.12
CA LEU E 51 28.95 7.04 44.39
C LEU E 51 28.12 6.13 45.29
N GLY E 52 28.78 5.39 46.18
CA GLY E 52 28.05 4.60 47.15
C GLY E 52 27.25 5.44 48.12
N GLU E 53 27.63 6.71 48.30
CA GLU E 53 26.82 7.65 49.05
C GLU E 53 25.80 8.40 48.20
N LEU E 54 25.77 8.18 46.89
CA LEU E 54 24.85 8.91 46.03
C LEU E 54 23.41 8.49 46.29
N PRO E 55 22.49 9.43 46.50
CA PRO E 55 21.08 9.05 46.60
C PRO E 55 20.50 8.70 45.24
N VAL E 56 19.42 7.92 45.26
CA VAL E 56 18.78 7.52 44.01
C VAL E 56 18.14 8.74 43.36
N GLY E 57 18.14 8.77 42.03
CA GLY E 57 17.50 9.81 41.27
C GLY E 57 18.36 11.03 40.95
N SER E 58 19.59 11.08 41.45
CA SER E 58 20.47 12.21 41.14
C SER E 58 20.78 12.23 39.66
N ASN E 59 20.73 13.42 39.07
CA ASN E 59 20.95 13.57 37.63
C ASN E 59 22.40 13.92 37.34
N VAL E 60 22.75 13.88 36.05
CA VAL E 60 24.14 14.07 35.65
C VAL E 60 24.63 15.46 36.00
N GLN E 61 23.79 16.48 35.78
CA GLN E 61 24.23 17.84 36.04
C GLN E 61 24.59 18.04 37.51
N GLU E 62 23.74 17.55 38.42
CA GLU E 62 24.03 17.70 39.84
C GLU E 62 25.29 16.95 40.23
N PHE E 63 25.46 15.74 39.70
CA PHE E 63 26.65 14.96 40.01
C PHE E 63 27.91 15.67 39.55
N GLN E 64 27.89 16.21 38.33
CA GLN E 64 29.06 16.92 37.81
C GLN E 64 29.33 18.20 38.58
N SER E 65 28.27 18.93 38.96
CA SER E 65 28.47 20.13 39.76
C SER E 65 29.07 19.80 41.12
N ALA E 66 28.59 18.73 41.76
CA ALA E 66 29.16 18.31 43.03
C ALA E 66 30.63 17.91 42.86
N ILE E 67 30.95 17.21 41.77
CA ILE E 67 32.34 16.86 41.50
C ILE E 67 33.19 18.12 41.37
N GLN E 68 32.67 19.12 40.63
CA GLN E 68 33.41 20.37 40.47
C GLN E 68 33.64 21.05 41.80
N THR E 69 32.62 21.11 42.65
CA THR E 69 32.75 21.78 43.94
C THR E 69 33.60 21.01 44.93
N ASN E 70 33.88 19.73 44.66
CA ASN E 70 34.74 18.94 45.53
C ASN E 70 36.20 19.25 45.19
N LYS E 71 36.91 19.81 46.17
CA LYS E 71 38.28 20.27 45.93
C LYS E 71 39.26 19.12 45.73
N GLU E 72 39.07 18.00 46.41
CA GLU E 72 40.01 16.88 46.30
C GLU E 72 39.98 16.23 44.93
N LEU E 73 38.99 16.54 44.10
CA LEU E 73 38.85 15.91 42.80
C LEU E 73 39.52 16.75 41.72
N SER E 74 40.38 16.11 40.94
CA SER E 74 40.98 16.78 39.80
C SER E 74 39.98 16.88 38.65
N GLU E 75 40.35 17.64 37.62
CA GLU E 75 39.49 17.75 36.44
C GLU E 75 39.31 16.42 35.72
N ASN E 76 40.17 15.44 36.00
CA ASN E 76 40.00 14.13 35.39
C ASN E 76 38.63 13.54 35.70
N ALA E 77 38.20 13.63 36.96
CA ALA E 77 36.91 13.07 37.34
C ALA E 77 35.77 13.76 36.61
N LEU E 78 35.77 15.10 36.57
CA LEU E 78 34.70 15.82 35.89
C LEU E 78 34.69 15.49 34.40
N LYS E 79 35.87 15.45 33.77
CA LYS E 79 35.95 15.08 32.37
C LYS E 79 35.51 13.65 32.11
N SER E 80 35.61 12.78 33.12
CA SER E 80 35.09 11.42 33.03
C SER E 80 33.78 11.25 33.78
N ALA E 81 33.23 12.32 34.36
CA ALA E 81 31.98 12.22 35.11
C ALA E 81 30.84 11.78 34.20
N ASP E 82 30.77 12.32 32.99
CA ASP E 82 29.71 11.93 32.06
C ASP E 82 29.79 10.44 31.76
N THR E 83 31.00 9.92 31.55
CA THR E 83 31.15 8.48 31.35
C THR E 83 30.72 7.72 32.59
N ILE E 84 31.06 8.23 33.77
CA ILE E 84 30.63 7.58 35.02
C ILE E 84 29.10 7.55 35.09
N PHE E 85 28.46 8.67 34.77
CA PHE E 85 27.00 8.71 34.78
C PHE E 85 26.42 7.82 33.68
N SER E 86 27.16 7.65 32.58
CA SER E 86 26.68 6.80 31.50
C SER E 86 26.72 5.33 31.88
N LEU E 87 27.39 4.98 32.97
CA LEU E 87 27.50 3.58 33.37
C LEU E 87 26.15 2.99 33.75
N GLY E 88 25.25 3.81 34.29
CA GLY E 88 23.94 3.30 34.69
C GLY E 88 23.17 2.68 33.54
N GLY E 89 23.32 3.23 32.33
CA GLY E 89 22.66 2.66 31.17
C GLY E 89 23.27 1.36 30.69
N LEU E 90 24.52 1.11 31.07
CA LEU E 90 25.17 -0.16 30.76
C LEU E 90 25.37 -1.02 32.00
N LEU E 91 25.24 -0.45 33.20
CA LEU E 91 25.26 -1.26 34.41
C LEU E 91 24.10 -2.23 34.47
N LEU E 92 22.97 -1.89 33.84
CA LEU E 92 21.83 -2.78 33.74
C LEU E 92 21.78 -3.51 32.40
N GLU E 93 22.38 -2.95 31.36
CA GLU E 93 22.56 -3.71 30.13
C GLU E 93 23.38 -4.97 30.39
N ILE E 94 24.28 -4.91 31.37
CA ILE E 94 24.89 -6.13 31.91
C ILE E 94 23.95 -6.73 32.95
N LYS E 95 24.24 -7.97 33.35
CA LYS E 95 23.36 -8.69 34.25
C LYS E 95 24.16 -9.47 35.28
N ALA E 96 23.52 -9.77 36.42
CA ALA E 96 24.18 -10.47 37.51
C ALA E 96 24.71 -11.83 37.11
N ASP E 97 24.16 -12.42 36.04
CA ASP E 97 24.61 -13.73 35.58
C ASP E 97 26.06 -13.73 35.12
N ASP E 98 26.63 -12.55 34.86
CA ASP E 98 28.02 -12.45 34.42
C ASP E 98 28.89 -11.95 35.56
N SER E 99 30.17 -12.32 35.50
CA SER E 99 31.13 -11.92 36.52
C SER E 99 31.65 -10.51 36.21
N LEU E 100 31.49 -9.61 37.20
CA LEU E 100 31.93 -8.24 37.00
C LEU E 100 33.42 -8.17 36.65
N ASN E 101 34.22 -9.08 37.19
CA ASN E 101 35.63 -9.11 36.86
C ASN E 101 35.84 -9.38 35.37
N GLN E 102 35.16 -10.41 34.85
CA GLN E 102 35.28 -10.71 33.43
C GLN E 102 34.66 -9.62 32.57
N VAL E 103 33.61 -8.97 33.06
CA VAL E 103 33.05 -7.83 32.35
C VAL E 103 34.09 -6.73 32.23
N ALA E 104 34.78 -6.43 33.33
CA ALA E 104 35.83 -5.42 33.28
C ALA E 104 36.94 -5.80 32.32
N GLU E 105 37.36 -7.06 32.35
CA GLU E 105 38.42 -7.51 31.45
C GLU E 105 37.99 -7.38 29.99
N ASP E 106 36.79 -7.85 29.67
CA ASP E 106 36.31 -7.80 28.29
C ASP E 106 36.13 -6.37 27.81
N LEU E 107 35.62 -5.49 28.67
CA LEU E 107 35.45 -4.10 28.28
C LEU E 107 36.78 -3.37 28.15
N THR E 108 37.78 -3.75 28.96
CA THR E 108 39.12 -3.21 28.76
C THR E 108 39.66 -3.66 27.41
N ASN E 109 39.44 -4.92 27.04
CA ASN E 109 39.83 -5.38 25.71
C ASN E 109 39.10 -4.58 24.62
N ALA E 110 37.80 -4.36 24.81
CA ALA E 110 37.02 -3.62 23.81
C ALA E 110 37.55 -2.20 23.66
N TYR E 111 37.89 -1.54 24.76
CA TYR E 111 38.43 -0.19 24.69
C TYR E 111 39.80 -0.18 24.05
N ALA E 112 40.65 -1.16 24.38
CA ALA E 112 41.98 -1.22 23.78
C ALA E 112 41.91 -1.56 22.29
N LYS E 113 40.80 -2.15 21.84
CA LYS E 113 40.65 -2.50 20.43
C LYS E 113 40.04 -1.36 19.62
N GLU E 114 38.99 -0.74 20.16
CA GLU E 114 38.26 0.31 19.46
C GLU E 114 38.59 1.70 19.99
N GLY E 115 39.33 1.81 21.08
CA GLY E 115 39.54 3.08 21.74
C GLY E 115 40.83 3.75 21.34
N GLU E 116 41.31 4.64 22.22
CA GLU E 116 42.47 5.47 21.90
C GLU E 116 43.75 4.66 21.72
N GLU E 117 44.05 3.76 22.66
CA GLU E 117 45.36 3.13 22.73
C GLU E 117 45.22 1.63 22.90
N GLU E 118 46.17 0.90 22.32
CA GLU E 118 46.36 -0.51 22.67
C GLU E 118 47.11 -0.55 23.99
N ILE E 119 46.34 -0.56 25.09
CA ILE E 119 46.90 -0.29 26.42
C ILE E 119 48.00 -1.30 26.73
N GLY E 120 49.08 -0.81 27.33
CA GLY E 120 50.11 -1.69 27.83
C GLY E 120 49.58 -2.53 28.99
N THR E 121 50.26 -3.65 29.23
CA THR E 121 49.75 -4.62 30.20
C THR E 121 49.56 -3.98 31.58
N GLU E 122 50.51 -3.16 32.02
CA GLU E 122 50.39 -2.56 33.35
C GLU E 122 49.18 -1.64 33.42
N GLN E 123 48.99 -0.77 32.42
CA GLN E 123 47.84 0.12 32.43
C GLN E 123 46.56 -0.62 32.09
N ARG E 124 46.66 -1.72 31.34
CA ARG E 124 45.50 -2.58 31.12
C ARG E 124 45.00 -3.13 32.44
N GLU E 125 45.90 -3.66 33.26
CA GLU E 125 45.52 -4.20 34.57
C GLU E 125 45.03 -3.09 35.47
N GLN E 126 45.65 -1.91 35.41
CA GLN E 126 45.18 -0.78 36.21
C GLN E 126 43.75 -0.41 35.83
N LEU E 127 43.45 -0.36 34.52
CA LEU E 127 42.10 -0.05 34.08
C LEU E 127 41.10 -1.10 34.53
N ILE E 128 41.48 -2.38 34.43
CA ILE E 128 40.57 -3.44 34.84
C ILE E 128 40.29 -3.34 36.34
N HIS E 129 41.33 -3.11 37.14
CA HIS E 129 41.17 -2.98 38.58
C HIS E 129 40.30 -1.78 38.93
N ASN E 130 40.51 -0.66 38.22
CA ASN E 130 39.68 0.52 38.47
C ASN E 130 38.23 0.26 38.11
N LEU E 131 37.99 -0.44 36.99
CA LEU E 131 36.64 -0.81 36.62
C LEU E 131 35.99 -1.65 37.71
N LEU E 132 36.72 -2.66 38.21
CA LEU E 132 36.17 -3.49 39.28
C LEU E 132 35.86 -2.66 40.51
N ILE E 133 36.74 -1.73 40.86
CA ILE E 133 36.51 -0.90 42.05
C ILE E 133 35.27 -0.04 41.87
N VAL E 134 35.15 0.62 40.71
CA VAL E 134 34.07 1.60 40.53
C VAL E 134 32.80 0.94 40.04
N LEU E 135 32.88 -0.02 39.11
CA LEU E 135 31.69 -0.70 38.65
C LEU E 135 31.01 -1.45 39.80
N GLN E 136 31.80 -1.89 40.78
CA GLN E 136 31.21 -2.43 42.00
C GLN E 136 30.48 -1.32 42.75
N LYS E 137 29.84 -1.68 43.87
CA LYS E 137 28.99 -0.74 44.59
C LYS E 137 27.90 -0.20 43.67
N ALA E 138 28.00 1.05 43.22
CA ALA E 138 27.09 1.61 42.22
C ALA E 138 25.65 1.13 42.38
N GLU E 139 25.13 1.18 43.61
CA GLU E 139 23.80 0.61 43.86
C GLU E 139 22.71 1.60 43.52
N ASN E 140 22.76 2.80 44.11
CA ASN E 140 21.71 3.79 43.88
C ASN E 140 21.66 4.23 42.43
N LEU E 141 22.81 4.42 41.78
CA LEU E 141 22.82 4.79 40.36
C LEU E 141 22.19 3.70 39.50
N LYS E 142 22.55 2.45 39.77
CA LYS E 142 21.97 1.34 39.01
C LYS E 142 20.47 1.27 39.19
N LYS E 143 20.01 1.45 40.44
CA LYS E 143 18.57 1.43 40.69
C LYS E 143 17.88 2.61 40.02
N THR E 144 18.53 3.77 39.98
CA THR E 144 17.96 4.92 39.29
C THR E 144 17.77 4.63 37.82
N PHE E 145 18.80 4.06 37.18
CA PHE E 145 18.64 3.78 35.76
C PHE E 145 17.70 2.60 35.52
N LYS E 146 17.52 1.74 36.52
CA LYS E 146 16.48 0.72 36.39
C LYS E 146 15.10 1.35 36.41
N ALA E 147 14.90 2.31 37.31
CA ALA E 147 13.64 3.05 37.33
C ALA E 147 13.39 3.72 36.00
N TYR E 148 14.43 4.32 35.42
CA TYR E 148 14.31 4.89 34.08
C TYR E 148 13.99 3.79 33.06
N ARG E 149 14.61 2.62 33.21
CA ARG E 149 14.32 1.50 32.32
C ARG E 149 12.89 1.02 32.50
N LEU E 150 12.49 0.79 33.75
CA LEU E 150 11.10 0.43 34.02
C LEU E 150 10.17 1.54 33.57
N LEU E 151 10.67 2.77 33.51
CA LEU E 151 9.85 3.89 33.07
C LEU E 151 9.44 3.74 31.61
N PHE E 152 10.40 3.50 30.72
CA PHE E 152 10.13 3.58 29.30
C PHE E 152 10.02 2.23 28.63
N GLU E 153 9.46 1.23 29.31
CA GLU E 153 8.98 0.05 28.60
C GLU E 153 7.76 0.39 27.75
N ASN E 154 7.16 1.55 27.99
CA ASN E 154 5.97 1.98 27.26
C ASN E 154 6.36 2.50 25.88
N THR E 155 5.39 3.15 25.22
CA THR E 155 5.58 3.57 23.84
C THR E 155 5.95 5.04 23.74
N ARG E 156 5.36 5.89 24.57
CA ARG E 156 5.49 7.33 24.37
C ARG E 156 5.32 8.09 25.69
N SER E 157 5.77 9.34 25.67
CA SER E 157 5.69 10.22 26.84
C SER E 157 5.70 11.67 26.38
N PHE E 158 5.11 12.54 27.21
CA PHE E 158 5.04 13.96 26.93
C PHE E 158 6.43 14.57 26.82
N ARG E 159 6.48 15.79 26.28
CA ARG E 159 7.60 16.68 26.57
C ARG E 159 7.14 18.10 26.90
N LYS E 160 6.03 18.56 26.31
CA LYS E 160 5.59 19.92 26.52
C LYS E 160 4.24 20.12 25.84
N SER E 161 3.65 21.29 26.06
CA SER E 161 2.37 21.64 25.49
C SER E 161 2.22 23.15 25.48
N ARG E 162 1.25 23.63 24.71
CA ARG E 162 0.97 25.05 24.58
C ARG E 162 -0.53 25.25 24.40
N VAL E 163 -1.07 26.25 25.09
CA VAL E 163 -2.50 26.53 25.05
C VAL E 163 -2.75 27.77 24.22
N MET E 164 -3.72 27.67 23.30
CA MET E 164 -4.07 28.76 22.40
C MET E 164 -5.58 28.91 22.38
N THR E 165 -6.04 30.15 22.47
CA THR E 165 -7.48 30.43 22.46
C THR E 165 -7.75 31.65 21.58
N ASP E 166 -8.91 31.65 20.94
CA ASP E 166 -9.31 32.68 20.00
C ASP E 166 -10.78 33.02 20.24
N MET E 167 -11.16 34.22 19.83
CA MET E 167 -12.55 34.64 19.94
C MET E 167 -12.94 35.29 18.62
N ARG E 168 -14.21 35.14 18.23
CA ARG E 168 -14.70 35.63 16.95
C ARG E 168 -16.12 36.13 17.11
N MET E 169 -16.45 37.22 16.40
CA MET E 169 -17.74 37.87 16.56
C MET E 169 -18.71 37.42 15.48
N ILE E 170 -20.00 37.62 15.75
CA ILE E 170 -21.07 37.16 14.86
C ILE E 170 -21.59 38.37 14.10
N PHE E 171 -21.78 38.18 12.79
CA PHE E 171 -22.17 39.29 11.93
C PHE E 171 -23.52 39.01 11.28
N ASP E 172 -23.99 39.98 10.50
CA ASP E 172 -25.26 39.86 9.80
C ASP E 172 -25.02 39.78 8.29
N ASP E 173 -26.00 39.21 7.58
CA ASP E 173 -25.95 39.20 6.13
C ASP E 173 -25.95 40.62 5.57
N ASP E 174 -26.79 41.50 6.11
CA ASP E 174 -26.76 42.92 5.81
C ASP E 174 -26.39 43.65 7.10
N PHE E 175 -25.38 44.51 7.01
CA PHE E 175 -24.86 45.20 8.18
C PHE E 175 -25.66 46.44 8.53
N GLN E 176 -26.90 46.52 8.06
CA GLN E 176 -27.84 47.49 8.62
C GLN E 176 -28.03 47.25 10.11
N LYS E 177 -27.77 46.02 10.57
CA LYS E 177 -27.73 45.72 12.00
C LYS E 177 -26.28 45.75 12.49
N LYS E 178 -26.07 46.39 13.63
CA LYS E 178 -24.75 46.44 14.24
C LYS E 178 -24.43 45.10 14.89
N ASN E 179 -23.15 44.74 14.92
CA ASN E 179 -22.73 43.46 15.48
C ASN E 179 -22.82 43.50 17.01
N GLN E 180 -23.67 42.64 17.57
CA GLN E 180 -23.87 42.61 19.00
C GLN E 180 -23.34 41.33 19.65
N THR E 181 -22.87 40.36 18.85
CA THR E 181 -22.67 39.02 19.36
C THR E 181 -21.34 38.43 18.87
N GLY E 182 -20.80 37.50 19.66
CA GLY E 182 -19.60 36.80 19.29
C GLY E 182 -19.49 35.43 19.93
N LEU E 183 -18.38 34.75 19.62
CA LEU E 183 -18.13 33.39 20.08
C LEU E 183 -16.66 33.25 20.47
N ILE E 184 -16.42 32.54 21.57
CA ILE E 184 -15.09 32.33 22.09
C ILE E 184 -14.77 30.83 22.04
N ILE E 185 -13.58 30.51 21.52
CA ILE E 185 -13.14 29.13 21.36
C ILE E 185 -11.77 28.99 22.00
N HIS E 186 -11.38 27.76 22.30
CA HIS E 186 -10.11 27.47 22.93
C HIS E 186 -9.40 26.35 22.19
N GLN E 187 -8.07 26.37 22.24
CA GLN E 187 -7.23 25.39 21.57
C GLN E 187 -6.09 24.98 22.49
N LEU E 188 -5.76 23.69 22.45
CA LEU E 188 -4.59 23.17 23.13
C LEU E 188 -3.73 22.41 22.14
N LYS E 189 -2.42 22.54 22.29
CA LYS E 189 -1.45 21.80 21.50
C LYS E 189 -0.37 21.26 22.42
N LEU E 190 0.05 20.03 22.14
CA LEU E 190 0.87 19.26 23.06
C LEU E 190 2.00 18.59 22.30
N GLU E 191 3.07 18.27 23.01
CA GLU E 191 4.24 17.63 22.42
C GLU E 191 4.63 16.43 23.26
N TYR E 192 5.14 15.39 22.59
CA TYR E 192 5.46 14.14 23.26
C TYR E 192 6.43 13.36 22.39
N ILE E 193 7.09 12.38 23.03
CA ILE E 193 8.00 11.48 22.35
C ILE E 193 7.34 10.10 22.31
N GLU E 194 7.33 9.47 21.14
CA GLU E 194 6.85 8.11 21.01
C GLU E 194 7.92 7.27 20.34
N ASP E 195 8.24 6.13 20.95
CA ASP E 195 9.19 5.18 20.40
C ASP E 195 10.47 5.88 19.95
N ASN E 196 10.97 6.76 20.81
CA ASN E 196 12.17 7.55 20.55
C ASN E 196 11.95 8.57 19.44
N THR E 197 10.70 8.91 19.16
CA THR E 197 10.36 9.88 18.11
C THR E 197 9.49 10.99 18.70
N SER E 198 9.89 12.23 18.46
CA SER E 198 9.15 13.36 18.97
C SER E 198 7.86 13.56 18.19
N LYS E 199 6.82 14.01 18.88
CA LYS E 199 5.50 14.12 18.29
C LYS E 199 4.73 15.26 18.96
N GLU E 200 3.62 15.64 18.34
CA GLU E 200 2.73 16.67 18.86
C GLU E 200 1.31 16.34 18.45
N PHE E 201 0.35 17.02 19.09
CA PHE E 201 -1.05 16.73 18.88
C PHE E 201 -1.86 17.97 19.21
N PHE E 202 -2.89 18.22 18.39
CA PHE E 202 -3.57 19.52 18.38
C PHE E 202 -5.06 19.30 18.58
N ILE E 203 -5.69 20.11 19.45
CA ILE E 203 -7.11 19.99 19.75
C ILE E 203 -7.68 21.35 20.12
N SER E 204 -8.98 21.51 19.93
CA SER E 204 -9.72 22.70 20.31
C SER E 204 -10.73 22.38 21.40
N LEU E 205 -10.91 23.32 22.33
CA LEU E 205 -11.70 23.09 23.54
C LEU E 205 -12.67 24.24 23.77
N ASP E 206 -13.54 24.03 24.76
CA ASP E 206 -14.41 25.05 25.32
C ASP E 206 -14.15 25.15 26.82
N ASN E 207 -14.50 26.30 27.40
CA ASN E 207 -14.12 26.59 28.77
C ASN E 207 -14.69 25.56 29.74
N ASP E 208 -15.92 25.11 29.50
CA ASP E 208 -16.55 24.17 30.41
C ASP E 208 -15.76 22.87 30.48
N ASP E 209 -15.32 22.34 29.33
CA ASP E 209 -14.54 21.11 29.35
C ASP E 209 -13.19 21.32 30.01
N VAL E 210 -12.61 22.51 29.83
CA VAL E 210 -11.36 22.82 30.50
C VAL E 210 -11.54 22.77 32.00
N LEU E 211 -12.64 23.35 32.49
CA LEU E 211 -12.94 23.31 33.92
C LEU E 211 -13.15 21.88 34.39
N LYS E 212 -13.86 21.09 33.61
CA LYS E 212 -14.10 19.70 33.98
C LYS E 212 -12.79 18.92 34.05
N LEU E 213 -11.90 19.15 33.09
CA LEU E 213 -10.59 18.50 33.11
C LEU E 213 -9.79 18.95 34.31
N SER E 214 -9.88 20.24 34.64
CA SER E 214 -9.21 20.73 35.83
C SER E 214 -9.71 20.00 37.07
N GLU E 215 -11.02 19.79 37.16
CA GLU E 215 -11.58 19.05 38.29
C GLU E 215 -11.05 17.61 38.31
N GLU E 216 -11.04 16.96 37.16
CA GLU E 216 -10.53 15.59 37.10
C GLU E 216 -9.09 15.51 37.57
N LEU E 217 -8.23 16.38 37.02
CA LEU E 217 -6.82 16.31 37.35
C LEU E 217 -6.57 16.72 38.80
N LYS E 218 -7.40 17.60 39.35
CA LYS E 218 -7.28 17.95 40.75
C LYS E 218 -7.66 16.76 41.64
N ARG E 219 -8.72 16.04 41.25
CA ARG E 219 -9.08 14.84 41.98
C ARG E 219 -7.96 13.82 41.95
N SER E 220 -7.36 13.63 40.77
CA SER E 220 -6.25 12.69 40.66
C SER E 220 -5.05 13.16 41.47
N LEU E 221 -4.84 14.48 41.54
CA LEU E 221 -3.76 15.01 42.36
C LEU E 221 -3.99 14.72 43.83
N GLU E 222 -5.23 14.88 44.29
CA GLU E 222 -5.55 14.51 45.66
C GLU E 222 -5.32 13.01 45.89
N LYS E 223 -5.67 12.20 44.89
CA LYS E 223 -5.36 10.77 44.97
C LYS E 223 -3.87 10.55 45.13
N GLU E 224 -3.07 11.25 44.34
CA GLU E 224 -1.62 11.09 44.40
C GLU E 224 -1.08 11.51 45.76
N GLU E 225 -1.63 12.58 46.32
CA GLU E 225 -1.21 13.01 47.65
C GLU E 225 -1.57 11.97 48.70
N CYS E 226 -2.78 11.41 48.61
CA CYS E 226 -3.16 10.35 49.53
C CYS E 226 -2.26 9.14 49.37
N ILE E 227 -1.74 8.92 48.15
CA ILE E 227 -0.83 7.82 47.91
C ILE E 227 0.54 8.11 48.50
N LYS E 228 1.02 9.35 48.35
CA LYS E 228 2.16 9.80 49.14
C LYS E 228 1.97 9.44 50.61
N ARG E 229 0.77 9.67 51.14
CA ARG E 229 0.53 9.50 52.57
C ARG E 229 0.38 8.04 52.96
N ASP E 230 -0.13 7.19 52.06
CA ASP E 230 -0.55 5.84 52.44
C ASP E 230 0.60 4.98 52.94
N PHE E 231 1.70 4.91 52.19
CA PHE E 231 2.83 4.07 52.54
C PHE E 231 3.97 4.88 53.16
N ASP E 232 3.82 5.26 54.43
CA ASP E 232 4.91 5.91 55.14
C ASP E 232 6.13 4.99 55.29
N GLN E 233 5.94 3.68 55.14
CA GLN E 233 7.04 2.73 55.29
C GLN E 233 7.95 2.68 54.07
N VAL E 234 7.51 3.24 52.93
CA VAL E 234 8.26 3.16 51.68
C VAL E 234 8.40 4.55 51.10
N GLN E 235 9.46 4.76 50.32
CA GLN E 235 9.69 6.03 49.64
C GLN E 235 9.30 5.90 48.18
N PHE E 236 8.83 7.00 47.61
CA PHE E 236 8.46 7.07 46.20
C PHE E 236 9.08 8.32 45.59
N ILE E 237 9.69 8.17 44.43
CA ILE E 237 10.62 9.16 43.90
C ILE E 237 10.12 9.70 42.56
N ASN E 238 10.52 10.92 42.26
CA ASN E 238 10.38 11.50 40.93
C ASN E 238 11.76 11.47 40.28
N ILE E 239 11.82 10.93 39.07
CA ILE E 239 13.08 10.70 38.38
C ILE E 239 13.10 11.53 37.10
N LYS E 240 14.17 12.28 36.90
CA LYS E 240 14.29 13.17 35.75
C LYS E 240 15.67 13.05 35.11
N MET F 21 -34.65 16.19 -5.46
CA MET F 21 -35.78 16.98 -4.90
C MET F 21 -35.24 18.15 -4.09
N LYS F 22 -36.14 18.94 -3.51
CA LYS F 22 -35.71 20.13 -2.78
C LYS F 22 -34.84 19.77 -1.58
N TYR F 23 -35.22 18.76 -0.81
CA TYR F 23 -34.52 18.42 0.42
C TYR F 23 -34.36 16.91 0.53
N LYS F 24 -33.27 16.50 1.18
CA LYS F 24 -33.05 15.10 1.53
C LYS F 24 -33.91 14.77 2.75
N ILE F 25 -35.20 14.60 2.50
CA ILE F 25 -36.20 14.51 3.57
C ILE F 25 -35.98 13.24 4.37
N PRO F 26 -35.76 13.32 5.68
CA PRO F 26 -35.80 12.11 6.50
C PRO F 26 -37.19 11.50 6.48
N LYS F 27 -37.24 10.17 6.51
CA LYS F 27 -38.52 9.48 6.46
C LYS F 27 -39.23 9.47 7.81
N ASN F 28 -38.57 9.93 8.88
CA ASN F 28 -39.22 10.02 10.18
C ASN F 28 -39.90 11.37 10.38
N PHE F 29 -39.45 12.40 9.66
CA PHE F 29 -40.03 13.73 9.79
C PHE F 29 -41.36 13.84 9.04
N LEU F 30 -41.75 12.79 8.33
CA LEU F 30 -42.97 12.87 7.51
C LEU F 30 -44.20 13.12 8.38
N SER F 31 -44.27 12.47 9.55
CA SER F 31 -45.37 12.74 10.47
C SER F 31 -45.36 14.18 10.95
N GLY F 32 -44.18 14.72 11.25
CA GLY F 32 -44.09 16.13 11.61
C GLY F 32 -44.56 17.04 10.49
N PHE F 33 -44.19 16.71 9.25
CA PHE F 33 -44.67 17.48 8.11
C PHE F 33 -46.18 17.43 7.98
N GLN F 34 -46.77 16.25 8.18
CA GLN F 34 -48.22 16.12 8.15
C GLN F 34 -48.86 16.98 9.22
N ILE F 35 -48.32 16.93 10.44
CA ILE F 35 -48.87 17.73 11.54
C ILE F 35 -48.80 19.21 11.19
N LEU F 36 -47.66 19.66 10.68
CA LEU F 36 -47.51 21.06 10.30
C LEU F 36 -48.47 21.46 9.19
N SER F 37 -48.66 20.59 8.20
CA SER F 37 -49.61 20.88 7.14
C SER F 37 -51.03 21.01 7.67
N GLN F 38 -51.42 20.15 8.61
CA GLN F 38 -52.77 20.20 9.17
C GLN F 38 -52.86 21.11 10.39
N LEU F 39 -51.75 21.72 10.80
CA LEU F 39 -51.75 22.48 12.06
C LEU F 39 -52.61 23.73 11.94
N ASP F 40 -53.13 24.17 13.09
CA ASP F 40 -54.01 25.32 13.14
C ASP F 40 -53.23 26.61 12.87
N LYS F 41 -53.92 27.60 12.31
CA LYS F 41 -53.29 28.90 12.05
C LYS F 41 -52.87 29.59 13.34
N LYS F 42 -53.70 29.52 14.39
CA LYS F 42 -53.34 30.12 15.66
C LYS F 42 -52.06 29.50 16.21
N GLU F 43 -51.95 28.17 16.15
CA GLU F 43 -50.78 27.50 16.70
C GLU F 43 -49.51 27.88 15.97
N ILE F 44 -49.55 27.91 14.63
CA ILE F 44 -48.34 28.25 13.88
C ILE F 44 -47.93 29.70 14.14
N GLU F 45 -48.89 30.62 14.20
CA GLU F 45 -48.54 32.01 14.47
C GLU F 45 -47.94 32.16 15.87
N GLU F 46 -48.53 31.50 16.87
CA GLU F 46 -47.99 31.58 18.22
C GLU F 46 -46.59 30.98 18.30
N LEU F 47 -46.37 29.85 17.60
CA LEU F 47 -45.05 29.24 17.60
C LEU F 47 -44.03 30.15 16.91
N ALA F 48 -44.44 30.82 15.82
CA ALA F 48 -43.55 31.77 15.17
C ALA F 48 -43.19 32.91 16.11
N LYS F 49 -44.17 33.43 16.86
CA LYS F 49 -43.87 34.46 17.84
C LYS F 49 -42.87 33.96 18.87
N LEU F 50 -43.12 32.77 19.43
CA LEU F 50 -42.23 32.23 20.45
C LEU F 50 -40.82 32.04 19.91
N LEU F 51 -40.71 31.52 18.69
CA LEU F 51 -39.41 31.34 18.06
C LEU F 51 -38.70 32.67 17.84
N GLY F 52 -39.44 33.70 17.44
CA GLY F 52 -38.87 35.03 17.33
C GLY F 52 -38.44 35.59 18.66
N GLU F 53 -39.01 35.09 19.76
CA GLU F 53 -38.54 35.43 21.10
C GLU F 53 -37.47 34.49 21.62
N LEU F 54 -37.09 33.46 20.87
CA LEU F 54 -36.11 32.49 21.34
C LEU F 54 -34.72 33.14 21.41
N PRO F 55 -34.02 33.01 22.54
CA PRO F 55 -32.63 33.49 22.57
C PRO F 55 -31.70 32.55 21.82
N VAL F 56 -30.56 33.09 21.38
CA VAL F 56 -29.60 32.30 20.65
C VAL F 56 -28.98 31.26 21.59
N GLY F 57 -28.68 30.07 21.03
CA GLY F 57 -28.02 29.02 21.76
C GLY F 57 -28.94 28.05 22.48
N SER F 58 -30.25 28.28 22.47
CA SER F 58 -31.17 27.35 23.11
C SER F 58 -31.13 25.99 22.42
N ASN F 59 -31.11 24.93 23.21
CA ASN F 59 -30.99 23.58 22.67
C ASN F 59 -32.37 22.94 22.52
N VAL F 60 -32.39 21.79 21.84
CA VAL F 60 -33.65 21.14 21.50
C VAL F 60 -34.40 20.73 22.77
N GLN F 61 -33.68 20.17 23.75
CA GLN F 61 -34.34 19.70 24.96
C GLN F 61 -35.06 20.83 25.69
N GLU F 62 -34.40 21.97 25.85
CA GLU F 62 -35.03 23.10 26.52
C GLU F 62 -36.23 23.61 25.75
N PHE F 63 -36.11 23.69 24.42
CA PHE F 63 -37.22 24.15 23.60
C PHE F 63 -38.43 23.23 23.73
N GLN F 64 -38.19 21.91 23.69
CA GLN F 64 -39.29 20.96 23.80
C GLN F 64 -39.90 20.99 25.19
N SER F 65 -39.08 21.12 26.23
CA SER F 65 -39.61 21.23 27.59
C SER F 65 -40.48 22.48 27.74
N ALA F 66 -40.02 23.61 27.20
CA ALA F 66 -40.82 24.83 27.25
C ALA F 66 -42.13 24.65 26.49
N ILE F 67 -42.08 23.99 25.34
CA ILE F 67 -43.31 23.71 24.60
C ILE F 67 -44.26 22.86 25.45
N GLN F 68 -43.73 21.84 26.11
CA GLN F 68 -44.57 21.00 26.96
C GLN F 68 -45.21 21.80 28.08
N THR F 69 -44.43 22.66 28.74
CA THR F 69 -44.95 23.44 29.85
C THR F 69 -45.89 24.55 29.40
N ASN F 70 -45.93 24.87 28.11
CA ASN F 70 -46.86 25.87 27.59
C ASN F 70 -48.22 25.22 27.38
N LYS F 71 -49.22 25.71 28.13
CA LYS F 71 -50.54 25.08 28.12
C LYS F 71 -51.28 25.29 26.81
N GLU F 72 -51.10 26.44 26.16
CA GLU F 72 -51.83 26.73 24.93
C GLU F 72 -51.39 25.85 23.77
N LEU F 73 -50.29 25.13 23.90
CA LEU F 73 -49.74 24.32 22.82
C LEU F 73 -50.25 22.88 22.94
N SER F 74 -50.81 22.37 21.85
CA SER F 74 -51.20 20.97 21.79
C SER F 74 -49.98 20.08 21.62
N GLU F 75 -50.19 18.77 21.75
CA GLU F 75 -49.10 17.82 21.54
C GLU F 75 -48.58 17.85 20.12
N ASN F 76 -49.34 18.42 19.18
CA ASN F 76 -48.85 18.54 17.80
C ASN F 76 -47.54 19.28 17.74
N ALA F 77 -47.42 20.40 18.46
CA ALA F 77 -46.21 21.19 18.44
C ALA F 77 -45.02 20.39 18.98
N LEU F 78 -45.21 19.74 20.13
CA LEU F 78 -44.11 18.96 20.71
C LEU F 78 -43.70 17.82 19.79
N LYS F 79 -44.67 17.12 19.21
CA LYS F 79 -44.38 16.06 18.26
C LYS F 79 -43.70 16.58 17.00
N SER F 80 -43.91 17.85 16.66
CA SER F 80 -43.20 18.49 15.56
C SER F 80 -42.09 19.42 16.03
N ALA F 81 -41.86 19.50 17.34
CA ALA F 81 -40.82 20.38 17.86
C ALA F 81 -39.44 19.97 17.35
N ASP F 82 -39.16 18.67 17.31
CA ASP F 82 -37.87 18.21 16.82
C ASP F 82 -37.67 18.63 15.37
N THR F 83 -38.71 18.51 14.55
CA THR F 83 -38.63 18.99 13.17
C THR F 83 -38.39 20.50 13.14
N ILE F 84 -39.06 21.24 14.02
CA ILE F 84 -38.87 22.68 14.09
C ILE F 84 -37.42 22.99 14.45
N PHE F 85 -36.87 22.28 15.44
CA PHE F 85 -35.47 22.48 15.81
C PHE F 85 -34.53 22.03 14.70
N SER F 86 -34.95 21.05 13.90
CA SER F 86 -34.13 20.57 12.79
C SER F 86 -34.05 21.59 11.67
N LEU F 87 -34.91 22.61 11.69
CA LEU F 87 -34.92 23.59 10.61
C LEU F 87 -33.63 24.40 10.57
N GLY F 88 -33.00 24.62 11.72
CA GLY F 88 -31.77 25.41 11.75
C GLY F 88 -30.67 24.81 10.90
N GLY F 89 -30.60 23.48 10.82
CA GLY F 89 -29.62 22.84 9.97
C GLY F 89 -29.92 22.95 8.50
N LEU F 90 -31.17 23.20 8.14
CA LEU F 90 -31.55 23.43 6.76
C LEU F 90 -31.92 24.88 6.49
N LEU F 91 -32.16 25.69 7.54
CA LEU F 91 -32.36 27.11 7.36
C LEU F 91 -31.12 27.79 6.81
N LEU F 92 -29.93 27.26 7.10
CA LEU F 92 -28.69 27.76 6.53
C LEU F 92 -28.22 26.95 5.33
N GLU F 93 -28.63 25.68 5.23
CA GLU F 93 -28.41 24.95 3.99
C GLU F 93 -29.08 25.65 2.82
N ILE F 94 -30.20 26.34 3.09
CA ILE F 94 -30.74 27.29 2.12
C ILE F 94 -30.00 28.62 2.25
N LYS F 95 -30.20 29.50 1.28
CA LYS F 95 -29.48 30.75 1.25
C LYS F 95 -30.39 31.90 0.82
N ALA F 96 -30.00 33.12 1.20
CA ALA F 96 -30.80 34.31 0.92
C ALA F 96 -31.03 34.52 -0.58
N ASP F 97 -30.18 33.94 -1.42
CA ASP F 97 -30.31 34.10 -2.86
C ASP F 97 -31.60 33.48 -3.39
N ASP F 98 -32.25 32.62 -2.61
CA ASP F 98 -33.49 31.99 -3.03
C ASP F 98 -34.68 32.61 -2.31
N SER F 99 -35.84 32.55 -2.95
CA SER F 99 -37.06 33.10 -2.37
C SER F 99 -37.67 32.09 -1.40
N LEU F 100 -37.88 32.54 -0.16
CA LEU F 100 -38.44 31.66 0.86
C LEU F 100 -39.79 31.10 0.43
N ASN F 101 -40.57 31.89 -0.33
CA ASN F 101 -41.85 31.40 -0.82
C ASN F 101 -41.66 30.21 -1.75
N GLN F 102 -40.74 30.32 -2.70
CA GLN F 102 -40.47 29.22 -3.62
C GLN F 102 -39.83 28.06 -2.89
N VAL F 103 -39.02 28.34 -1.86
CA VAL F 103 -38.46 27.25 -1.06
C VAL F 103 -39.58 26.48 -0.39
N ALA F 104 -40.56 27.19 0.19
CA ALA F 104 -41.69 26.52 0.82
C ALA F 104 -42.47 25.70 -0.19
N GLU F 105 -42.72 26.25 -1.37
CA GLU F 105 -43.45 25.52 -2.40
C GLU F 105 -42.73 24.26 -2.81
N ASP F 106 -41.42 24.37 -3.09
CA ASP F 106 -40.64 23.23 -3.54
C ASP F 106 -40.54 22.16 -2.45
N LEU F 107 -40.38 22.58 -1.19
CA LEU F 107 -40.31 21.61 -0.11
C LEU F 107 -41.66 20.96 0.16
N THR F 108 -42.76 21.69 -0.05
CA THR F 108 -44.07 21.06 0.02
C THR F 108 -44.23 20.01 -1.07
N ASN F 109 -43.75 20.32 -2.27
CA ASN F 109 -43.75 19.32 -3.34
C ASN F 109 -42.89 18.12 -2.95
N ALA F 110 -41.72 18.36 -2.38
CA ALA F 110 -40.83 17.27 -1.99
C ALA F 110 -41.49 16.38 -0.95
N TYR F 111 -42.17 16.99 0.04
CA TYR F 111 -42.85 16.21 1.06
C TYR F 111 -44.03 15.43 0.47
N ALA F 112 -44.79 16.05 -0.43
CA ALA F 112 -45.91 15.36 -1.05
C ALA F 112 -45.45 14.24 -1.97
N LYS F 113 -44.20 14.29 -2.43
CA LYS F 113 -43.68 13.25 -3.32
C LYS F 113 -43.05 12.10 -2.52
N GLU F 114 -42.24 12.44 -1.51
CA GLU F 114 -41.52 11.44 -0.73
C GLU F 114 -42.16 11.20 0.64
N GLY F 115 -43.13 11.99 1.04
CA GLY F 115 -43.67 11.93 2.39
C GLY F 115 -44.91 11.07 2.50
N GLU F 116 -45.70 11.35 3.54
CA GLU F 116 -46.85 10.52 3.86
C GLU F 116 -47.92 10.55 2.78
N GLU F 117 -48.32 11.74 2.33
CA GLU F 117 -49.51 11.90 1.51
C GLU F 117 -49.21 12.78 0.31
N GLU F 118 -49.88 12.49 -0.80
CA GLU F 118 -49.97 13.42 -1.91
C GLU F 118 -50.99 14.48 -1.55
N ILE F 119 -50.51 15.54 -0.91
CA ILE F 119 -51.40 16.49 -0.24
C ILE F 119 -52.39 17.07 -1.22
N GLY F 120 -53.65 17.20 -0.79
CA GLY F 120 -54.63 17.91 -1.58
C GLY F 120 -54.29 19.38 -1.69
N THR F 121 -54.84 20.03 -2.72
CA THR F 121 -54.45 21.40 -3.02
C THR F 121 -54.69 22.33 -1.84
N GLU F 122 -55.82 22.18 -1.14
CA GLU F 122 -56.10 23.07 -0.01
C GLU F 122 -55.07 22.88 1.10
N GLN F 123 -54.78 21.63 1.46
CA GLN F 123 -53.80 21.39 2.51
C GLN F 123 -52.38 21.64 2.01
N ARG F 124 -52.15 21.48 0.70
CA ARG F 124 -50.86 21.87 0.14
C ARG F 124 -50.61 23.36 0.34
N GLU F 125 -51.61 24.18 0.01
CA GLU F 125 -51.48 25.62 0.20
C GLU F 125 -51.37 25.96 1.69
N GLN F 126 -52.12 25.26 2.53
CA GLN F 126 -52.00 25.49 3.98
C GLN F 126 -50.58 25.20 4.46
N LEU F 127 -50.00 24.09 4.01
CA LEU F 127 -48.63 23.75 4.40
C LEU F 127 -47.64 24.79 3.90
N ILE F 128 -47.80 25.25 2.65
CA ILE F 128 -46.89 26.25 2.12
C ILE F 128 -46.99 27.54 2.91
N HIS F 129 -48.22 27.97 3.23
CA HIS F 129 -48.42 29.19 3.99
C HIS F 129 -47.83 29.05 5.40
N ASN F 130 -48.01 27.89 6.03
CA ASN F 130 -47.43 27.66 7.35
C ASN F 130 -45.92 27.68 7.30
N LEU F 131 -45.34 27.08 6.26
CA LEU F 131 -43.89 27.14 6.08
C LEU F 131 -43.41 28.58 5.98
N LEU F 132 -44.09 29.38 5.15
CA LEU F 132 -43.71 30.77 5.00
C LEU F 132 -43.82 31.51 6.34
N ILE F 133 -44.87 31.24 7.10
CA ILE F 133 -45.04 31.92 8.38
C ILE F 133 -43.92 31.54 9.34
N VAL F 134 -43.62 30.25 9.45
CA VAL F 134 -42.68 29.79 10.47
C VAL F 134 -41.24 29.86 9.97
N LEU F 135 -40.98 29.48 8.73
CA LEU F 135 -39.62 29.58 8.21
C LEU F 135 -39.14 31.03 8.19
N GLN F 136 -40.07 31.98 8.06
CA GLN F 136 -39.73 33.38 8.26
C GLN F 136 -39.35 33.63 9.71
N LYS F 137 -38.96 34.86 10.04
CA LYS F 137 -38.44 35.17 11.36
C LYS F 137 -37.24 34.28 11.67
N ALA F 138 -37.39 33.29 12.55
CA ALA F 138 -36.36 32.28 12.82
C ALA F 138 -34.96 32.86 12.81
N GLU F 139 -34.74 33.98 13.49
CA GLU F 139 -33.46 34.67 13.40
C GLU F 139 -32.45 34.07 14.37
N ASN F 140 -32.81 34.01 15.66
CA ASN F 140 -31.88 33.50 16.66
C ASN F 140 -31.54 32.04 16.44
N LEU F 141 -32.52 31.21 16.05
CA LEU F 141 -32.24 29.81 15.77
C LEU F 141 -31.28 29.66 14.59
N LYS F 142 -31.52 30.43 13.52
CA LYS F 142 -30.65 30.37 12.37
C LYS F 142 -29.23 30.80 12.74
N LYS F 143 -29.10 31.86 13.53
CA LYS F 143 -27.78 32.30 13.96
C LYS F 143 -27.11 31.27 14.86
N THR F 144 -27.89 30.60 15.70
CA THR F 144 -27.33 29.54 16.54
C THR F 144 -26.76 28.42 15.69
N PHE F 145 -27.52 27.98 14.67
CA PHE F 145 -27.00 26.90 13.86
C PHE F 145 -25.88 27.38 12.94
N LYS F 146 -25.82 28.68 12.66
CA LYS F 146 -24.65 29.21 11.96
C LYS F 146 -23.41 29.14 12.83
N ALA F 147 -23.57 29.50 14.11
CA ALA F 147 -22.45 29.36 15.05
C ALA F 147 -22.00 27.91 15.11
N TYR F 148 -22.94 26.98 15.15
CA TYR F 148 -22.58 25.57 15.09
C TYR F 148 -21.89 25.23 13.77
N ARG F 149 -22.35 25.83 12.67
CA ARG F 149 -21.71 25.61 11.38
C ARG F 149 -20.31 26.22 11.36
N LEU F 150 -20.20 27.47 11.80
CA LEU F 150 -18.88 28.08 11.92
C LEU F 150 -18.02 27.32 12.90
N LEU F 151 -18.66 26.61 13.84
CA LEU F 151 -17.92 25.82 14.81
C LEU F 151 -17.15 24.69 14.15
N PHE F 152 -17.83 23.87 13.33
CA PHE F 152 -17.25 22.63 12.85
C PHE F 152 -16.80 22.71 11.40
N GLU F 153 -16.29 23.85 10.96
CA GLU F 153 -15.49 23.86 9.74
C GLU F 153 -14.17 23.15 9.94
N ASN F 154 -13.79 22.89 11.19
CA ASN F 154 -12.55 22.23 11.52
C ASN F 154 -12.66 20.72 11.30
N THR F 155 -11.66 19.99 11.79
CA THR F 155 -11.57 18.57 11.52
C THR F 155 -12.10 17.73 12.68
N ARG F 156 -11.84 18.14 13.91
CA ARG F 156 -12.12 17.27 15.06
C ARG F 156 -12.37 18.08 16.31
N SER F 157 -12.98 17.42 17.30
CA SER F 157 -13.30 18.02 18.59
C SER F 157 -13.40 16.95 19.66
N PHE F 158 -13.13 17.35 20.91
CA PHE F 158 -13.19 16.44 22.04
C PHE F 158 -14.59 15.87 22.21
N ARG F 159 -14.68 14.81 23.03
CA ARG F 159 -15.94 14.48 23.68
C ARG F 159 -15.77 14.16 25.16
N LYS F 160 -14.64 13.59 25.55
CA LYS F 160 -14.44 13.21 26.94
C LYS F 160 -13.00 12.73 27.12
N SER F 161 -12.65 12.46 28.37
CA SER F 161 -11.33 11.97 28.73
C SER F 161 -11.39 11.28 30.09
N ARG F 162 -10.34 10.53 30.38
CA ARG F 162 -10.23 9.79 31.63
C ARG F 162 -8.77 9.76 32.07
N VAL F 163 -8.55 9.97 33.36
CA VAL F 163 -7.21 10.02 33.92
C VAL F 163 -6.94 8.74 34.71
N MET F 164 -5.78 8.15 34.44
CA MET F 164 -5.37 6.90 35.08
C MET F 164 -3.93 7.04 35.55
N THR F 165 -3.67 6.60 36.78
CA THR F 165 -2.34 6.66 37.34
C THR F 165 -2.03 5.38 38.09
N ASP F 166 -0.75 4.99 38.08
CA ASP F 166 -0.29 3.75 38.66
C ASP F 166 1.01 4.00 39.40
N MET F 167 1.33 3.14 40.36
CA MET F 167 2.57 3.24 41.09
C MET F 167 3.18 1.85 41.18
N ARG F 168 4.51 1.77 41.17
CA ARG F 168 5.22 0.50 41.16
C ARG F 168 6.48 0.61 41.99
N MET F 169 6.81 -0.45 42.71
CA MET F 169 7.93 -0.44 43.64
C MET F 169 9.19 -1.02 43.00
N ILE F 170 10.34 -0.70 43.59
CA ILE F 170 11.64 -1.08 43.06
C ILE F 170 12.15 -2.24 43.89
N PHE F 171 12.67 -3.27 43.21
CA PHE F 171 13.10 -4.48 43.88
C PHE F 171 14.59 -4.70 43.68
N ASP F 172 15.09 -5.77 44.29
CA ASP F 172 16.50 -6.15 44.18
C ASP F 172 16.63 -7.45 43.40
N ASP F 173 17.82 -7.65 42.82
CA ASP F 173 18.13 -8.93 42.18
C ASP F 173 18.06 -10.08 43.17
N ASP F 174 18.63 -9.89 44.37
CA ASP F 174 18.48 -10.83 45.47
C ASP F 174 17.71 -10.11 46.58
N PHE F 175 16.64 -10.74 47.06
CA PHE F 175 15.78 -10.12 48.04
C PHE F 175 16.29 -10.28 49.47
N GLN F 176 17.59 -10.55 49.62
CA GLN F 176 18.22 -10.37 50.92
C GLN F 176 18.08 -8.93 51.39
N LYS F 177 17.89 -7.99 50.47
CA LYS F 177 17.55 -6.61 50.81
C LYS F 177 16.05 -6.42 50.72
N LYS F 178 15.48 -5.76 51.72
CA LYS F 178 14.06 -5.45 51.71
C LYS F 178 13.78 -4.30 50.77
N ASN F 179 12.59 -4.30 50.16
CA ASN F 179 12.22 -3.27 49.20
C ASN F 179 11.95 -1.95 49.92
N GLN F 180 12.74 -0.94 49.60
CA GLN F 180 12.60 0.37 50.23
C GLN F 180 12.11 1.45 49.29
N THR F 181 11.98 1.15 47.99
CA THR F 181 11.84 2.19 46.99
C THR F 181 10.78 1.85 45.96
N GLY F 182 10.19 2.88 45.37
CA GLY F 182 9.21 2.71 44.31
C GLY F 182 9.14 3.89 43.37
N LEU F 183 8.25 3.79 42.40
CA LEU F 183 8.07 4.79 41.35
C LEU F 183 6.59 4.97 41.05
N ILE F 184 6.19 6.23 40.86
CA ILE F 184 4.81 6.59 40.59
C ILE F 184 4.73 7.19 39.19
N ILE F 185 3.75 6.72 38.42
CA ILE F 185 3.56 7.17 37.04
C ILE F 185 2.10 7.58 36.88
N HIS F 186 1.84 8.37 35.84
CA HIS F 186 0.49 8.86 35.58
C HIS F 186 0.13 8.64 34.11
N GLN F 187 -1.16 8.48 33.86
CA GLN F 187 -1.67 8.23 32.51
C GLN F 187 -2.92 9.05 32.28
N LEU F 188 -3.06 9.57 31.07
CA LEU F 188 -4.28 10.24 30.64
C LEU F 188 -4.77 9.61 29.35
N LYS F 189 -6.08 9.48 29.23
CA LYS F 189 -6.72 9.01 28.01
C LYS F 189 -7.92 9.89 27.70
N LEU F 190 -8.08 10.17 26.41
CA LEU F 190 -8.99 11.21 25.94
C LEU F 190 -9.81 10.68 24.78
N GLU F 191 -10.96 11.30 24.55
CA GLU F 191 -11.85 10.92 23.48
C GLU F 191 -12.26 12.16 22.70
N TYR F 192 -12.46 11.98 21.39
CA TYR F 192 -12.75 13.11 20.51
C TYR F 192 -13.37 12.58 19.23
N ILE F 193 -14.02 13.49 18.51
CA ILE F 193 -14.62 13.19 17.21
C ILE F 193 -13.79 13.91 16.15
N GLU F 194 -13.42 13.19 15.09
CA GLU F 194 -12.73 13.78 13.97
C GLU F 194 -13.48 13.43 12.69
N ASP F 195 -13.79 14.46 11.89
CA ASP F 195 -14.44 14.29 10.61
C ASP F 195 -15.66 13.37 10.73
N ASN F 196 -16.47 13.64 11.76
CA ASN F 196 -17.66 12.86 12.06
C ASN F 196 -17.33 11.45 12.51
N THR F 197 -16.10 11.22 12.98
CA THR F 197 -15.66 9.91 13.44
C THR F 197 -15.12 10.02 14.86
N SER F 198 -15.62 9.17 15.75
CA SER F 198 -15.18 9.19 17.14
C SER F 198 -13.78 8.61 17.27
N LYS F 199 -13.00 9.16 18.19
CA LYS F 199 -11.60 8.79 18.35
C LYS F 199 -11.18 8.95 19.80
N GLU F 200 -10.01 8.39 20.12
CA GLU F 200 -9.43 8.50 21.45
C GLU F 200 -7.91 8.50 21.31
N PHE F 201 -7.25 8.88 22.39
CA PHE F 201 -5.80 9.05 22.37
C PHE F 201 -5.26 8.86 23.79
N PHE F 202 -4.12 8.19 23.88
CA PHE F 202 -3.63 7.68 25.17
C PHE F 202 -2.21 8.18 25.41
N ILE F 203 -1.94 8.64 26.63
CA ILE F 203 -0.63 9.18 26.98
C ILE F 203 -0.35 8.93 28.46
N SER F 204 0.94 8.89 28.81
CA SER F 204 1.39 8.76 30.19
C SER F 204 2.15 10.02 30.61
N LEU F 205 1.97 10.42 31.88
CA LEU F 205 2.47 11.68 32.38
C LEU F 205 3.20 11.50 33.70
N ASP F 206 3.82 12.59 34.15
CA ASP F 206 4.38 12.72 35.48
C ASP F 206 3.76 13.94 36.16
N ASN F 207 3.81 13.94 37.49
CA ASN F 207 3.08 14.95 38.26
C ASN F 207 3.53 16.36 37.90
N ASP F 208 4.84 16.54 37.69
CA ASP F 208 5.35 17.87 37.40
C ASP F 208 4.75 18.44 36.13
N ASP F 209 4.69 17.62 35.07
CA ASP F 209 4.09 18.10 33.82
C ASP F 209 2.61 18.36 33.98
N VAL F 210 1.94 17.56 34.81
CA VAL F 210 0.53 17.81 35.08
C VAL F 210 0.35 19.18 35.73
N LEU F 211 1.22 19.49 36.70
CA LEU F 211 1.17 20.79 37.35
C LEU F 211 1.45 21.91 36.35
N LYS F 212 2.43 21.70 35.49
CA LYS F 212 2.76 22.72 34.49
C LYS F 212 1.59 22.96 33.55
N LEU F 213 0.93 21.88 33.12
CA LEU F 213 -0.24 22.01 32.26
C LEU F 213 -1.36 22.72 33.00
N SER F 214 -1.53 22.41 34.28
CA SER F 214 -2.52 23.12 35.07
C SER F 214 -2.24 24.61 35.08
N GLU F 215 -0.97 24.99 35.24
CA GLU F 215 -0.61 26.40 35.21
C GLU F 215 -0.92 27.01 33.85
N GLU F 216 -0.57 26.32 32.77
CA GLU F 216 -0.86 26.83 31.43
C GLU F 216 -2.35 27.07 31.25
N LEU F 217 -3.16 26.06 31.56
CA LEU F 217 -4.59 26.17 31.32
C LEU F 217 -5.22 27.20 32.24
N LYS F 218 -4.66 27.38 33.45
CA LYS F 218 -5.17 28.43 34.33
C LYS F 218 -4.86 29.81 33.77
N ARG F 219 -3.65 29.97 33.21
CA ARG F 219 -3.31 31.23 32.56
C ARG F 219 -4.24 31.51 31.40
N SER F 220 -4.51 30.49 30.59
CA SER F 220 -5.43 30.66 29.46
C SER F 220 -6.84 30.96 29.95
N LEU F 221 -7.23 30.38 31.09
CA LEU F 221 -8.55 30.68 31.65
C LEU F 221 -8.63 32.13 32.08
N GLU F 222 -7.57 32.64 32.71
CA GLU F 222 -7.54 34.06 33.05
C GLU F 222 -7.61 34.91 31.80
N LYS F 223 -6.93 34.49 30.74
CA LYS F 223 -7.05 35.19 29.46
C LYS F 223 -8.49 35.21 28.98
N GLU F 224 -9.17 34.07 29.08
CA GLU F 224 -10.55 33.98 28.63
C GLU F 224 -11.45 34.88 29.45
N GLU F 225 -11.20 34.95 30.76
CA GLU F 225 -11.98 35.84 31.61
C GLU F 225 -11.74 37.30 31.24
N CYS F 226 -10.48 37.67 31.00
CA CYS F 226 -10.19 39.03 30.56
C CYS F 226 -10.86 39.31 29.22
N ILE F 227 -11.03 38.28 28.39
CA ILE F 227 -11.71 38.46 27.11
C ILE F 227 -13.20 38.63 27.31
N LYS F 228 -13.80 37.84 28.20
CA LYS F 228 -15.14 38.16 28.68
C LYS F 228 -15.26 39.63 29.04
N ARG F 229 -14.26 40.15 29.76
CA ARG F 229 -14.34 41.52 30.27
C ARG F 229 -14.09 42.57 29.20
N ASP F 230 -13.28 42.26 28.19
CA ASP F 230 -12.77 43.29 27.28
C ASP F 230 -13.89 43.96 26.48
N PHE F 231 -14.76 43.17 25.85
CA PHE F 231 -15.82 43.71 25.01
C PHE F 231 -17.16 43.69 25.72
N ASP F 232 -17.37 44.64 26.63
CA ASP F 232 -18.68 44.79 27.25
C ASP F 232 -19.76 45.17 26.24
N GLN F 233 -19.37 45.69 25.07
CA GLN F 233 -20.33 46.11 24.06
C GLN F 233 -20.90 44.93 23.28
N VAL F 234 -20.30 43.74 23.37
CA VAL F 234 -20.70 42.58 22.59
C VAL F 234 -20.90 41.39 23.52
N GLN F 235 -21.76 40.47 23.12
CA GLN F 235 -21.98 39.25 23.88
C GLN F 235 -21.25 38.09 23.22
N PHE F 236 -20.80 37.15 24.05
CA PHE F 236 -20.13 35.95 23.58
C PHE F 236 -20.75 34.74 24.27
N ILE F 237 -21.03 33.70 23.49
CA ILE F 237 -21.95 32.64 23.91
C ILE F 237 -21.22 31.30 23.91
N ASN F 238 -21.70 30.40 24.77
CA ASN F 238 -21.34 28.99 24.72
C ASN F 238 -22.49 28.23 24.11
N ILE F 239 -22.19 27.43 23.08
CA ILE F 239 -23.21 26.75 22.31
C ILE F 239 -23.03 25.24 22.47
N LYS F 240 -24.12 24.56 22.79
CA LYS F 240 -24.09 23.12 23.04
C LYS F 240 -25.24 22.40 22.34
N MET G 21 33.43 -15.42 -11.29
CA MET G 21 34.62 -16.25 -10.96
C MET G 21 34.18 -17.49 -10.20
N LYS G 22 35.15 -18.33 -9.82
CA LYS G 22 34.82 -19.59 -9.14
C LYS G 22 34.12 -19.35 -7.80
N TYR G 23 34.61 -18.40 -7.01
CA TYR G 23 34.09 -18.18 -5.67
C TYR G 23 33.95 -16.69 -5.40
N LYS G 24 32.96 -16.35 -4.58
CA LYS G 24 32.81 -14.98 -4.07
C LYS G 24 33.84 -14.77 -2.96
N ILE G 25 35.08 -14.56 -3.36
CA ILE G 25 36.21 -14.57 -2.44
C ILE G 25 36.11 -13.38 -1.50
N PRO G 26 36.07 -13.57 -0.19
CA PRO G 26 36.25 -12.45 0.74
C PRO G 26 37.62 -11.83 0.57
N LYS G 27 37.68 -10.50 0.72
CA LYS G 27 38.95 -9.81 0.56
C LYS G 27 39.83 -9.91 1.79
N ASN G 28 39.32 -10.48 2.89
CA ASN G 28 40.15 -10.68 4.08
C ASN G 28 40.83 -12.04 4.06
N PHE G 29 40.27 -13.00 3.31
CA PHE G 29 40.87 -14.33 3.23
C PHE G 29 42.08 -14.38 2.31
N LEU G 30 42.38 -13.26 1.64
CA LEU G 30 43.47 -13.25 0.67
C LEU G 30 44.81 -13.58 1.35
N SER G 31 45.04 -13.04 2.54
CA SER G 31 46.26 -13.38 3.27
C SER G 31 46.30 -14.87 3.61
N GLY G 32 45.17 -15.44 4.01
CA GLY G 32 45.12 -16.87 4.26
C GLY G 32 45.43 -17.67 3.01
N PHE G 33 44.89 -17.23 1.86
CA PHE G 33 45.20 -17.90 0.60
C PHE G 33 46.68 -17.81 0.28
N GLN G 34 47.31 -16.65 0.50
CA GLN G 34 48.74 -16.53 0.27
C GLN G 34 49.52 -17.48 1.17
N ILE G 35 49.15 -17.53 2.45
CA ILE G 35 49.83 -18.42 3.39
C ILE G 35 49.70 -19.87 2.92
N LEU G 36 48.50 -20.27 2.52
CA LEU G 36 48.30 -21.64 2.06
C LEU G 36 49.09 -21.94 0.79
N SER G 37 49.15 -20.98 -0.14
CA SER G 37 49.94 -21.16 -1.35
C SER G 37 51.42 -21.33 -1.03
N GLN G 38 51.95 -20.56 -0.08
CA GLN G 38 53.36 -20.66 0.29
C GLN G 38 53.61 -21.66 1.39
N LEU G 39 52.56 -22.32 1.90
CA LEU G 39 52.72 -23.19 3.06
C LEU G 39 53.57 -24.42 2.72
N ASP G 40 54.22 -24.96 3.73
CA ASP G 40 55.10 -26.11 3.56
C ASP G 40 54.27 -27.37 3.29
N LYS G 41 54.88 -28.30 2.55
CA LYS G 41 54.21 -29.57 2.26
C LYS G 41 53.97 -30.38 3.52
N LYS G 42 54.93 -30.40 4.45
CA LYS G 42 54.74 -31.12 5.71
C LYS G 42 53.56 -30.56 6.48
N GLU G 43 53.46 -29.23 6.57
CA GLU G 43 52.37 -28.61 7.32
C GLU G 43 51.01 -28.95 6.74
N ILE G 44 50.86 -28.84 5.41
CA ILE G 44 49.56 -29.12 4.80
C ILE G 44 49.18 -30.58 4.99
N GLU G 45 50.13 -31.51 4.83
CA GLU G 45 49.82 -32.92 5.03
C GLU G 45 49.42 -33.20 6.47
N GLU G 46 50.14 -32.63 7.43
CA GLU G 46 49.79 -32.84 8.84
C GLU G 46 48.42 -32.26 9.15
N LEU G 47 48.12 -31.07 8.61
CA LEU G 47 46.80 -30.47 8.82
C LEU G 47 45.70 -31.32 8.21
N ALA G 48 45.95 -31.88 7.02
CA ALA G 48 44.97 -32.77 6.42
C ALA G 48 44.73 -33.99 7.29
N LYS G 49 45.80 -34.57 7.84
CA LYS G 49 45.64 -35.69 8.77
C LYS G 49 44.79 -35.29 9.96
N LEU G 50 45.12 -34.16 10.58
CA LEU G 50 44.39 -33.73 11.77
C LEU G 50 42.92 -33.48 11.45
N LEU G 51 42.64 -32.86 10.30
CA LEU G 51 41.27 -32.63 9.88
C LEU G 51 40.53 -33.94 9.64
N GLY G 52 41.19 -34.93 9.04
CA GLY G 52 40.60 -36.24 8.89
C GLY G 52 40.36 -36.92 10.22
N GLU G 53 41.08 -36.53 11.27
CA GLU G 53 40.80 -36.99 12.62
C GLU G 53 39.81 -36.10 13.37
N LEU G 54 39.34 -35.02 12.77
CA LEU G 54 38.44 -34.10 13.46
C LEU G 54 37.08 -34.75 13.66
N PRO G 55 36.53 -34.73 14.88
CA PRO G 55 35.16 -35.23 15.06
C PRO G 55 34.15 -34.22 14.53
N VAL G 56 32.95 -34.73 14.22
CA VAL G 56 31.89 -33.88 13.70
C VAL G 56 31.43 -32.92 14.79
N GLY G 57 31.06 -31.70 14.40
CA GLY G 57 30.52 -30.73 15.32
C GLY G 57 31.53 -29.82 15.98
N SER G 58 32.83 -30.03 15.77
CA SER G 58 33.84 -29.17 16.36
C SER G 58 33.71 -27.76 15.81
N ASN G 59 33.80 -26.76 16.69
CA ASN G 59 33.62 -25.37 16.29
C ASN G 59 34.97 -24.72 16.00
N VAL G 60 34.91 -23.51 15.44
CA VAL G 60 36.12 -22.83 14.99
C VAL G 60 37.03 -22.52 16.18
N GLN G 61 36.46 -22.07 17.29
CA GLN G 61 37.29 -21.70 18.44
C GLN G 61 38.09 -22.89 18.95
N GLU G 62 37.45 -24.05 19.10
CA GLU G 62 38.16 -25.22 19.58
C GLU G 62 39.24 -25.65 18.60
N PHE G 63 38.93 -25.61 17.30
CA PHE G 63 39.91 -25.99 16.29
C PHE G 63 41.13 -25.07 16.35
N GLN G 64 40.90 -23.76 16.46
CA GLN G 64 42.01 -22.82 16.51
C GLN G 64 42.81 -22.97 17.78
N SER G 65 42.14 -23.21 18.91
CA SER G 65 42.86 -23.43 20.17
C SER G 65 43.72 -24.68 20.09
N ALA G 66 43.19 -25.76 19.51
CA ALA G 66 43.98 -26.98 19.34
C ALA G 66 45.17 -26.73 18.43
N ILE G 67 44.97 -25.96 17.36
CA ILE G 67 46.09 -25.60 16.48
C ILE G 67 47.14 -24.84 17.26
N GLN G 68 46.73 -23.89 18.09
CA GLN G 68 47.68 -23.11 18.88
C GLN G 68 48.46 -24.01 19.84
N THR G 69 47.78 -24.94 20.50
CA THR G 69 48.43 -25.81 21.45
C THR G 69 49.31 -26.87 20.79
N ASN G 70 49.16 -27.06 19.48
CA ASN G 70 50.00 -28.02 18.76
C ASN G 70 51.33 -27.34 18.42
N LYS G 71 52.41 -27.88 18.97
CA LYS G 71 53.72 -27.25 18.84
C LYS G 71 54.27 -27.34 17.42
N GLU G 72 54.00 -28.43 16.70
CA GLU G 72 54.55 -28.60 15.36
C GLU G 72 53.96 -27.62 14.35
N LEU G 73 52.89 -26.92 14.71
CA LEU G 73 52.22 -26.01 13.79
C LEU G 73 52.74 -24.60 13.97
N SER G 74 53.14 -23.98 12.86
CA SER G 74 53.53 -22.58 12.89
C SER G 74 52.31 -21.69 12.96
N GLU G 75 52.54 -20.39 13.18
CA GLU G 75 51.45 -19.43 13.21
C GLU G 75 50.73 -19.33 11.87
N ASN G 76 51.35 -19.82 10.79
CA ASN G 76 50.68 -19.81 9.49
C ASN G 76 49.35 -20.55 9.55
N ALA G 77 49.35 -21.73 10.17
CA ALA G 77 48.12 -22.52 10.24
C ALA G 77 47.03 -21.79 11.01
N LEU G 78 47.37 -21.24 12.18
CA LEU G 78 46.38 -20.52 12.98
C LEU G 78 45.85 -19.31 12.23
N LYS G 79 46.74 -18.55 11.59
CA LYS G 79 46.32 -17.41 10.79
C LYS G 79 45.48 -17.81 9.59
N SER G 80 45.62 -19.05 9.11
CA SER G 80 44.77 -19.58 8.05
C SER G 80 43.73 -20.56 8.59
N ALA G 81 43.68 -20.76 9.91
CA ALA G 81 42.72 -21.69 10.49
C ALA G 81 41.28 -21.24 10.21
N ASP G 82 41.01 -19.95 10.33
CA ASP G 82 39.67 -19.45 10.06
C ASP G 82 39.26 -19.74 8.62
N THR G 83 40.19 -19.54 7.68
CA THR G 83 39.91 -19.89 6.29
C THR G 83 39.66 -21.39 6.16
N ILE G 84 40.44 -22.21 6.86
CA ILE G 84 40.25 -23.65 6.82
C ILE G 84 38.86 -24.00 7.35
N PHE G 85 38.45 -23.39 8.46
CA PHE G 85 37.12 -23.63 9.00
C PHE G 85 36.05 -23.08 8.07
N SER G 86 36.36 -22.02 7.33
CA SER G 86 35.38 -21.46 6.40
C SER G 86 35.16 -22.37 5.20
N LEU G 87 36.00 -23.38 5.01
CA LEU G 87 35.86 -24.26 3.85
C LEU G 87 34.56 -25.07 3.92
N GLY G 88 34.10 -25.40 5.13
CA GLY G 88 32.88 -26.19 5.24
C GLY G 88 31.68 -25.52 4.61
N GLY G 89 31.61 -24.20 4.66
CA GLY G 89 30.52 -23.48 4.02
C GLY G 89 30.61 -23.45 2.52
N LEU G 90 31.81 -23.67 1.97
CA LEU G 90 31.98 -23.77 0.54
C LEU G 90 32.31 -25.19 0.09
N LEU G 91 32.68 -26.08 1.02
CA LEU G 91 32.84 -27.49 0.68
C LEU G 91 31.53 -28.12 0.24
N LEU G 92 30.40 -27.61 0.74
CA LEU G 92 29.10 -28.07 0.31
C LEU G 92 28.47 -27.16 -0.74
N GLU G 93 28.87 -25.88 -0.78
CA GLU G 93 28.48 -25.04 -1.90
C GLU G 93 28.98 -25.63 -3.21
N ILE G 94 30.12 -26.34 -3.17
CA ILE G 94 30.52 -27.19 -4.28
C ILE G 94 29.80 -28.52 -4.17
N LYS G 95 29.85 -29.31 -5.24
CA LYS G 95 29.12 -30.57 -5.29
C LYS G 95 29.97 -31.67 -5.93
N ALA G 96 29.61 -32.92 -5.62
CA ALA G 96 30.36 -34.07 -6.12
C ALA G 96 30.38 -34.14 -7.64
N ASP G 97 29.42 -33.50 -8.31
CA ASP G 97 29.36 -33.52 -9.76
C ASP G 97 30.57 -32.85 -10.40
N ASP G 98 31.32 -32.06 -9.63
CA ASP G 98 32.49 -31.38 -10.17
C ASP G 98 33.76 -32.06 -9.67
N SER G 99 34.84 -31.93 -10.46
CA SER G 99 36.11 -32.53 -10.11
C SER G 99 36.87 -31.62 -9.15
N LEU G 100 37.24 -32.17 -7.99
CA LEU G 100 37.94 -31.38 -6.99
C LEU G 100 39.23 -30.79 -7.54
N ASN G 101 39.88 -31.49 -8.46
CA ASN G 101 41.09 -30.94 -9.08
C ASN G 101 40.78 -29.68 -9.86
N GLN G 102 39.73 -29.72 -10.69
CA GLN G 102 39.36 -28.54 -11.45
C GLN G 102 38.83 -27.44 -10.55
N VAL G 103 38.15 -27.82 -9.45
CA VAL G 103 37.73 -26.83 -8.47
C VAL G 103 38.94 -26.10 -7.89
N ALA G 104 39.97 -26.85 -7.53
CA ALA G 104 41.19 -26.25 -7.00
C ALA G 104 41.83 -25.32 -8.03
N GLU G 105 41.90 -25.77 -9.28
CA GLU G 105 42.50 -24.95 -10.33
C GLU G 105 41.72 -23.65 -10.52
N ASP G 106 40.40 -23.75 -10.63
CA ASP G 106 39.58 -22.57 -10.85
C ASP G 106 39.63 -21.62 -9.67
N LEU G 107 39.65 -22.15 -8.44
CA LEU G 107 39.74 -21.27 -7.28
C LEU G 107 41.12 -20.64 -7.15
N THR G 108 42.17 -21.35 -7.56
CA THR G 108 43.48 -20.72 -7.62
C THR G 108 43.49 -19.57 -8.61
N ASN G 109 42.84 -19.77 -9.78
CA ASN G 109 42.70 -18.67 -10.73
C ASN G 109 41.92 -17.52 -10.12
N ALA G 110 40.83 -17.83 -9.42
CA ALA G 110 40.02 -16.78 -8.81
C ALA G 110 40.83 -15.98 -7.79
N TYR G 111 41.62 -16.68 -6.97
CA TYR G 111 42.45 -15.99 -5.98
C TYR G 111 43.54 -15.16 -6.66
N ALA G 112 44.17 -15.69 -7.71
CA ALA G 112 45.19 -14.93 -8.41
C ALA G 112 44.62 -13.74 -9.15
N LYS G 113 43.32 -13.75 -9.43
CA LYS G 113 42.68 -12.64 -10.14
C LYS G 113 42.18 -11.58 -9.17
N GLU G 114 41.51 -12.00 -8.10
CA GLU G 114 40.92 -11.09 -7.12
C GLU G 114 41.73 -10.96 -5.84
N GLY G 115 42.76 -11.79 -5.66
CA GLY G 115 43.47 -11.85 -4.40
C GLY G 115 44.72 -10.99 -4.38
N GLU G 116 45.64 -11.36 -3.49
CA GLU G 116 46.84 -10.55 -3.25
C GLU G 116 47.75 -10.48 -4.47
N GLU G 117 48.07 -11.63 -5.07
CA GLU G 117 49.13 -11.70 -6.05
C GLU G 117 48.66 -12.46 -7.28
N GLU G 118 49.18 -12.07 -8.44
CA GLU G 118 49.11 -12.90 -9.64
C GLU G 118 50.16 -13.99 -9.53
N ILE G 119 49.77 -15.11 -8.93
CA ILE G 119 50.73 -16.10 -8.47
C ILE G 119 51.58 -16.59 -9.63
N GLY G 120 52.88 -16.75 -9.38
CA GLY G 120 53.73 -17.37 -10.37
C GLY G 120 53.38 -18.84 -10.56
N THR G 121 53.78 -19.38 -11.71
CA THR G 121 53.34 -20.73 -12.08
C THR G 121 53.73 -21.75 -11.03
N GLU G 122 54.95 -21.66 -10.49
CA GLU G 122 55.37 -22.65 -9.50
C GLU G 122 54.51 -22.57 -8.24
N GLN G 123 54.28 -21.36 -7.72
CA GLN G 123 53.44 -21.23 -6.53
C GLN G 123 51.97 -21.43 -6.85
N ARG G 124 51.57 -21.16 -8.10
CA ARG G 124 50.21 -21.50 -8.52
C ARG G 124 49.98 -23.00 -8.42
N GLU G 125 50.92 -23.79 -8.95
CA GLU G 125 50.81 -25.24 -8.87
C GLU G 125 50.90 -25.71 -7.43
N GLN G 126 51.76 -25.09 -6.63
CA GLN G 126 51.85 -25.45 -5.22
C GLN G 126 50.51 -25.22 -4.52
N LEU G 127 49.87 -24.07 -4.78
CA LEU G 127 48.58 -23.77 -4.17
C LEU G 127 47.53 -24.78 -4.63
N ILE G 128 47.51 -25.11 -5.92
CA ILE G 128 46.52 -26.07 -6.41
C ILE G 128 46.72 -27.43 -5.76
N HIS G 129 47.98 -27.87 -5.65
CA HIS G 129 48.27 -29.15 -5.03
C HIS G 129 47.88 -29.15 -3.56
N ASN G 130 48.15 -28.05 -2.86
CA ASN G 130 47.77 -27.95 -1.46
C ASN G 130 46.26 -27.97 -1.29
N LEU G 131 45.54 -27.29 -2.19
CA LEU G 131 44.08 -27.33 -2.16
C LEU G 131 43.58 -28.75 -2.34
N LEU G 132 44.15 -29.47 -3.33
CA LEU G 132 43.74 -30.85 -3.54
C LEU G 132 44.02 -31.71 -2.31
N ILE G 133 45.17 -31.50 -1.68
CA ILE G 133 45.51 -32.28 -0.49
C ILE G 133 44.54 -32.01 0.64
N VAL G 134 44.25 -30.74 0.91
CA VAL G 134 43.47 -30.37 2.09
C VAL G 134 41.98 -30.41 1.79
N LEU G 135 41.55 -29.92 0.62
CA LEU G 135 40.13 -29.99 0.29
C LEU G 135 39.65 -31.43 0.21
N GLN G 136 40.54 -32.35 -0.14
CA GLN G 136 40.22 -33.77 -0.02
C GLN G 136 40.04 -34.15 1.44
N LYS G 137 39.69 -35.40 1.70
CA LYS G 137 39.35 -35.84 3.05
C LYS G 137 38.22 -34.99 3.61
N ALA G 138 38.50 -34.07 4.55
CA ALA G 138 37.53 -33.11 5.05
C ALA G 138 36.12 -33.68 5.17
N GLU G 139 36.00 -34.87 5.77
CA GLU G 139 34.71 -35.55 5.80
C GLU G 139 33.84 -35.05 6.95
N ASN G 140 34.38 -35.11 8.17
CA ASN G 140 33.60 -34.70 9.34
C ASN G 140 33.24 -33.22 9.30
N LEU G 141 34.17 -32.36 8.85
CA LEU G 141 33.87 -30.94 8.75
C LEU G 141 32.76 -30.69 7.73
N LYS G 142 32.84 -31.36 6.57
CA LYS G 142 31.80 -31.20 5.56
C LYS G 142 30.46 -31.67 6.08
N LYS G 143 30.43 -32.79 6.78
CA LYS G 143 29.18 -33.28 7.35
C LYS G 143 28.65 -32.34 8.41
N THR G 144 29.54 -31.75 9.21
CA THR G 144 29.11 -30.77 10.20
C THR G 144 28.44 -29.58 9.54
N PHE G 145 29.05 -29.05 8.48
CA PHE G 145 28.43 -27.89 7.84
C PHE G 145 27.19 -28.30 7.05
N LYS G 146 27.08 -29.56 6.67
CA LYS G 146 25.83 -30.03 6.08
C LYS G 146 24.73 -30.05 7.13
N ALA G 147 25.05 -30.52 8.33
CA ALA G 147 24.08 -30.48 9.42
C ALA G 147 23.64 -29.05 9.69
N TYR G 148 24.59 -28.12 9.67
CA TYR G 148 24.23 -26.70 9.79
C TYR G 148 23.37 -26.26 8.62
N ARG G 149 23.66 -26.74 7.42
CA ARG G 149 22.86 -26.43 6.24
C ARG G 149 21.47 -27.03 6.36
N LEU G 150 21.40 -28.32 6.69
CA LEU G 150 20.11 -28.94 6.95
C LEU G 150 19.40 -28.27 8.11
N LEU G 151 20.17 -27.65 9.00
CA LEU G 151 19.58 -26.95 10.13
C LEU G 151 18.73 -25.76 9.69
N PHE G 152 19.30 -24.88 8.87
CA PHE G 152 18.66 -23.61 8.59
C PHE G 152 18.02 -23.54 7.21
N GLU G 153 17.44 -24.65 6.74
CA GLU G 153 16.49 -24.56 5.64
C GLU G 153 15.21 -23.86 6.09
N ASN G 154 15.01 -23.73 7.40
CA ASN G 154 13.83 -23.11 7.96
C ASN G 154 13.92 -21.59 7.85
N THR G 155 13.00 -20.92 8.55
CA THR G 155 12.88 -19.47 8.42
C THR G 155 13.59 -18.74 9.57
N ARG G 156 13.49 -19.27 10.79
CA ARG G 156 13.93 -18.50 11.95
C ARG G 156 14.34 -19.42 13.09
N SER G 157 15.08 -18.85 14.04
CA SER G 157 15.57 -19.56 15.21
C SER G 157 15.82 -18.59 16.35
N PHE G 158 15.73 -19.10 17.58
CA PHE G 158 15.96 -18.30 18.77
C PHE G 158 17.36 -17.74 18.80
N ARG G 159 17.58 -16.76 19.68
CA ARG G 159 18.92 -16.49 20.19
C ARG G 159 18.95 -16.31 21.70
N LYS G 160 17.89 -15.79 22.29
CA LYS G 160 17.89 -15.52 23.73
C LYS G 160 16.50 -15.06 24.15
N SER G 161 16.32 -14.92 25.46
CA SER G 161 15.06 -14.47 26.03
C SER G 161 15.32 -13.91 27.43
N ARG G 162 14.32 -13.20 27.94
CA ARG G 162 14.39 -12.57 29.25
C ARG G 162 13.01 -12.60 29.88
N VAL G 163 12.96 -12.92 31.17
CA VAL G 163 11.71 -13.03 31.90
C VAL G 163 11.55 -11.83 32.83
N MET G 164 10.37 -11.22 32.78
CA MET G 164 10.07 -10.05 33.58
C MET G 164 8.70 -10.22 34.24
N THR G 165 8.63 -9.90 35.52
CA THR G 165 7.38 -10.03 36.25
C THR G 165 7.19 -8.81 37.15
N ASP G 166 5.93 -8.45 37.35
CA ASP G 166 5.56 -7.26 38.10
C ASP G 166 4.36 -7.59 38.99
N MET G 167 4.19 -6.82 40.05
CA MET G 167 3.05 -6.99 40.94
C MET G 167 2.48 -5.61 41.23
N ARG G 168 1.16 -5.55 41.43
CA ARG G 168 0.46 -4.28 41.61
C ARG G 168 -0.67 -4.48 42.61
N MET G 169 -0.89 -3.47 43.46
CA MET G 169 -1.87 -3.58 44.53
C MET G 169 -3.21 -2.96 44.12
N ILE G 170 -4.26 -3.34 44.83
CA ILE G 170 -5.62 -2.91 44.51
C ILE G 170 -6.00 -1.83 45.52
N PHE G 171 -6.60 -0.76 45.02
CA PHE G 171 -6.93 0.38 45.86
C PHE G 171 -8.43 0.62 45.87
N ASP G 172 -8.84 1.63 46.65
CA ASP G 172 -10.24 2.00 46.76
C ASP G 172 -10.48 3.37 46.13
N ASP G 173 -11.73 3.61 45.74
CA ASP G 173 -12.11 4.95 45.26
C ASP G 173 -11.91 6.00 46.35
N ASP G 174 -12.30 5.69 47.58
CA ASP G 174 -11.99 6.53 48.74
C ASP G 174 -11.09 5.72 49.65
N PHE G 175 -9.96 6.31 50.04
CA PHE G 175 -8.96 5.60 50.83
C PHE G 175 -9.28 5.64 52.32
N GLN G 176 -10.54 5.87 52.67
CA GLN G 176 -10.99 5.58 54.03
C GLN G 176 -10.80 4.10 54.35
N LYS G 177 -10.74 3.25 53.33
CA LYS G 177 -10.38 1.85 53.48
C LYS G 177 -8.90 1.67 53.17
N LYS G 178 -8.20 0.93 54.02
CA LYS G 178 -6.79 0.63 53.79
C LYS G 178 -6.66 -0.43 52.71
N ASN G 179 -5.56 -0.37 51.95
CA ASN G 179 -5.35 -1.30 50.85
C ASN G 179 -4.97 -2.67 51.41
N GLN G 180 -5.82 -3.66 51.11
CA GLN G 180 -5.60 -5.02 51.61
C GLN G 180 -5.25 -6.01 50.49
N THR G 181 -5.30 -5.59 49.23
CA THR G 181 -5.32 -6.53 48.12
C THR G 181 -4.38 -6.09 47.00
N GLY G 182 -3.90 -7.06 46.24
CA GLY G 182 -3.07 -6.79 45.08
C GLY G 182 -3.15 -7.88 44.04
N LEU G 183 -2.39 -7.68 42.95
CA LEU G 183 -2.36 -8.58 41.81
C LEU G 183 -0.94 -8.74 41.30
N ILE G 184 -0.58 -9.97 40.93
CA ILE G 184 0.75 -10.29 40.45
C ILE G 184 0.64 -10.76 39.00
N ILE G 185 1.50 -10.22 38.15
CA ILE G 185 1.49 -10.54 36.72
C ILE G 185 2.91 -10.92 36.33
N HIS G 186 3.03 -11.61 35.19
CA HIS G 186 4.31 -12.07 34.69
C HIS G 186 4.48 -11.72 33.22
N GLN G 187 5.72 -11.51 32.81
CA GLN G 187 6.04 -11.15 31.43
C GLN G 187 7.25 -11.94 30.96
N LEU G 188 7.22 -12.36 29.70
CA LEU G 188 8.36 -12.96 29.05
C LEU G 188 8.67 -12.21 27.77
N LYS G 189 9.95 -12.07 27.49
CA LYS G 189 10.43 -11.48 26.24
C LYS G 189 11.55 -12.32 25.67
N LEU G 190 11.53 -12.49 24.36
CA LEU G 190 12.36 -13.48 23.68
C LEU G 190 13.01 -12.84 22.46
N GLU G 191 14.12 -13.43 22.03
CA GLU G 191 14.87 -12.94 20.88
C GLU G 191 15.16 -14.10 19.94
N TYR G 192 15.17 -13.81 18.64
CA TYR G 192 15.33 -14.85 17.63
C TYR G 192 15.78 -14.21 16.33
N ILE G 193 16.31 -15.04 15.44
CA ILE G 193 16.72 -14.62 14.11
C ILE G 193 15.76 -15.24 13.11
N GLU G 194 15.25 -14.43 12.19
CA GLU G 194 14.40 -14.92 11.12
C GLU G 194 14.98 -14.45 9.78
N ASP G 195 15.16 -15.40 8.86
CA ASP G 195 15.64 -15.11 7.52
C ASP G 195 16.87 -14.20 7.56
N ASN G 196 17.80 -14.56 8.43
CA ASN G 196 19.03 -13.80 8.64
C ASN G 196 18.78 -12.44 9.27
N THR G 197 17.62 -12.26 9.92
CA THR G 197 17.26 -11.00 10.55
C THR G 197 16.92 -11.25 12.01
N SER G 198 17.54 -10.48 12.90
CA SER G 198 17.30 -10.63 14.32
C SER G 198 15.93 -10.07 14.69
N LYS G 199 15.28 -10.71 15.67
CA LYS G 199 13.93 -10.36 16.04
C LYS G 199 13.70 -10.65 17.52
N GLU G 200 12.60 -10.13 18.05
CA GLU G 200 12.20 -10.37 19.43
C GLU G 200 10.69 -10.36 19.50
N PHE G 201 10.16 -10.85 20.64
CA PHE G 201 8.73 -11.02 20.79
C PHE G 201 8.39 -10.97 22.27
N PHE G 202 7.28 -10.31 22.60
CA PHE G 202 6.98 -9.92 23.97
C PHE G 202 5.61 -10.45 24.37
N ILE G 203 5.50 -11.01 25.56
CA ILE G 203 4.24 -11.59 26.04
C ILE G 203 4.17 -11.49 27.56
N SER G 204 2.95 -11.48 28.09
CA SER G 204 2.69 -11.49 29.52
C SER G 204 1.99 -12.78 29.93
N LEU G 205 2.34 -13.29 31.12
CA LEU G 205 1.90 -14.60 31.56
C LEU G 205 1.36 -14.54 32.99
N ASP G 206 0.80 -15.67 33.41
CA ASP G 206 0.43 -15.92 34.80
C ASP G 206 1.12 -17.20 35.26
N ASN G 207 1.27 -17.33 36.58
CA ASN G 207 2.08 -18.39 37.14
C ASN G 207 1.57 -19.77 36.73
N ASP G 208 0.25 -19.93 36.68
CA ASP G 208 -0.31 -21.24 36.35
C ASP G 208 0.11 -21.68 34.95
N ASP G 209 0.04 -20.77 33.98
CA ASP G 209 0.44 -21.13 32.62
C ASP G 209 1.93 -21.39 32.55
N VAL G 210 2.72 -20.67 33.35
CA VAL G 210 4.15 -20.94 33.39
C VAL G 210 4.41 -22.36 33.90
N LEU G 211 3.68 -22.76 34.93
CA LEU G 211 3.81 -24.12 35.45
C LEU G 211 3.39 -25.14 34.41
N LYS G 212 2.30 -24.86 33.71
CA LYS G 212 1.82 -25.78 32.68
C LYS G 212 2.86 -25.93 31.56
N LEU G 213 3.45 -24.81 31.15
CA LEU G 213 4.50 -24.85 30.13
C LEU G 213 5.71 -25.63 30.64
N SER G 214 6.06 -25.44 31.90
CA SER G 214 7.14 -26.21 32.49
C SER G 214 6.85 -27.70 32.39
N GLU G 215 5.61 -28.09 32.69
CA GLU G 215 5.23 -29.50 32.58
C GLU G 215 5.35 -29.99 31.14
N GLU G 216 4.86 -29.20 30.20
CA GLU G 216 4.96 -29.58 28.79
C GLU G 216 6.40 -29.79 28.38
N LEU G 217 7.26 -28.81 28.66
CA LEU G 217 8.64 -28.89 28.22
C LEU G 217 9.39 -29.99 28.95
N LYS G 218 9.01 -30.29 30.19
CA LYS G 218 9.62 -31.41 30.90
C LYS G 218 9.22 -32.73 30.27
N ARG G 219 7.95 -32.85 29.86
CA ARG G 219 7.50 -34.05 29.16
C ARG G 219 8.27 -34.21 27.86
N SER G 220 8.43 -33.12 27.12
CA SER G 220 9.19 -33.19 25.87
C SER G 220 10.65 -33.53 26.13
N LEU G 221 11.20 -33.05 27.24
CA LEU G 221 12.58 -33.38 27.59
C LEU G 221 12.71 -34.87 27.87
N GLU G 222 11.74 -35.44 28.59
CA GLU G 222 11.74 -36.89 28.80
C GLU G 222 11.63 -37.63 27.48
N LYS G 223 10.82 -37.11 26.56
CA LYS G 223 10.75 -37.68 25.22
C LYS G 223 12.12 -37.66 24.56
N GLU G 224 12.81 -36.52 24.66
CA GLU G 224 14.12 -36.39 24.03
C GLU G 224 15.12 -37.35 24.64
N GLU G 225 15.06 -37.55 25.96
CA GLU G 225 15.94 -38.51 26.61
C GLU G 225 15.63 -39.93 26.14
N CYS G 226 14.35 -40.28 26.04
CA CYS G 226 13.99 -41.59 25.52
C CYS G 226 14.47 -41.75 24.08
N ILE G 227 14.54 -40.65 23.33
CA ILE G 227 15.03 -40.70 21.96
C ILE G 227 16.53 -40.88 21.93
N LYS G 228 17.25 -40.17 22.81
CA LYS G 228 18.65 -40.52 23.08
C LYS G 228 18.80 -42.02 23.28
N ARG G 229 17.90 -42.62 24.07
CA ARG G 229 18.04 -44.02 24.44
C ARG G 229 17.65 -44.97 23.33
N ASP G 230 16.71 -44.57 22.48
CA ASP G 230 16.08 -45.52 21.56
C ASP G 230 17.06 -46.11 20.55
N PHE G 231 17.85 -45.27 19.88
CA PHE G 231 18.77 -45.72 18.84
C PHE G 231 20.20 -45.76 19.36
N ASP G 232 20.53 -46.79 20.15
CA ASP G 232 21.91 -46.98 20.56
C ASP G 232 22.84 -47.26 19.39
N GLN G 233 22.29 -47.67 18.24
CA GLN G 233 23.10 -47.98 17.07
C GLN G 233 23.56 -46.74 16.33
N VAL G 234 22.99 -45.58 16.62
CA VAL G 234 23.29 -44.34 15.89
C VAL G 234 23.61 -43.25 16.90
N GLN G 235 24.41 -42.28 16.47
CA GLN G 235 24.75 -41.13 17.30
C GLN G 235 23.95 -39.92 16.85
N PHE G 236 23.63 -39.06 17.82
CA PHE G 236 22.90 -37.83 17.56
C PHE G 236 23.62 -36.68 18.26
N ILE G 237 23.81 -35.58 17.55
CA ILE G 237 24.76 -34.55 17.93
C ILE G 237 24.07 -33.23 18.16
N ASN G 238 24.66 -32.41 19.02
CA ASN G 238 24.30 -31.00 19.15
C ASN G 238 25.36 -30.18 18.44
N ILE G 239 24.92 -29.29 17.57
CA ILE G 239 25.84 -28.53 16.72
C ILE G 239 25.70 -27.05 17.04
N LYS G 240 26.83 -26.39 17.26
CA LYS G 240 26.83 -24.98 17.65
C LYS G 240 27.88 -24.21 16.87
N MET H 21 -29.98 4.51 25.47
CA MET H 21 -30.62 4.11 26.75
C MET H 21 -29.54 3.94 27.82
N LYS H 22 -29.96 3.55 29.03
CA LYS H 22 -29.02 3.44 30.13
C LYS H 22 -27.96 2.38 29.87
N TYR H 23 -28.35 1.22 29.35
CA TYR H 23 -27.43 0.11 29.18
C TYR H 23 -27.67 -0.55 27.83
N LYS H 24 -26.59 -1.09 27.26
CA LYS H 24 -26.67 -1.93 26.06
C LYS H 24 -27.18 -3.31 26.46
N ILE H 25 -28.48 -3.39 26.71
CA ILE H 25 -29.07 -4.57 27.34
C ILE H 25 -28.98 -5.76 26.39
N PRO H 26 -28.36 -6.86 26.78
CA PRO H 26 -28.48 -8.09 25.98
C PRO H 26 -29.93 -8.56 25.95
N LYS H 27 -30.33 -9.13 24.81
CA LYS H 27 -31.70 -9.59 24.67
C LYS H 27 -31.93 -10.94 25.34
N ASN H 28 -30.88 -11.59 25.83
CA ASN H 28 -31.05 -12.85 26.55
C ASN H 28 -31.22 -12.63 28.04
N PHE H 29 -30.74 -11.49 28.56
CA PHE H 29 -30.87 -11.19 29.98
C PHE H 29 -32.28 -10.73 30.35
N LEU H 30 -33.15 -10.56 29.36
CA LEU H 30 -34.49 -10.03 29.62
C LEU H 30 -35.27 -10.94 30.56
N SER H 31 -35.14 -12.26 30.39
CA SER H 31 -35.79 -13.19 31.30
C SER H 31 -35.23 -13.04 32.71
N GLY H 32 -33.91 -12.86 32.85
CA GLY H 32 -33.34 -12.63 34.15
C GLY H 32 -33.86 -11.35 34.78
N PHE H 33 -33.99 -10.30 33.98
CA PHE H 33 -34.56 -9.05 34.49
C PHE H 33 -35.99 -9.24 34.95
N GLN H 34 -36.79 -10.00 34.20
CA GLN H 34 -38.16 -10.27 34.62
C GLN H 34 -38.18 -11.03 35.95
N ILE H 35 -37.33 -12.05 36.07
CA ILE H 35 -37.26 -12.82 37.30
C ILE H 35 -36.89 -11.92 38.47
N LEU H 36 -35.88 -11.06 38.29
CA LEU H 36 -35.47 -10.15 39.34
C LEU H 36 -36.57 -9.17 39.71
N SER H 37 -37.30 -8.65 38.72
CA SER H 37 -38.42 -7.75 39.00
C SER H 37 -39.50 -8.44 39.80
N GLN H 38 -39.81 -9.70 39.48
CA GLN H 38 -40.84 -10.43 40.20
C GLN H 38 -40.30 -11.20 41.40
N LEU H 39 -39.00 -11.13 41.65
CA LEU H 39 -38.39 -11.94 42.69
C LEU H 39 -38.88 -11.52 44.07
N ASP H 40 -38.87 -12.47 45.01
CA ASP H 40 -39.33 -12.22 46.36
C ASP H 40 -38.34 -11.33 47.11
N LYS H 41 -38.87 -10.56 48.06
CA LYS H 41 -38.02 -9.71 48.89
C LYS H 41 -37.05 -10.52 49.74
N LYS H 42 -37.50 -11.64 50.31
CA LYS H 42 -36.61 -12.49 51.09
C LYS H 42 -35.45 -12.99 50.24
N GLU H 43 -35.74 -13.45 49.02
CA GLU H 43 -34.70 -13.99 48.16
C GLU H 43 -33.66 -12.94 47.81
N ILE H 44 -34.09 -11.73 47.43
CA ILE H 44 -33.13 -10.70 47.05
C ILE H 44 -32.28 -10.29 48.24
N GLU H 45 -32.88 -10.15 49.42
CA GLU H 45 -32.09 -9.80 50.60
C GLU H 45 -31.07 -10.87 50.94
N GLU H 46 -31.48 -12.14 50.89
CA GLU H 46 -30.55 -13.24 51.17
C GLU H 46 -29.42 -13.28 50.15
N LEU H 47 -29.74 -13.06 48.87
CA LEU H 47 -28.72 -13.05 47.83
C LEU H 47 -27.76 -11.88 48.04
N ALA H 48 -28.27 -10.72 48.45
CA ALA H 48 -27.40 -9.59 48.75
C ALA H 48 -26.46 -9.93 49.90
N LYS H 49 -26.98 -10.57 50.94
CA LYS H 49 -26.12 -11.00 52.05
C LYS H 49 -25.03 -11.95 51.55
N LEU H 50 -25.41 -12.95 50.77
CA LEU H 50 -24.44 -13.93 50.29
C LEU H 50 -23.38 -13.26 49.42
N LEU H 51 -23.80 -12.33 48.55
CA LEU H 51 -22.85 -11.61 47.72
C LEU H 51 -21.91 -10.76 48.55
N GLY H 52 -22.42 -10.12 49.61
CA GLY H 52 -21.56 -9.40 50.52
C GLY H 52 -20.61 -10.30 51.27
N GLU H 53 -20.93 -11.59 51.38
CA GLU H 53 -20.00 -12.57 51.92
C GLU H 53 -19.12 -13.21 50.84
N LEU H 54 -19.29 -12.87 49.58
CA LEU H 54 -18.52 -13.50 48.51
C LEU H 54 -17.06 -13.06 48.58
N PRO H 55 -16.11 -13.99 48.56
CA PRO H 55 -14.70 -13.58 48.47
C PRO H 55 -14.36 -13.10 47.07
N VAL H 56 -13.30 -12.28 46.99
CA VAL H 56 -12.86 -11.76 45.71
C VAL H 56 -12.31 -12.89 44.85
N GLY H 57 -12.54 -12.80 43.54
CA GLY H 57 -12.01 -13.76 42.60
C GLY H 57 -12.89 -14.95 42.30
N SER H 58 -14.02 -15.09 42.98
CA SER H 58 -14.92 -16.21 42.72
C SER H 58 -15.47 -16.11 41.30
N ASN H 59 -15.50 -17.24 40.59
CA ASN H 59 -15.94 -17.26 39.21
C ASN H 59 -17.42 -17.62 39.11
N VAL H 60 -17.97 -17.47 37.90
CA VAL H 60 -19.40 -17.66 37.71
C VAL H 60 -19.81 -19.09 38.00
N GLN H 61 -19.01 -20.06 37.55
CA GLN H 61 -19.38 -21.46 37.75
C GLN H 61 -19.49 -21.80 39.23
N GLU H 62 -18.52 -21.37 40.04
CA GLU H 62 -18.57 -21.66 41.47
C GLU H 62 -19.76 -20.98 42.12
N PHE H 63 -20.04 -19.73 41.74
CA PHE H 63 -21.17 -19.01 42.30
C PHE H 63 -22.48 -19.72 41.98
N GLN H 64 -22.64 -20.15 40.73
CA GLN H 64 -23.87 -20.84 40.33
C GLN H 64 -23.99 -22.19 41.02
N SER H 65 -22.89 -22.93 41.15
CA SER H 65 -22.94 -24.20 41.85
C SER H 65 -23.32 -24.00 43.32
N ALA H 66 -22.76 -22.98 43.97
CA ALA H 66 -23.13 -22.70 45.35
C ALA H 66 -24.60 -22.33 45.45
N ILE H 67 -25.11 -21.54 44.49
CA ILE H 67 -26.53 -21.21 44.48
C ILE H 67 -27.36 -22.48 44.36
N GLN H 68 -26.96 -23.39 43.47
CA GLN H 68 -27.70 -24.64 43.30
C GLN H 68 -27.71 -25.45 44.58
N THR H 69 -26.57 -25.56 45.25
CA THR H 69 -26.47 -26.35 46.47
C THR H 69 -27.16 -25.68 47.66
N ASN H 70 -27.51 -24.40 47.55
CA ASN H 70 -28.23 -23.71 48.62
C ASN H 70 -29.72 -24.03 48.49
N LYS H 71 -30.26 -24.69 49.51
CA LYS H 71 -31.63 -25.18 49.45
C LYS H 71 -32.65 -24.04 49.51
N GLU H 72 -32.37 -22.98 50.26
CA GLU H 72 -33.34 -21.90 50.40
C GLU H 72 -33.54 -21.11 49.10
N LEU H 73 -32.68 -21.31 48.10
CA LEU H 73 -32.75 -20.57 46.87
C LEU H 73 -33.58 -21.32 45.83
N SER H 74 -34.56 -20.64 45.25
CA SER H 74 -35.33 -21.21 44.16
C SER H 74 -34.52 -21.18 42.87
N GLU H 75 -35.03 -21.86 41.84
CA GLU H 75 -34.38 -21.84 40.54
C GLU H 75 -34.32 -20.45 39.93
N ASN H 76 -35.15 -19.51 40.44
CA ASN H 76 -35.10 -18.15 39.93
C ASN H 76 -33.71 -17.55 40.08
N ALA H 77 -33.07 -17.75 41.24
CA ALA H 77 -31.75 -17.19 41.46
C ALA H 77 -30.72 -17.77 40.50
N LEU H 78 -30.73 -19.09 40.34
CA LEU H 78 -29.76 -19.73 39.43
C LEU H 78 -29.99 -19.26 37.99
N LYS H 79 -31.25 -19.20 37.57
CA LYS H 79 -31.57 -18.70 36.24
C LYS H 79 -31.20 -17.24 36.05
N SER H 80 -31.14 -16.47 37.15
CA SER H 80 -30.66 -15.09 37.10
C SER H 80 -29.25 -14.96 37.65
N ALA H 81 -28.60 -16.07 38.03
CA ALA H 81 -27.26 -15.99 38.57
C ALA H 81 -26.27 -15.44 37.55
N ASP H 82 -26.39 -15.87 36.29
CA ASP H 82 -25.50 -15.36 35.25
C ASP H 82 -25.65 -13.85 35.11
N THR H 83 -26.88 -13.36 35.14
CA THR H 83 -27.09 -11.92 35.11
C THR H 83 -26.46 -11.25 36.33
N ILE H 84 -26.60 -11.87 37.50
CA ILE H 84 -26.00 -11.33 38.71
C ILE H 84 -24.48 -11.26 38.55
N PHE H 85 -23.87 -12.34 38.03
CA PHE H 85 -22.44 -12.32 37.81
C PHE H 85 -22.05 -11.34 36.72
N SER H 86 -22.95 -11.09 35.77
CA SER H 86 -22.67 -10.12 34.71
C SER H 86 -22.66 -8.69 35.23
N LEU H 87 -23.15 -8.47 36.45
CA LEU H 87 -23.22 -7.11 36.98
C LEU H 87 -21.84 -6.53 37.20
N GLY H 88 -20.84 -7.35 37.51
CA GLY H 88 -19.50 -6.85 37.74
C GLY H 88 -18.93 -6.11 36.55
N GLY H 89 -19.26 -6.54 35.34
CA GLY H 89 -18.80 -5.86 34.15
C GLY H 89 -19.50 -4.54 33.91
N LEU H 90 -20.68 -4.36 34.49
CA LEU H 90 -21.38 -3.08 34.41
C LEU H 90 -21.39 -2.35 35.74
N LEU H 91 -21.07 -3.02 36.84
CA LEU H 91 -20.91 -2.33 38.12
C LEU H 91 -19.76 -1.34 38.08
N LEU H 92 -18.75 -1.59 37.26
CA LEU H 92 -17.65 -0.65 37.06
C LEU H 92 -17.81 0.20 35.81
N GLU H 93 -18.58 -0.28 34.82
CA GLU H 93 -18.96 0.58 33.72
C GLU H 93 -19.74 1.79 34.22
N ILE H 94 -20.47 1.62 35.32
CA ILE H 94 -21.00 2.76 36.05
C ILE H 94 -19.92 3.30 36.99
N LYS H 95 -20.16 4.48 37.54
CA LYS H 95 -19.15 5.15 38.36
C LYS H 95 -19.80 5.80 39.58
N ALA H 96 -18.98 6.02 40.62
CA ALA H 96 -19.47 6.59 41.86
C ALA H 96 -20.08 7.97 41.67
N ASP H 97 -19.72 8.67 40.60
CA ASP H 97 -20.25 10.00 40.34
C ASP H 97 -21.75 10.00 40.11
N ASP H 98 -22.34 8.83 39.84
CA ASP H 98 -23.78 8.74 39.61
C ASP H 98 -24.46 8.11 40.82
N SER H 99 -25.74 8.45 41.01
CA SER H 99 -26.51 7.92 42.12
C SER H 99 -27.05 6.54 41.77
N LEU H 100 -26.73 5.56 42.62
CA LEU H 100 -27.18 4.20 42.36
C LEU H 100 -28.69 4.12 42.25
N ASN H 101 -29.42 4.96 42.99
CA ASN H 101 -30.87 4.97 42.89
C ASN H 101 -31.31 5.38 41.48
N GLN H 102 -30.74 6.46 40.96
CA GLN H 102 -31.08 6.89 39.62
C GLN H 102 -30.60 5.90 38.57
N VAL H 103 -29.46 5.24 38.83
CA VAL H 103 -29.01 4.18 37.93
C VAL H 103 -30.04 3.07 37.87
N ALA H 104 -30.55 2.66 39.03
CA ALA H 104 -31.57 1.61 39.05
C ALA H 104 -32.83 2.05 38.32
N GLU H 105 -33.26 3.29 38.53
CA GLU H 105 -34.46 3.79 37.85
C GLU H 105 -34.26 3.80 36.34
N ASP H 106 -33.13 4.33 35.88
CA ASP H 106 -32.88 4.43 34.45
C ASP H 106 -32.75 3.05 33.81
N LEU H 107 -32.10 2.12 34.50
CA LEU H 107 -31.97 0.77 33.95
C LEU H 107 -33.30 0.03 33.97
N THR H 108 -34.16 0.29 34.96
CA THR H 108 -35.51 -0.25 34.92
C THR H 108 -36.27 0.29 33.72
N ASN H 109 -36.12 1.58 33.44
CA ASN H 109 -36.73 2.14 32.24
C ASN H 109 -36.17 1.49 30.98
N ALA H 110 -34.85 1.29 30.93
CA ALA H 110 -34.24 0.66 29.77
C ALA H 110 -34.76 -0.75 29.55
N TYR H 111 -34.90 -1.52 30.65
CA TYR H 111 -35.43 -2.87 30.53
C TYR H 111 -36.90 -2.87 30.11
N ALA H 112 -37.69 -1.95 30.66
CA ALA H 112 -39.10 -1.87 30.27
C ALA H 112 -39.27 -1.39 28.84
N LYS H 113 -38.27 -0.73 28.27
CA LYS H 113 -38.35 -0.25 26.90
C LYS H 113 -37.85 -1.30 25.91
N GLU H 114 -36.72 -1.92 26.21
CA GLU H 114 -36.10 -2.89 25.31
C GLU H 114 -36.32 -4.33 25.74
N GLY H 115 -36.87 -4.56 26.94
CA GLY H 115 -36.96 -5.89 27.48
C GLY H 115 -38.29 -6.57 27.23
N GLU H 116 -38.61 -7.54 28.09
CA GLU H 116 -39.79 -8.37 27.88
C GLU H 116 -41.09 -7.58 27.98
N GLU H 117 -41.26 -6.78 29.04
CA GLU H 117 -42.55 -6.20 29.37
C GLU H 117 -42.39 -4.72 29.65
N GLU H 118 -43.44 -3.96 29.30
CA GLU H 118 -43.59 -2.61 29.81
C GLU H 118 -44.12 -2.70 31.24
N ILE H 119 -43.19 -2.77 32.19
CA ILE H 119 -43.52 -3.17 33.55
C ILE H 119 -44.58 -2.23 34.13
N GLY H 120 -45.54 -2.80 34.84
CA GLY H 120 -46.49 -2.00 35.58
C GLY H 120 -45.81 -1.25 36.72
N THR H 121 -46.44 -0.17 37.17
CA THR H 121 -45.80 0.71 38.14
C THR H 121 -45.38 -0.04 39.40
N GLU H 122 -46.24 -0.93 39.90
CA GLU H 122 -45.91 -1.65 41.13
C GLU H 122 -44.69 -2.54 40.93
N GLN H 123 -44.64 -3.30 39.83
CA GLN H 123 -43.50 -4.16 39.58
C GLN H 123 -42.30 -3.35 39.12
N ARG H 124 -42.53 -2.19 38.49
CA ARG H 124 -41.43 -1.29 38.18
C ARG H 124 -40.72 -0.84 39.46
N GLU H 125 -41.50 -0.41 40.45
CA GLU H 125 -40.92 0.01 41.72
C GLU H 125 -40.27 -1.17 42.43
N GLN H 126 -40.89 -2.35 42.36
CA GLN H 126 -40.28 -3.53 42.96
C GLN H 126 -38.91 -3.82 42.33
N LEU H 127 -38.84 -3.75 41.00
CA LEU H 127 -37.57 -3.99 40.32
C LEU H 127 -36.53 -2.94 40.71
N ILE H 128 -36.93 -1.67 40.78
CA ILE H 128 -35.98 -0.62 41.15
C ILE H 128 -35.47 -0.85 42.57
N HIS H 129 -36.37 -1.19 43.49
CA HIS H 129 -35.97 -1.44 44.87
C HIS H 129 -35.05 -2.64 44.96
N ASN H 130 -35.35 -3.71 44.20
CA ASN H 130 -34.48 -4.88 44.19
C ASN H 130 -33.11 -4.55 43.63
N LEU H 131 -33.06 -3.74 42.57
CA LEU H 131 -31.78 -3.29 42.03
C LEU H 131 -30.99 -2.54 43.09
N LEU H 132 -31.64 -1.61 43.77
CA LEU H 132 -30.95 -0.86 44.82
C LEU H 132 -30.43 -1.79 45.91
N ILE H 133 -31.23 -2.78 46.30
CA ILE H 133 -30.80 -3.70 47.35
C ILE H 133 -29.59 -4.50 46.90
N VAL H 134 -29.63 -5.05 45.69
CA VAL H 134 -28.60 -5.97 45.24
C VAL H 134 -27.42 -5.24 44.62
N LEU H 135 -27.67 -4.21 43.81
CA LEU H 135 -26.57 -3.45 43.24
C LEU H 135 -25.73 -2.79 44.33
N GLN H 136 -26.35 -2.46 45.46
CA GLN H 136 -25.60 -2.02 46.62
C GLN H 136 -24.74 -3.17 47.14
N LYS H 137 -23.94 -2.91 48.17
CA LYS H 137 -22.97 -3.88 48.66
C LYS H 137 -22.03 -4.30 47.53
N ALA H 138 -22.17 -5.51 46.99
CA ALA H 138 -21.44 -5.96 45.81
C ALA H 138 -20.00 -5.45 45.78
N GLU H 139 -19.28 -5.59 46.89
CA GLU H 139 -17.95 -5.00 46.99
C GLU H 139 -16.90 -5.94 46.40
N ASN H 140 -16.85 -7.17 46.87
CA ASN H 140 -15.83 -8.11 46.39
C ASN H 140 -16.00 -8.42 44.91
N LEU H 141 -17.24 -8.58 44.44
CA LEU H 141 -17.47 -8.83 43.01
C LEU H 141 -17.00 -7.65 42.17
N LYS H 142 -17.32 -6.43 42.60
CA LYS H 142 -16.90 -5.24 41.87
C LYS H 142 -15.38 -5.15 41.83
N LYS H 143 -14.73 -5.42 42.96
CA LYS H 143 -13.28 -5.39 42.99
C LYS H 143 -12.67 -6.48 42.10
N THR H 144 -13.31 -7.65 42.07
CA THR H 144 -12.85 -8.72 41.18
C THR H 144 -12.89 -8.28 39.73
N PHE H 145 -14.01 -7.69 39.31
CA PHE H 145 -14.10 -7.28 37.92
C PHE H 145 -13.23 -6.06 37.65
N LYS H 146 -12.88 -5.28 38.69
CA LYS H 146 -11.90 -4.23 38.50
C LYS H 146 -10.52 -4.81 38.25
N ALA H 147 -10.17 -5.85 39.00
CA ALA H 147 -8.91 -6.55 38.76
C ALA H 147 -8.87 -7.09 37.35
N TYR H 148 -9.99 -7.67 36.88
CA TYR H 148 -10.06 -8.10 35.49
C TYR H 148 -9.93 -6.91 34.54
N ARG H 149 -10.52 -5.78 34.89
CA ARG H 149 -10.41 -4.57 34.08
C ARG H 149 -8.97 -4.07 34.09
N LEU H 150 -8.38 -3.94 35.27
CA LEU H 150 -6.97 -3.57 35.35
C LEU H 150 -6.10 -4.61 34.66
N LEU H 151 -6.59 -5.84 34.56
CA LEU H 151 -5.85 -6.90 33.89
C LEU H 151 -5.66 -6.60 32.41
N PHE H 152 -6.76 -6.30 31.71
CA PHE H 152 -6.72 -6.26 30.25
C PHE H 152 -6.73 -4.84 29.70
N GLU H 153 -6.09 -3.89 30.38
CA GLU H 153 -5.74 -2.64 29.72
C GLU H 153 -4.67 -2.87 28.67
N ASN H 154 -4.02 -4.03 28.69
CA ASN H 154 -2.97 -4.35 27.75
C ASN H 154 -3.55 -4.76 26.41
N THR H 155 -2.69 -5.31 25.55
CA THR H 155 -3.10 -5.61 24.17
C THR H 155 -3.46 -7.08 24.00
N ARG H 156 -2.73 -7.98 24.64
CA ARG H 156 -2.86 -9.40 24.33
C ARG H 156 -2.49 -10.27 25.52
N SER H 157 -2.92 -11.53 25.47
CA SER H 157 -2.64 -12.51 26.51
C SER H 157 -2.70 -13.92 25.93
N PHE H 158 -1.97 -14.83 26.57
CA PHE H 158 -1.93 -16.22 26.14
C PHE H 158 -3.31 -16.86 26.21
N ARG H 159 -3.43 -18.02 25.56
CA ARG H 159 -4.47 -18.97 25.94
C ARG H 159 -3.95 -20.40 26.05
N LYS H 160 -2.95 -20.77 25.26
CA LYS H 160 -2.46 -22.14 25.27
C LYS H 160 -1.23 -22.23 24.38
N SER H 161 -0.60 -23.40 24.39
CA SER H 161 0.59 -23.66 23.58
C SER H 161 0.75 -25.16 23.42
N ARG H 162 1.59 -25.54 22.46
CA ARG H 162 1.86 -26.93 22.15
C ARG H 162 3.32 -27.07 21.72
N VAL H 163 3.98 -28.11 22.21
CA VAL H 163 5.39 -28.34 21.93
C VAL H 163 5.53 -29.51 20.95
N MET H 164 6.33 -29.29 19.92
CA MET H 164 6.55 -30.28 18.87
C MET H 164 8.04 -30.38 18.59
N THR H 165 8.53 -31.62 18.49
CA THR H 165 9.93 -31.86 18.23
C THR H 165 10.09 -32.98 17.21
N ASP H 166 11.13 -32.88 16.40
CA ASP H 166 11.39 -33.81 15.32
C ASP H 166 12.87 -34.13 15.29
N MET H 167 13.22 -35.28 14.71
CA MET H 167 14.61 -35.67 14.55
C MET H 167 14.79 -36.19 13.14
N ARG H 168 15.98 -35.97 12.58
CA ARG H 168 16.26 -36.32 11.19
C ARG H 168 17.71 -36.80 11.08
N MET H 169 17.92 -37.80 10.23
CA MET H 169 19.23 -38.43 10.12
C MET H 169 20.02 -37.85 8.94
N ILE H 170 21.34 -38.04 8.98
CA ILE H 170 22.25 -37.48 8.00
C ILE H 170 22.65 -38.59 7.05
N PHE H 171 22.63 -38.29 5.75
CA PHE H 171 22.89 -39.29 4.74
C PHE H 171 24.12 -38.92 3.92
N ASP H 172 24.47 -39.80 2.99
CA ASP H 172 25.60 -39.58 2.10
C ASP H 172 25.14 -39.37 0.66
N ASP H 173 25.98 -38.71 -0.13
CA ASP H 173 25.70 -38.58 -1.56
C ASP H 173 25.63 -39.93 -2.23
N ASP H 174 26.56 -40.83 -1.91
CA ASP H 174 26.50 -42.22 -2.34
C ASP H 174 26.35 -43.07 -1.09
N PHE H 175 25.35 -43.95 -1.10
CA PHE H 175 25.03 -44.76 0.08
C PHE H 175 25.90 -46.00 0.17
N GLN H 176 27.05 -46.00 -0.49
CA GLN H 176 28.07 -46.99 -0.18
C GLN H 176 28.50 -46.88 1.28
N LYS H 177 28.29 -45.72 1.89
CA LYS H 177 28.47 -45.54 3.33
C LYS H 177 27.13 -45.66 4.03
N LYS H 178 27.11 -46.41 5.13
CA LYS H 178 25.89 -46.55 5.93
C LYS H 178 25.67 -45.29 6.75
N ASN H 179 24.41 -44.96 7.01
CA ASN H 179 24.06 -43.76 7.75
C ASN H 179 24.39 -43.94 9.22
N GLN H 180 25.32 -43.11 9.72
CA GLN H 180 25.75 -43.20 11.11
C GLN H 180 25.31 -42.00 11.94
N THR H 181 24.70 -40.98 11.34
CA THR H 181 24.56 -39.68 11.99
C THR H 181 23.18 -39.10 11.78
N GLY H 182 22.74 -38.26 12.72
CA GLY H 182 21.48 -37.57 12.61
C GLY H 182 21.47 -36.25 13.38
N LEU H 183 20.32 -35.59 13.32
CA LEU H 183 20.11 -34.28 13.94
C LEU H 183 18.73 -34.21 14.57
N ILE H 184 18.66 -33.62 15.76
CA ILE H 184 17.41 -33.49 16.50
C ILE H 184 17.08 -32.02 16.63
N ILE H 185 15.82 -31.67 16.35
CA ILE H 185 15.35 -30.30 16.39
C ILE H 185 14.09 -30.26 17.24
N HIS H 186 13.74 -29.06 17.71
CA HIS H 186 12.58 -28.87 18.56
C HIS H 186 11.74 -27.71 18.05
N GLN H 187 10.44 -27.78 18.31
CA GLN H 187 9.49 -26.77 17.87
C GLN H 187 8.51 -26.47 18.99
N LEU H 188 8.16 -25.20 19.13
CA LEU H 188 7.10 -24.77 20.03
C LEU H 188 6.08 -23.95 19.27
N LYS H 189 4.82 -24.13 19.61
CA LYS H 189 3.72 -23.34 19.05
C LYS H 189 2.80 -22.92 20.18
N LEU H 190 2.33 -21.68 20.09
CA LEU H 190 1.64 -21.02 21.19
C LEU H 190 0.39 -20.32 20.67
N GLU H 191 -0.55 -20.09 21.58
CA GLU H 191 -1.80 -19.44 21.24
C GLU H 191 -2.07 -18.32 22.24
N TYR H 192 -2.70 -17.26 21.77
CA TYR H 192 -2.92 -16.08 22.58
C TYR H 192 -4.03 -15.24 21.96
N ILE H 193 -4.59 -14.35 22.78
CA ILE H 193 -5.62 -13.41 22.34
C ILE H 193 -4.99 -12.02 22.34
N GLU H 194 -5.18 -11.29 21.24
CA GLU H 194 -4.73 -9.90 21.16
C GLU H 194 -5.90 -9.03 20.75
N ASP H 195 -6.14 -7.97 21.51
CA ASP H 195 -7.18 -7.00 21.22
C ASP H 195 -8.50 -7.70 20.90
N ASN H 196 -8.85 -8.66 21.76
CA ASN H 196 -10.06 -9.46 21.60
C ASN H 196 -10.01 -10.36 20.38
N THR H 197 -8.81 -10.65 19.87
CA THR H 197 -8.63 -11.49 18.70
C THR H 197 -7.68 -12.64 19.03
N SER H 198 -8.09 -13.86 18.74
CA SER H 198 -7.25 -15.02 19.02
C SER H 198 -6.11 -15.10 18.03
N LYS H 199 -4.96 -15.58 18.51
CA LYS H 199 -3.74 -15.60 17.72
C LYS H 199 -2.87 -16.77 18.15
N GLU H 200 -1.87 -17.07 17.32
CA GLU H 200 -0.90 -18.11 17.60
C GLU H 200 0.44 -17.71 17.00
N PHE H 201 1.49 -18.42 17.42
CA PHE H 201 2.84 -18.06 17.02
C PHE H 201 3.72 -19.31 17.09
N PHE H 202 4.60 -19.46 16.10
CA PHE H 202 5.30 -20.72 15.87
C PHE H 202 6.80 -20.49 15.85
N ILE H 203 7.56 -21.35 16.53
CA ILE H 203 9.01 -21.22 16.62
C ILE H 203 9.65 -22.60 16.76
N SER H 204 10.92 -22.70 16.35
CA SER H 204 11.72 -23.90 16.49
C SER H 204 12.88 -23.65 17.44
N LEU H 205 13.22 -24.66 18.24
CA LEU H 205 14.18 -24.52 19.32
C LEU H 205 15.20 -25.65 19.29
N ASP H 206 16.21 -25.51 20.15
CA ASP H 206 17.17 -26.56 20.47
C ASP H 206 17.15 -26.81 21.98
N ASN H 207 17.60 -28.00 22.37
CA ASN H 207 17.45 -28.42 23.76
C ASN H 207 18.15 -27.47 24.72
N ASP H 208 19.32 -26.96 24.32
CA ASP H 208 20.07 -26.08 25.21
C ASP H 208 19.29 -24.82 25.54
N ASP H 209 18.67 -24.21 24.53
CA ASP H 209 17.89 -23.00 24.78
C ASP H 209 16.66 -23.32 25.62
N VAL H 210 16.07 -24.50 25.41
CA VAL H 210 14.95 -24.90 26.25
C VAL H 210 15.37 -24.99 27.70
N LEU H 211 16.54 -25.58 27.95
CA LEU H 211 17.06 -25.66 29.32
C LEU H 211 17.31 -24.27 29.88
N LYS H 212 17.88 -23.39 29.07
CA LYS H 212 18.16 -22.04 29.52
C LYS H 212 16.88 -21.31 29.88
N LEU H 213 15.85 -21.46 29.06
CA LEU H 213 14.55 -20.86 29.34
C LEU H 213 13.95 -21.45 30.61
N SER H 214 14.11 -22.75 30.80
CA SER H 214 13.64 -23.37 32.03
C SER H 214 14.32 -22.74 33.23
N GLU H 215 15.64 -22.51 33.14
CA GLU H 215 16.34 -21.85 34.23
C GLU H 215 15.82 -20.44 34.47
N GLU H 216 15.61 -19.68 33.39
CA GLU H 216 15.08 -18.33 33.54
C GLU H 216 13.73 -18.34 34.25
N LEU H 217 12.81 -19.17 33.76
CA LEU H 217 11.46 -19.17 34.31
C LEU H 217 11.46 -19.72 35.73
N LYS H 218 12.39 -20.62 36.06
CA LYS H 218 12.49 -21.10 37.43
C LYS H 218 12.98 -19.99 38.35
N ARG H 219 13.96 -19.21 37.88
CA ARG H 219 14.42 -18.07 38.66
C ARG H 219 13.29 -17.08 38.88
N SER H 220 12.51 -16.80 37.84
CA SER H 220 11.38 -15.89 38.00
C SER H 220 10.34 -16.47 38.93
N LEU H 221 10.15 -17.80 38.91
CA LEU H 221 9.22 -18.42 39.83
C LEU H 221 9.68 -18.26 41.28
N GLU H 222 10.98 -18.42 41.52
CA GLU H 222 11.50 -18.18 42.86
C GLU H 222 11.30 -16.72 43.25
N LYS H 223 11.47 -15.81 42.29
CA LYS H 223 11.16 -14.40 42.55
C LYS H 223 9.71 -14.23 42.97
N GLU H 224 8.80 -14.89 42.25
CA GLU H 224 7.39 -14.77 42.54
C GLU H 224 7.07 -15.33 43.92
N GLU H 225 7.72 -16.43 44.30
CA GLU H 225 7.52 -16.99 45.63
C GLU H 225 8.03 -16.04 46.70
N CYS H 226 9.20 -15.44 46.48
CA CYS H 226 9.71 -14.46 47.42
C CYS H 226 8.77 -13.27 47.51
N ILE H 227 8.07 -12.96 46.42
CA ILE H 227 7.11 -11.85 46.43
C ILE H 227 5.85 -12.23 47.20
N LYS H 228 5.37 -13.46 47.01
CA LYS H 228 4.39 -14.03 47.93
C LYS H 228 4.80 -13.79 49.37
N ARG H 229 6.08 -14.04 49.68
CA ARG H 229 6.54 -13.99 51.06
C ARG H 229 6.72 -12.57 51.57
N ASP H 230 7.07 -11.63 50.68
CA ASP H 230 7.54 -10.32 51.13
C ASP H 230 6.46 -9.54 51.88
N PHE H 231 5.26 -9.43 51.32
CA PHE H 231 4.18 -8.65 51.92
C PHE H 231 3.17 -9.54 52.63
N ASP H 232 3.53 -10.04 53.81
CA ASP H 232 2.57 -10.78 54.63
C ASP H 232 1.39 -9.92 55.04
N GLN H 233 1.52 -8.59 55.00
CA GLN H 233 0.45 -7.70 55.40
C GLN H 233 -0.63 -7.55 54.34
N VAL H 234 -0.39 -8.00 53.11
CA VAL H 234 -1.31 -7.82 52.01
C VAL H 234 -1.54 -9.16 51.33
N GLN H 235 -2.70 -9.32 50.71
CA GLN H 235 -3.01 -10.53 49.95
C GLN H 235 -2.87 -10.26 48.46
N PHE H 236 -2.48 -11.29 47.73
CA PHE H 236 -2.33 -11.22 46.28
C PHE H 236 -3.02 -12.43 45.66
N ILE H 237 -3.82 -12.19 44.62
CA ILE H 237 -4.81 -13.15 44.16
C ILE H 237 -4.52 -13.54 42.72
N ASN H 238 -4.94 -14.76 42.36
CA ASN H 238 -5.02 -15.20 40.99
C ASN H 238 -6.47 -15.16 40.56
N ILE H 239 -6.73 -14.50 39.43
CA ILE H 239 -8.09 -14.25 38.97
C ILE H 239 -8.31 -14.96 37.63
N LYS H 240 -9.39 -15.72 37.54
CA LYS H 240 -9.66 -16.50 36.35
C LYS H 240 -11.13 -16.37 35.93
N MET I 21 24.44 9.91 -29.43
CA MET I 21 25.40 9.45 -30.48
C MET I 21 24.87 8.20 -31.17
N LYS I 22 25.64 7.66 -32.11
CA LYS I 22 25.16 6.51 -32.88
C LYS I 22 24.94 5.29 -32.00
N TYR I 23 25.86 5.01 -31.07
CA TYR I 23 25.79 3.80 -30.26
C TYR I 23 26.14 4.13 -28.82
N LYS I 24 25.54 3.37 -27.90
CA LYS I 24 25.89 3.42 -26.48
C LYS I 24 27.19 2.66 -26.28
N ILE I 25 28.29 3.29 -26.67
CA ILE I 25 29.58 2.60 -26.77
C ILE I 25 30.06 2.21 -25.38
N PRO I 26 30.32 0.93 -25.12
CA PRO I 26 31.02 0.56 -23.89
C PRO I 26 32.43 1.15 -23.88
N LYS I 27 32.88 1.55 -22.70
CA LYS I 27 34.20 2.15 -22.57
C LYS I 27 35.32 1.12 -22.58
N ASN I 28 34.97 -0.17 -22.54
CA ASN I 28 35.99 -1.22 -22.62
C ASN I 28 36.26 -1.63 -24.06
N PHE I 29 35.29 -1.42 -24.95
CA PHE I 29 35.45 -1.79 -26.35
C PHE I 29 36.33 -0.79 -27.10
N LEU I 30 36.73 0.31 -26.46
CA LEU I 30 37.49 1.34 -27.15
C LEU I 30 38.81 0.80 -27.68
N SER I 31 39.49 -0.05 -26.90
CA SER I 31 40.72 -0.67 -27.39
C SER I 31 40.44 -1.56 -28.59
N GLY I 32 39.34 -2.32 -28.58
CA GLY I 32 38.98 -3.10 -29.73
C GLY I 32 38.71 -2.25 -30.95
N PHE I 33 38.04 -1.11 -30.76
CA PHE I 33 37.81 -0.19 -31.86
C PHE I 33 39.11 0.36 -32.41
N GLN I 34 40.06 0.70 -31.54
CA GLN I 34 41.37 1.16 -32.00
C GLN I 34 42.07 0.08 -32.82
N ILE I 35 42.05 -1.15 -32.31
CA ILE I 35 42.68 -2.25 -33.03
C ILE I 35 42.05 -2.42 -34.41
N LEU I 36 40.73 -2.39 -34.48
CA LEU I 36 40.03 -2.53 -35.75
C LEU I 36 40.36 -1.38 -36.70
N SER I 37 40.43 -0.16 -36.19
CA SER I 37 40.79 0.99 -37.01
C SER I 37 42.21 0.84 -37.58
N GLN I 38 43.15 0.36 -36.77
CA GLN I 38 44.52 0.18 -37.24
C GLN I 38 44.77 -1.19 -37.85
N LEU I 39 43.76 -2.05 -37.90
CA LEU I 39 43.98 -3.43 -38.33
C LEU I 39 44.33 -3.47 -39.81
N ASP I 40 45.07 -4.51 -40.20
CA ASP I 40 45.52 -4.69 -41.57
C ASP I 40 44.34 -5.06 -42.47
N LYS I 41 44.45 -4.66 -43.74
CA LYS I 41 43.42 -5.00 -44.72
C LYS I 41 43.30 -6.50 -44.93
N LYS I 42 44.43 -7.21 -44.98
CA LYS I 42 44.40 -8.66 -45.14
C LYS I 42 43.66 -9.32 -43.98
N GLU I 43 43.95 -8.88 -42.76
CA GLU I 43 43.32 -9.48 -41.58
C GLU I 43 41.81 -9.27 -41.58
N ILE I 44 41.35 -8.05 -41.88
CA ILE I 44 39.91 -7.80 -41.87
C ILE I 44 39.20 -8.60 -42.95
N GLU I 45 39.80 -8.67 -44.15
CA GLU I 45 39.18 -9.45 -45.22
C GLU I 45 39.10 -10.94 -44.85
N GLU I 46 40.18 -11.48 -44.30
CA GLU I 46 40.17 -12.89 -43.90
C GLU I 46 39.15 -13.14 -42.80
N LEU I 47 39.04 -12.23 -41.83
CA LEU I 47 38.05 -12.38 -40.78
C LEU I 47 36.64 -12.31 -41.33
N ALA I 48 36.41 -11.41 -42.30
CA ALA I 48 35.10 -11.36 -42.94
C ALA I 48 34.77 -12.67 -43.64
N LYS I 49 35.75 -13.24 -44.34
CA LYS I 49 35.54 -14.54 -44.98
C LYS I 49 35.18 -15.60 -43.94
N LEU I 50 35.95 -15.67 -42.85
CA LEU I 50 35.71 -16.68 -41.83
C LEU I 50 34.33 -16.50 -41.21
N LEU I 51 33.94 -15.25 -40.93
CA LEU I 51 32.62 -14.98 -40.38
C LEU I 51 31.51 -15.39 -41.35
N GLY I 52 31.71 -15.13 -42.65
CA GLY I 52 30.76 -15.60 -43.64
C GLY I 52 30.70 -17.11 -43.72
N GLU I 53 31.76 -17.80 -43.29
CA GLU I 53 31.73 -19.25 -43.15
C GLU I 53 31.25 -19.72 -41.79
N LEU I 54 30.96 -18.82 -40.87
CA LEU I 54 30.55 -19.21 -39.52
C LEU I 54 29.17 -19.85 -39.55
N PRO I 55 28.99 -21.03 -38.95
CA PRO I 55 27.63 -21.59 -38.83
C PRO I 55 26.82 -20.85 -37.78
N VAL I 56 25.49 -20.93 -37.90
CA VAL I 56 24.61 -20.28 -36.95
C VAL I 56 24.73 -20.96 -35.60
N GLY I 57 24.62 -20.18 -34.53
CA GLY I 57 24.62 -20.70 -33.18
C GLY I 57 25.97 -20.80 -32.52
N SER I 58 27.06 -20.51 -33.23
CA SER I 58 28.39 -20.56 -32.63
C SER I 58 28.50 -19.52 -31.53
N ASN I 59 29.09 -19.91 -30.40
CA ASN I 59 29.20 -19.03 -29.25
C ASN I 59 30.54 -18.32 -29.23
N VAL I 60 30.67 -17.34 -28.33
CA VAL I 60 31.86 -16.49 -28.31
C VAL I 60 33.10 -17.32 -27.97
N GLN I 61 32.99 -18.23 -27.01
CA GLN I 61 34.16 -19.01 -26.60
C GLN I 61 34.71 -19.83 -27.76
N GLU I 62 33.84 -20.51 -28.51
CA GLU I 62 34.31 -21.30 -29.63
C GLU I 62 34.93 -20.43 -30.71
N PHE I 63 34.31 -19.28 -30.99
CA PHE I 63 34.86 -18.37 -31.99
C PHE I 63 36.24 -17.88 -31.60
N GLN I 64 36.42 -17.50 -30.33
CA GLN I 64 37.71 -17.01 -29.87
C GLN I 64 38.75 -18.13 -29.87
N SER I 65 38.37 -19.33 -29.47
CA SER I 65 39.30 -20.46 -29.52
C SER I 65 39.74 -20.76 -30.94
N ALA I 66 38.80 -20.73 -31.89
CA ALA I 66 39.15 -20.94 -33.28
C ALA I 66 40.09 -19.84 -33.78
N ILE I 67 39.83 -18.60 -33.38
CA ILE I 67 40.72 -17.51 -33.75
C ILE I 67 42.12 -17.76 -33.20
N GLN I 68 42.21 -18.20 -31.95
CA GLN I 68 43.51 -18.47 -31.34
C GLN I 68 44.24 -19.58 -32.09
N THR I 69 43.53 -20.65 -32.44
CA THR I 69 44.16 -21.77 -33.14
C THR I 69 44.49 -21.45 -34.58
N ASN I 70 43.97 -20.37 -35.13
CA ASN I 70 44.30 -19.96 -36.49
C ASN I 70 45.61 -19.20 -36.48
N LYS I 71 46.62 -19.75 -37.16
CA LYS I 71 47.97 -19.20 -37.10
C LYS I 71 48.08 -17.87 -37.83
N GLU I 72 47.35 -17.69 -38.93
CA GLU I 72 47.46 -16.46 -39.71
C GLU I 72 46.91 -15.24 -38.97
N LEU I 73 46.20 -15.44 -37.86
CA LEU I 73 45.58 -14.35 -37.13
C LEU I 73 46.50 -13.88 -36.02
N SER I 74 46.74 -12.57 -35.98
CA SER I 74 47.49 -11.99 -34.88
C SER I 74 46.62 -11.88 -33.63
N GLU I 75 47.24 -11.52 -32.51
CA GLU I 75 46.50 -11.34 -31.28
C GLU I 75 45.51 -10.19 -31.37
N ASN I 76 45.65 -9.31 -32.37
CA ASN I 76 44.71 -8.22 -32.55
C ASN I 76 43.29 -8.75 -32.73
N ALA I 77 43.13 -9.79 -33.55
CA ALA I 77 41.80 -10.34 -33.80
C ALA I 77 41.19 -10.91 -32.52
N LEU I 78 41.97 -11.69 -31.77
CA LEU I 78 41.44 -12.27 -30.53
C LEU I 78 41.09 -11.19 -29.52
N LYS I 79 41.95 -10.18 -29.39
CA LYS I 79 41.66 -9.07 -28.50
C LYS I 79 40.45 -8.26 -28.95
N SER I 80 40.13 -8.30 -30.24
CA SER I 80 38.92 -7.67 -30.75
C SER I 80 37.84 -8.69 -31.07
N ALA I 81 38.08 -9.98 -30.80
CA ALA I 81 37.08 -11.01 -31.09
C ALA I 81 35.81 -10.79 -30.29
N ASP I 82 35.94 -10.43 -29.01
CA ASP I 82 34.76 -10.18 -28.19
C ASP I 82 33.92 -9.03 -28.78
N THR I 83 34.59 -7.97 -29.23
CA THR I 83 33.87 -6.89 -29.90
C THR I 83 33.19 -7.39 -31.17
N ILE I 84 33.89 -8.24 -31.93
CA ILE I 84 33.29 -8.81 -33.14
C ILE I 84 32.06 -9.63 -32.79
N PHE I 85 32.15 -10.45 -31.75
CA PHE I 85 30.99 -11.22 -31.32
C PHE I 85 29.89 -10.33 -30.76
N SER I 86 30.28 -9.18 -30.19
CA SER I 86 29.29 -8.25 -29.66
C SER I 86 28.50 -7.56 -30.77
N LEU I 87 28.96 -7.67 -32.01
CA LEU I 87 28.29 -6.99 -33.11
C LEU I 87 26.89 -7.55 -33.34
N GLY I 88 26.69 -8.84 -33.08
CA GLY I 88 25.38 -9.43 -33.31
C GLY I 88 24.28 -8.77 -32.51
N GLY I 89 24.58 -8.30 -31.30
CA GLY I 89 23.60 -7.59 -30.51
C GLY I 89 23.30 -6.20 -31.00
N LEU I 90 24.21 -5.62 -31.78
CA LEU I 90 23.96 -4.33 -32.40
C LEU I 90 23.76 -4.44 -33.91
N LEU I 91 24.10 -5.58 -34.52
CA LEU I 91 23.79 -5.81 -35.92
C LEU I 91 22.29 -5.85 -36.16
N LEU I 92 21.51 -6.26 -35.16
CA LEU I 92 20.06 -6.24 -35.24
C LEU I 92 19.45 -5.01 -34.57
N GLU I 93 20.16 -4.42 -33.60
CA GLU I 93 19.73 -3.13 -33.09
C GLU I 93 19.69 -2.10 -34.21
N ILE I 94 20.56 -2.25 -35.21
CA ILE I 94 20.41 -1.51 -36.46
C ILE I 94 19.41 -2.25 -37.35
N LYS I 95 18.96 -1.58 -38.41
CA LYS I 95 17.94 -2.14 -39.27
C LYS I 95 18.24 -1.87 -40.74
N ALA I 96 17.66 -2.69 -41.62
CA ALA I 96 17.91 -2.59 -43.05
C ALA I 96 17.51 -1.23 -43.61
N ASP I 97 16.62 -0.52 -42.93
CA ASP I 97 16.17 0.80 -43.40
C ASP I 97 17.30 1.81 -43.44
N ASP I 98 18.41 1.54 -42.77
CA ASP I 98 19.54 2.46 -42.76
C ASP I 98 20.67 1.92 -43.64
N SER I 99 21.48 2.84 -44.15
CA SER I 99 22.60 2.47 -45.01
C SER I 99 23.79 2.06 -44.16
N LEU I 100 24.29 0.85 -44.41
CA LEU I 100 25.43 0.35 -43.62
C LEU I 100 26.62 1.27 -43.73
N ASN I 101 26.80 1.93 -44.88
CA ASN I 101 27.91 2.87 -45.03
C ASN I 101 27.75 4.03 -44.06
N GLN I 102 26.56 4.63 -44.01
CA GLN I 102 26.33 5.73 -43.08
C GLN I 102 26.38 5.26 -41.63
N VAL I 103 25.94 4.01 -41.38
CA VAL I 103 26.08 3.46 -40.04
C VAL I 103 27.54 3.40 -39.63
N ALA I 104 28.40 2.92 -40.54
CA ALA I 104 29.82 2.85 -40.26
C ALA I 104 30.39 4.24 -40.02
N GLU I 105 30.01 5.21 -40.84
CA GLU I 105 30.51 6.58 -40.66
C GLU I 105 30.09 7.15 -39.32
N ASP I 106 28.81 7.01 -38.97
CA ASP I 106 28.31 7.57 -37.73
C ASP I 106 28.93 6.88 -36.53
N LEU I 107 29.12 5.56 -36.59
CA LEU I 107 29.74 4.86 -35.47
C LEU I 107 31.23 5.18 -35.36
N THR I 108 31.90 5.43 -36.48
CA THR I 108 33.28 5.92 -36.42
C THR I 108 33.33 7.28 -35.73
N ASN I 109 32.38 8.16 -36.06
CA ASN I 109 32.28 9.44 -35.37
C ASN I 109 32.04 9.24 -33.88
N ALA I 110 31.13 8.32 -33.52
CA ALA I 110 30.83 8.05 -32.12
C ALA I 110 32.06 7.56 -31.38
N TYR I 111 32.82 6.66 -32.00
CA TYR I 111 34.04 6.15 -31.37
C TYR I 111 35.10 7.25 -31.23
N ALA I 112 35.25 8.08 -32.27
CA ALA I 112 36.22 9.16 -32.19
C ALA I 112 35.82 10.23 -31.17
N LYS I 113 34.54 10.29 -30.83
CA LYS I 113 34.06 11.28 -29.86
C LYS I 113 34.14 10.74 -28.44
N GLU I 114 33.69 9.50 -28.23
CA GLU I 114 33.65 8.91 -26.90
C GLU I 114 34.77 7.91 -26.65
N GLY I 115 35.54 7.56 -27.68
CA GLY I 115 36.52 6.50 -27.56
C GLY I 115 37.92 6.99 -27.25
N GLU I 116 38.90 6.17 -27.60
CA GLU I 116 40.29 6.44 -27.24
C GLU I 116 40.83 7.70 -27.89
N GLU I 117 40.65 7.85 -29.21
CA GLU I 117 41.36 8.87 -29.97
C GLU I 117 40.40 9.61 -30.88
N GLU I 118 40.69 10.89 -31.08
CA GLU I 118 40.07 11.65 -32.17
C GLU I 118 40.79 11.26 -33.46
N ILE I 119 40.27 10.22 -34.12
CA ILE I 119 41.02 9.55 -35.18
C ILE I 119 41.36 10.54 -36.28
N GLY I 120 42.57 10.44 -36.80
CA GLY I 120 42.96 11.20 -37.96
C GLY I 120 42.17 10.75 -39.18
N THR I 121 42.09 11.64 -40.18
CA THR I 121 41.23 11.39 -41.32
C THR I 121 41.58 10.07 -42.03
N GLU I 122 42.88 9.80 -42.19
CA GLU I 122 43.26 8.56 -42.87
C GLU I 122 42.82 7.33 -42.10
N GLN I 123 43.06 7.31 -40.78
CA GLN I 123 42.66 6.16 -40.00
C GLN I 123 41.15 6.16 -39.77
N ARG I 124 40.52 7.34 -39.78
CA ARG I 124 39.06 7.39 -39.75
C ARG I 124 38.47 6.68 -40.96
N GLU I 125 38.98 6.98 -42.15
CA GLU I 125 38.50 6.33 -43.35
C GLU I 125 38.84 4.84 -43.33
N GLN I 126 40.02 4.49 -42.82
CA GLN I 126 40.37 3.07 -42.71
C GLN I 126 39.38 2.35 -41.81
N LEU I 127 39.03 2.93 -40.67
CA LEU I 127 38.08 2.32 -39.76
C LEU I 127 36.71 2.18 -40.42
N ILE I 128 36.27 3.22 -41.13
CA ILE I 128 34.96 3.15 -41.77
C ILE I 128 34.95 2.05 -42.83
N HIS I 129 36.02 1.97 -43.62
CA HIS I 129 36.10 0.94 -44.66
C HIS I 129 36.14 -0.46 -44.03
N ASN I 130 36.88 -0.62 -42.94
CA ASN I 130 36.92 -1.91 -42.25
C ASN I 130 35.55 -2.28 -41.69
N LEU I 131 34.84 -1.30 -41.13
CA LEU I 131 33.49 -1.55 -40.65
C LEU I 131 32.59 -2.02 -41.78
N LEU I 132 32.65 -1.33 -42.93
CA LEU I 132 31.84 -1.74 -44.06
C LEU I 132 32.20 -3.15 -44.52
N ILE I 133 33.48 -3.49 -44.53
CA ILE I 133 33.91 -4.82 -44.96
C ILE I 133 33.37 -5.88 -44.01
N VAL I 134 33.53 -5.66 -42.69
CA VAL I 134 33.21 -6.69 -41.72
C VAL I 134 31.74 -6.65 -41.33
N LEU I 135 31.17 -5.47 -41.13
CA LEU I 135 29.76 -5.39 -40.80
C LEU I 135 28.90 -5.96 -41.92
N GLN I 136 29.37 -5.88 -43.16
CA GLN I 136 28.73 -6.59 -44.24
C GLN I 136 28.84 -8.10 -44.05
N LYS I 137 28.24 -8.88 -44.94
CA LYS I 137 28.17 -10.31 -44.76
C LYS I 137 27.50 -10.65 -43.43
N ALA I 138 28.26 -11.10 -42.43
CA ALA I 138 27.75 -11.31 -41.07
C ALA I 138 26.32 -11.86 -41.05
N GLU I 139 26.05 -12.89 -41.85
CA GLU I 139 24.67 -13.36 -41.99
C GLU I 139 24.32 -14.34 -40.87
N ASN I 140 25.12 -15.39 -40.71
CA ASN I 140 24.81 -16.40 -39.69
C ASN I 140 24.88 -15.83 -38.29
N LEU I 141 25.85 -14.96 -38.00
CA LEU I 141 25.93 -14.34 -36.68
C LEU I 141 24.70 -13.48 -36.41
N LYS I 142 24.28 -12.69 -37.39
CA LYS I 142 23.11 -11.84 -37.22
C LYS I 142 21.87 -12.70 -36.99
N LYS I 143 21.74 -13.79 -37.75
CA LYS I 143 20.59 -14.67 -37.56
C LYS I 143 20.63 -15.34 -36.19
N THR I 144 21.83 -15.69 -35.72
CA THR I 144 21.96 -16.28 -34.39
C THR I 144 21.47 -15.31 -33.33
N PHE I 145 21.91 -14.05 -33.41
CA PHE I 145 21.48 -13.10 -32.39
C PHE I 145 20.02 -12.72 -32.57
N LYS I 146 19.47 -12.89 -33.78
CA LYS I 146 18.03 -12.72 -33.94
C LYS I 146 17.28 -13.83 -33.23
N ALA I 147 17.76 -15.07 -33.36
CA ALA I 147 17.17 -16.17 -32.64
C ALA I 147 17.22 -15.91 -31.13
N TYR I 148 18.35 -15.40 -30.65
CA TYR I 148 18.42 -15.00 -29.25
C TYR I 148 17.44 -13.88 -28.94
N ARG I 149 17.28 -12.94 -29.86
CA ARG I 149 16.31 -11.87 -29.67
C ARG I 149 14.88 -12.41 -29.68
N LEU I 150 14.56 -13.23 -30.68
CA LEU I 150 13.26 -13.88 -30.70
C LEU I 150 13.09 -14.78 -29.48
N LEU I 151 14.21 -15.24 -28.91
CA LEU I 151 14.15 -16.08 -27.72
C LEU I 151 13.57 -15.33 -26.53
N PHE I 152 14.12 -14.15 -26.23
CA PHE I 152 13.80 -13.48 -24.97
C PHE I 152 12.85 -12.31 -25.14
N GLU I 153 11.90 -12.40 -26.06
CA GLU I 153 10.75 -11.49 -26.01
C GLU I 153 9.87 -11.82 -24.80
N ASN I 154 10.08 -12.98 -24.19
CA ASN I 154 9.29 -13.42 -23.05
C ASN I 154 9.76 -12.71 -21.78
N THR I 155 9.28 -13.21 -20.64
CA THR I 155 9.53 -12.53 -19.37
C THR I 155 10.68 -13.18 -18.60
N ARG I 156 10.77 -14.51 -18.63
CA ARG I 156 11.68 -15.20 -17.74
C ARG I 156 12.12 -16.54 -18.31
N SER I 157 13.22 -17.06 -17.75
CA SER I 157 13.78 -18.35 -18.18
C SER I 157 14.57 -18.96 -17.04
N PHE I 158 14.69 -20.29 -17.07
CA PHE I 158 15.42 -21.03 -16.05
C PHE I 158 16.89 -20.63 -16.03
N ARG I 159 17.57 -21.01 -14.96
CA ARG I 159 19.03 -21.17 -15.02
C ARG I 159 19.51 -22.47 -14.38
N LYS I 160 18.82 -22.96 -13.35
CA LYS I 160 19.27 -24.15 -12.66
C LYS I 160 18.22 -24.55 -11.63
N SER I 161 18.44 -25.71 -11.02
CA SER I 161 17.54 -26.23 -10.00
C SER I 161 18.30 -27.24 -9.14
N ARG I 162 17.71 -27.56 -8.00
CA ARG I 162 18.29 -28.50 -7.04
C ARG I 162 17.17 -29.28 -6.38
N VAL I 163 17.38 -30.58 -6.22
CA VAL I 163 16.39 -31.47 -5.64
C VAL I 163 16.80 -31.86 -4.23
N MET I 164 15.87 -31.75 -3.30
CA MET I 164 16.12 -32.05 -1.89
C MET I 164 14.98 -32.91 -1.37
N THR I 165 15.34 -33.97 -0.64
CA THR I 165 14.33 -34.86 -0.07
C THR I 165 14.72 -35.22 1.35
N ASP I 166 13.71 -35.44 2.19
CA ASP I 166 13.89 -35.70 3.60
C ASP I 166 12.93 -36.81 4.02
N MET I 167 13.26 -37.50 5.11
CA MET I 167 12.40 -38.53 5.65
C MET I 167 12.31 -38.35 7.15
N ARG I 168 11.16 -38.67 7.72
CA ARG I 168 10.90 -38.45 9.14
C ARG I 168 10.07 -39.59 9.69
N MET I 169 10.36 -40.00 10.92
CA MET I 169 9.70 -41.15 11.53
C MET I 169 8.54 -40.73 12.42
N ILE I 170 7.64 -41.68 12.68
CA ILE I 170 6.42 -41.41 13.43
C ILE I 170 6.62 -41.96 14.84
N PHE I 171 6.22 -41.16 15.82
CA PHE I 171 6.46 -41.51 17.22
C PHE I 171 5.13 -41.65 17.95
N ASP I 172 5.23 -42.02 19.23
CA ASP I 172 4.06 -42.17 20.09
C ASP I 172 4.05 -41.10 21.17
N ASP I 173 2.85 -40.82 21.69
CA ASP I 173 2.73 -39.93 22.84
C ASP I 173 3.49 -40.46 24.04
N ASP I 174 3.38 -41.75 24.32
CA ASP I 174 4.19 -42.43 25.33
C ASP I 174 5.05 -43.45 24.59
N PHE I 175 6.35 -43.42 24.84
CA PHE I 175 7.30 -44.27 24.14
C PHE I 175 7.40 -45.65 24.75
N GLN I 176 6.39 -46.06 25.52
CA GLN I 176 6.25 -47.47 25.87
C GLN I 176 6.12 -48.31 24.60
N LYS I 177 5.67 -47.71 23.51
CA LYS I 177 5.67 -48.36 22.20
C LYS I 177 6.91 -47.93 21.42
N LYS I 178 7.58 -48.90 20.80
CA LYS I 178 8.74 -48.60 19.96
C LYS I 178 8.29 -48.02 18.64
N ASN I 179 9.12 -47.15 18.07
CA ASN I 179 8.78 -46.49 16.81
C ASN I 179 8.89 -47.49 15.65
N GLN I 180 7.77 -47.73 14.99
CA GLN I 180 7.73 -48.68 13.88
C GLN I 180 7.50 -48.01 12.53
N THR I 181 7.23 -46.70 12.50
CA THR I 181 6.67 -46.07 11.32
C THR I 181 7.35 -44.74 11.01
N GLY I 182 7.34 -44.37 9.73
CA GLY I 182 7.87 -43.09 9.31
C GLY I 182 7.23 -42.58 8.03
N LEU I 183 7.70 -41.41 7.60
CA LEU I 183 7.17 -40.72 6.43
C LEU I 183 8.32 -40.12 5.63
N ILE I 184 8.22 -40.22 4.30
CA ILE I 184 9.23 -39.72 3.39
C ILE I 184 8.62 -38.61 2.54
N ILE I 185 9.34 -37.49 2.44
CA ILE I 185 8.88 -36.32 1.70
C ILE I 185 9.98 -35.91 0.73
N HIS I 186 9.61 -35.14 -0.28
CA HIS I 186 10.54 -34.69 -1.30
C HIS I 186 10.39 -33.20 -1.53
N GLN I 187 11.49 -32.55 -1.92
CA GLN I 187 11.53 -31.12 -2.16
C GLN I 187 12.31 -30.83 -3.43
N LEU I 188 11.83 -29.85 -4.19
CA LEU I 188 12.55 -29.34 -5.35
C LEU I 188 12.70 -27.83 -5.21
N LYS I 189 13.85 -27.33 -5.63
CA LYS I 189 14.11 -25.91 -5.68
C LYS I 189 14.78 -25.57 -7.00
N LEU I 190 14.37 -24.43 -7.57
CA LEU I 190 14.70 -24.09 -8.95
C LEU I 190 15.15 -22.64 -9.01
N GLU I 191 15.91 -22.32 -10.07
CA GLU I 191 16.42 -20.97 -10.27
C GLU I 191 16.13 -20.54 -11.69
N TYR I 192 15.88 -19.24 -11.87
CA TYR I 192 15.47 -18.72 -13.16
C TYR I 192 15.72 -17.22 -13.18
N ILE I 193 15.76 -16.66 -14.39
CA ILE I 193 15.90 -15.23 -14.60
C ILE I 193 14.57 -14.71 -15.13
N GLU I 194 14.08 -13.63 -14.54
CA GLU I 194 12.88 -12.96 -15.03
C GLU I 194 13.19 -11.49 -15.25
N ASP I 195 12.85 -11.00 -16.45
CA ASP I 195 13.02 -9.59 -16.80
C ASP I 195 14.42 -9.09 -16.42
N ASN I 196 15.42 -9.90 -16.77
CA ASN I 196 16.81 -9.61 -16.47
C ASN I 196 17.11 -9.68 -14.98
N THR I 197 16.27 -10.36 -14.21
CA THR I 197 16.44 -10.50 -12.77
C THR I 197 16.44 -11.97 -12.40
N SER I 198 17.46 -12.38 -11.64
CA SER I 198 17.57 -13.77 -11.23
C SER I 198 16.56 -14.08 -10.14
N LYS I 199 16.04 -15.31 -10.15
CA LYS I 199 14.98 -15.71 -9.25
C LYS I 199 15.08 -17.20 -8.95
N GLU I 200 14.34 -17.63 -7.93
CA GLU I 200 14.27 -19.03 -7.54
C GLU I 200 12.89 -19.32 -6.99
N PHE I 201 12.57 -20.60 -6.86
CA PHE I 201 11.24 -21.02 -6.45
C PHE I 201 11.33 -22.40 -5.81
N PHE I 202 10.57 -22.59 -4.73
CA PHE I 202 10.76 -23.73 -3.84
C PHE I 202 9.44 -24.49 -3.70
N ILE I 203 9.50 -25.81 -3.77
CA ILE I 203 8.31 -26.65 -3.67
C ILE I 203 8.68 -28.00 -3.07
N SER I 204 7.69 -28.66 -2.46
CA SER I 204 7.83 -29.99 -1.90
C SER I 204 6.93 -30.98 -2.67
N LEU I 205 7.44 -32.20 -2.84
CA LEU I 205 6.78 -33.19 -3.70
C LEU I 205 6.68 -34.54 -2.99
N ASP I 206 5.97 -35.45 -3.65
CA ASP I 206 5.92 -36.85 -3.29
C ASP I 206 6.35 -37.68 -4.50
N ASN I 207 6.79 -38.91 -4.23
CA ASN I 207 7.40 -39.73 -5.28
C ASN I 207 6.44 -39.96 -6.43
N ASP I 208 5.17 -40.18 -6.14
CA ASP I 208 4.20 -40.47 -7.20
C ASP I 208 4.10 -39.31 -8.18
N ASP I 209 4.03 -38.08 -7.67
CA ASP I 209 3.95 -36.94 -8.58
C ASP I 209 5.24 -36.77 -9.36
N VAL I 210 6.38 -37.09 -8.73
CA VAL I 210 7.64 -37.03 -9.45
C VAL I 210 7.62 -38.00 -10.63
N LEU I 211 7.12 -39.22 -10.39
CA LEU I 211 7.00 -40.20 -11.45
C LEU I 211 6.07 -39.72 -12.54
N LYS I 212 4.94 -39.13 -12.15
CA LYS I 212 3.98 -38.62 -13.12
C LYS I 212 4.60 -37.52 -13.97
N LEU I 213 5.34 -36.61 -13.34
CA LEU I 213 6.03 -35.56 -14.08
C LEU I 213 7.08 -36.15 -15.01
N SER I 214 7.78 -37.18 -14.56
CA SER I 214 8.74 -37.86 -15.43
C SER I 214 8.04 -38.40 -16.66
N GLU I 215 6.86 -39.01 -16.47
CA GLU I 215 6.10 -39.52 -17.61
C GLU I 215 5.70 -38.39 -18.55
N GLU I 216 5.21 -37.28 -17.99
CA GLU I 216 4.82 -36.14 -18.82
C GLU I 216 6.00 -35.64 -19.65
N LEU I 217 7.13 -35.40 -19.00
CA LEU I 217 8.27 -34.82 -19.69
C LEU I 217 8.86 -35.81 -20.69
N LYS I 218 8.75 -37.12 -20.41
CA LYS I 218 9.20 -38.11 -21.37
C LYS I 218 8.31 -38.11 -22.60
N ARG I 219 7.00 -37.99 -22.40
CA ARG I 219 6.08 -37.88 -23.52
C ARG I 219 6.39 -36.65 -24.35
N SER I 220 6.64 -35.52 -23.69
CA SER I 220 6.99 -34.31 -24.43
C SER I 220 8.32 -34.46 -25.15
N LEU I 221 9.25 -35.20 -24.56
CA LEU I 221 10.53 -35.46 -25.22
C LEU I 221 10.32 -36.29 -26.48
N GLU I 222 9.46 -37.30 -26.41
CA GLU I 222 9.14 -38.06 -27.61
C GLU I 222 8.47 -37.17 -28.65
N LYS I 223 7.62 -36.25 -28.21
CA LYS I 223 7.05 -35.27 -29.14
C LYS I 223 8.15 -34.46 -29.81
N GLU I 224 9.13 -34.00 -29.02
CA GLU I 224 10.21 -33.19 -29.57
C GLU I 224 11.04 -33.99 -30.56
N GLU I 225 11.27 -35.27 -30.28
CA GLU I 225 11.99 -36.11 -31.23
C GLU I 225 11.20 -36.29 -32.51
N CYS I 226 9.90 -36.51 -32.40
CA CYS I 226 9.07 -36.61 -33.60
C CYS I 226 9.09 -35.30 -34.38
N ILE I 227 9.25 -34.19 -33.68
CA ILE I 227 9.33 -32.89 -34.34
C ILE I 227 10.66 -32.72 -35.04
N LYS I 228 11.75 -33.13 -34.39
CA LYS I 228 13.02 -33.32 -35.09
C LYS I 228 12.80 -34.06 -36.39
N ARG I 229 12.03 -35.14 -36.35
CA ARG I 229 11.89 -36.02 -37.50
C ARG I 229 10.96 -35.43 -38.57
N ASP I 230 9.97 -34.64 -38.16
CA ASP I 230 8.89 -34.27 -39.08
C ASP I 230 9.38 -33.44 -40.26
N PHE I 231 10.15 -32.39 -40.01
CA PHE I 231 10.61 -31.50 -41.07
C PHE I 231 12.07 -31.77 -41.44
N ASP I 232 12.29 -32.85 -42.20
CA ASP I 232 13.63 -33.12 -42.73
C ASP I 232 14.10 -32.02 -43.67
N GLN I 233 13.18 -31.23 -44.23
CA GLN I 233 13.53 -30.16 -45.16
C GLN I 233 14.11 -28.93 -44.47
N VAL I 234 13.96 -28.81 -43.15
CA VAL I 234 14.38 -27.63 -42.42
C VAL I 234 15.25 -28.07 -41.25
N GLN I 235 16.14 -27.18 -40.81
CA GLN I 235 16.99 -27.42 -39.65
C GLN I 235 16.45 -26.66 -38.45
N PHE I 236 16.64 -27.24 -37.27
CA PHE I 236 16.23 -26.62 -36.01
C PHE I 236 17.40 -26.71 -35.04
N ILE I 237 17.68 -25.60 -34.36
CA ILE I 237 18.95 -25.41 -33.67
C ILE I 237 18.72 -25.19 -32.19
N ASN I 238 19.71 -25.56 -31.39
CA ASN I 238 19.80 -25.18 -29.99
C ASN I 238 20.83 -24.07 -29.87
N ILE I 239 20.42 -22.98 -29.23
CA ILE I 239 21.25 -21.78 -29.15
C ILE I 239 21.61 -21.50 -27.70
N LYS I 240 22.89 -21.29 -27.45
CA LYS I 240 23.38 -21.08 -26.09
C LYS I 240 24.36 -19.92 -26.03
N MET J 21 -18.87 -24.90 21.91
CA MET J 21 -19.23 -26.31 22.22
C MET J 21 -18.01 -27.21 22.04
N LYS J 22 -18.19 -28.52 22.27
CA LYS J 22 -17.06 -29.43 22.19
C LYS J 22 -16.43 -29.48 20.81
N TYR J 23 -17.25 -29.52 19.76
CA TYR J 23 -16.74 -29.68 18.41
C TYR J 23 -17.50 -28.77 17.46
N LYS J 24 -16.79 -28.32 16.41
CA LYS J 24 -17.42 -27.58 15.32
C LYS J 24 -18.15 -28.57 14.42
N ILE J 25 -19.32 -28.99 14.90
CA ILE J 25 -20.03 -30.12 14.28
C ILE J 25 -20.51 -29.72 12.90
N PRO J 26 -20.14 -30.43 11.83
CA PRO J 26 -20.80 -30.22 10.54
C PRO J 26 -22.28 -30.58 10.63
N LYS J 27 -23.10 -29.84 9.90
CA LYS J 27 -24.53 -30.07 9.94
C LYS J 27 -24.94 -31.25 9.06
N ASN J 28 -24.01 -31.81 8.28
CA ASN J 28 -24.33 -32.99 7.48
C ASN J 28 -24.04 -34.28 8.24
N PHE J 29 -23.16 -34.23 9.23
CA PHE J 29 -22.82 -35.40 10.02
C PHE J 29 -23.91 -35.74 11.04
N LEU J 30 -24.93 -34.89 11.17
CA LEU J 30 -25.95 -35.10 12.18
C LEU J 30 -26.67 -36.43 11.98
N SER J 31 -26.97 -36.78 10.73
CA SER J 31 -27.59 -38.06 10.45
C SER J 31 -26.67 -39.21 10.86
N GLY J 32 -25.37 -39.08 10.58
CA GLY J 32 -24.43 -40.10 11.02
C GLY J 32 -24.39 -40.23 12.53
N PHE J 33 -24.44 -39.10 13.23
CA PHE J 33 -24.49 -39.13 14.68
C PHE J 33 -25.75 -39.81 15.18
N GLN J 34 -26.89 -39.54 14.55
CA GLN J 34 -28.13 -40.22 14.93
C GLN J 34 -28.01 -41.74 14.73
N ILE J 35 -27.46 -42.14 13.57
CA ILE J 35 -27.29 -43.56 13.29
C ILE J 35 -26.41 -44.20 14.34
N LEU J 36 -25.29 -43.55 14.67
CA LEU J 36 -24.38 -44.09 15.67
C LEU J 36 -25.04 -44.18 17.04
N SER J 37 -25.83 -43.17 17.43
CA SER J 37 -26.53 -43.21 18.69
C SER J 37 -27.53 -44.36 18.75
N GLN J 38 -28.25 -44.62 17.65
CA GLN J 38 -29.21 -45.71 17.61
C GLN J 38 -28.61 -47.02 17.15
N LEU J 39 -27.32 -47.05 16.85
CA LEU J 39 -26.72 -48.24 16.26
C LEU J 39 -26.69 -49.39 17.26
N ASP J 40 -26.70 -50.61 16.74
CA ASP J 40 -26.71 -51.80 17.57
C ASP J 40 -25.36 -51.99 18.26
N LYS J 41 -25.39 -52.62 19.43
CA LYS J 41 -24.15 -52.92 20.16
C LYS J 41 -23.25 -53.87 19.39
N LYS J 42 -23.83 -54.89 18.76
CA LYS J 42 -23.04 -55.83 17.97
C LYS J 42 -22.32 -55.11 16.83
N GLU J 43 -23.03 -54.22 16.13
CA GLU J 43 -22.44 -53.52 15.00
C GLU J 43 -21.28 -52.64 15.43
N ILE J 44 -21.45 -51.87 16.52
CA ILE J 44 -20.37 -50.98 16.95
C ILE J 44 -19.16 -51.78 17.40
N GLU J 45 -19.37 -52.88 18.13
CA GLU J 45 -18.24 -53.70 18.56
C GLU J 45 -17.50 -54.31 17.37
N GLU J 46 -18.24 -54.82 16.39
CA GLU J 46 -17.61 -55.38 15.20
C GLU J 46 -16.84 -54.33 14.43
N LEU J 47 -17.42 -53.12 14.30
CA LEU J 47 -16.73 -52.05 13.61
C LEU J 47 -15.46 -51.63 14.36
N ALA J 48 -15.51 -51.60 15.68
CA ALA J 48 -14.33 -51.31 16.47
C ALA J 48 -13.24 -52.36 16.23
N LYS J 49 -13.63 -53.63 16.19
CA LYS J 49 -12.67 -54.70 15.88
C LYS J 49 -12.05 -54.47 14.52
N LEU J 50 -12.88 -54.22 13.50
CA LEU J 50 -12.37 -54.04 12.14
C LEU J 50 -11.43 -52.85 12.07
N LEU J 51 -11.78 -51.75 12.73
CA LEU J 51 -10.92 -50.57 12.75
C LEU J 51 -9.61 -50.87 13.45
N GLY J 52 -9.63 -51.63 14.54
CA GLY J 52 -8.40 -52.05 15.17
C GLY J 52 -7.57 -52.96 14.30
N GLU J 53 -8.20 -53.62 13.31
CA GLU J 53 -7.47 -54.38 12.31
C GLU J 53 -7.10 -53.55 11.08
N LEU J 54 -7.50 -52.29 11.02
CA LEU J 54 -7.23 -51.47 9.84
C LEU J 54 -5.74 -51.16 9.74
N PRO J 55 -5.12 -51.38 8.58
CA PRO J 55 -3.72 -50.95 8.41
C PRO J 55 -3.63 -49.44 8.24
N VAL J 56 -2.45 -48.90 8.55
CA VAL J 56 -2.24 -47.46 8.43
C VAL J 56 -2.27 -47.07 6.96
N GLY J 57 -2.79 -45.87 6.68
CA GLY J 57 -2.80 -45.33 5.34
C GLY J 57 -4.02 -45.66 4.51
N SER J 58 -4.94 -46.49 5.01
CA SER J 58 -6.14 -46.82 4.26
C SER J 58 -6.99 -45.56 4.07
N ASN J 59 -7.51 -45.38 2.86
CA ASN J 59 -8.28 -44.19 2.54
C ASN J 59 -9.78 -44.46 2.70
N VAL J 60 -10.55 -43.37 2.63
CA VAL J 60 -11.98 -43.46 2.91
C VAL J 60 -12.67 -44.36 1.89
N GLN J 61 -12.32 -44.22 0.61
CA GLN J 61 -12.98 -45.02 -0.42
C GLN J 61 -12.81 -46.52 -0.18
N GLU J 62 -11.58 -46.95 0.12
CA GLU J 62 -11.34 -48.36 0.37
C GLU J 62 -12.08 -48.85 1.60
N PHE J 63 -12.09 -48.03 2.66
CA PHE J 63 -12.80 -48.40 3.88
C PHE J 63 -14.29 -48.58 3.61
N GLN J 64 -14.89 -47.63 2.87
CA GLN J 64 -16.31 -47.71 2.58
C GLN J 64 -16.62 -48.89 1.66
N SER J 65 -15.76 -49.16 0.68
CA SER J 65 -15.97 -50.32 -0.18
C SER J 65 -15.90 -51.61 0.61
N ALA J 66 -14.94 -51.73 1.53
CA ALA J 66 -14.84 -52.90 2.37
C ALA J 66 -16.08 -53.05 3.25
N ILE J 67 -16.57 -51.94 3.79
CA ILE J 67 -17.80 -51.98 4.58
C ILE J 67 -18.96 -52.50 3.73
N GLN J 68 -19.07 -52.00 2.49
CA GLN J 68 -20.14 -52.44 1.60
C GLN J 68 -20.04 -53.93 1.32
N THR J 69 -18.83 -54.43 1.05
CA THR J 69 -18.65 -55.84 0.73
C THR J 69 -18.80 -56.74 1.95
N ASN J 70 -18.80 -56.17 3.16
CA ASN J 70 -19.01 -56.96 4.38
C ASN J 70 -20.49 -57.17 4.58
N LYS J 71 -20.92 -58.44 4.53
CA LYS J 71 -22.34 -58.76 4.57
C LYS J 71 -22.96 -58.49 5.94
N GLU J 72 -22.21 -58.71 7.02
CA GLU J 72 -22.76 -58.53 8.36
C GLU J 72 -23.07 -57.08 8.68
N LEU J 73 -22.60 -56.14 7.87
CA LEU J 73 -22.78 -54.72 8.14
C LEU J 73 -24.02 -54.21 7.42
N SER J 74 -24.89 -53.54 8.16
CA SER J 74 -26.03 -52.88 7.57
C SER J 74 -25.61 -51.58 6.88
N GLU J 75 -26.54 -50.99 6.13
CA GLU J 75 -26.26 -49.72 5.47
C GLU J 75 -26.00 -48.60 6.47
N ASN J 76 -26.37 -48.79 7.74
CA ASN J 76 -26.08 -47.79 8.75
C ASN J 76 -24.58 -47.49 8.83
N ALA J 77 -23.76 -48.53 8.83
CA ALA J 77 -22.32 -48.34 8.92
C ALA J 77 -21.78 -47.56 7.73
N LEU J 78 -22.18 -47.94 6.51
CA LEU J 78 -21.70 -47.25 5.33
C LEU J 78 -22.16 -45.79 5.33
N LYS J 79 -23.42 -45.55 5.69
CA LYS J 79 -23.92 -44.18 5.78
C LYS J 79 -23.22 -43.39 6.87
N SER J 80 -22.67 -44.05 7.89
CA SER J 80 -21.86 -43.40 8.91
C SER J 80 -20.37 -43.65 8.71
N ALA J 81 -19.98 -44.35 7.65
CA ALA J 81 -18.57 -44.63 7.42
C ALA J 81 -17.77 -43.36 7.21
N ASP J 82 -18.33 -42.40 6.46
CA ASP J 82 -17.63 -41.14 6.24
C ASP J 82 -17.38 -40.42 7.55
N THR J 83 -18.39 -40.41 8.44
CA THR J 83 -18.20 -39.84 9.76
C THR J 83 -17.12 -40.59 10.53
N ILE J 84 -17.11 -41.92 10.43
CA ILE J 84 -16.09 -42.72 11.09
C ILE J 84 -14.71 -42.35 10.56
N PHE J 85 -14.59 -42.22 9.24
CA PHE J 85 -13.31 -41.82 8.66
C PHE J 85 -12.96 -40.39 9.03
N SER J 86 -13.97 -39.54 9.25
CA SER J 86 -13.71 -38.16 9.64
C SER J 86 -13.19 -38.06 11.06
N LEU J 87 -13.27 -39.14 11.83
CA LEU J 87 -12.81 -39.09 13.22
C LEU J 87 -11.31 -38.86 13.32
N GLY J 88 -10.55 -39.35 12.34
CA GLY J 88 -9.10 -39.18 12.40
C GLY J 88 -8.67 -37.73 12.44
N GLY J 89 -9.42 -36.84 11.77
CA GLY J 89 -9.10 -35.43 11.82
C GLY J 89 -9.46 -34.77 13.13
N LEU J 90 -10.35 -35.39 13.91
CA LEU J 90 -10.67 -34.89 15.23
C LEU J 90 -10.13 -35.80 16.33
N LEU J 91 -9.73 -37.03 16.00
CA LEU J 91 -9.06 -37.89 16.96
C LEU J 91 -7.74 -37.30 17.42
N LEU J 92 -7.08 -36.53 16.57
CA LEU J 92 -5.85 -35.83 16.93
C LEU J 92 -6.11 -34.38 17.32
N GLU J 93 -7.19 -33.77 16.83
CA GLU J 93 -7.60 -32.47 17.35
C GLU J 93 -7.86 -32.56 18.84
N ILE J 94 -8.29 -33.71 19.33
CA ILE J 94 -8.28 -33.99 20.76
C ILE J 94 -6.89 -34.48 21.15
N LYS J 95 -6.65 -34.54 22.46
CA LYS J 95 -5.32 -34.89 22.96
C LYS J 95 -5.42 -35.80 24.18
N ALA J 96 -4.35 -36.55 24.42
CA ALA J 96 -4.31 -37.52 25.51
C ALA J 96 -4.55 -36.87 26.87
N ASP J 97 -4.31 -35.57 26.99
CA ASP J 97 -4.49 -34.87 28.26
C ASP J 97 -5.95 -34.87 28.71
N ASP J 98 -6.88 -35.17 27.81
CA ASP J 98 -8.29 -35.20 28.15
C ASP J 98 -8.78 -36.63 28.25
N SER J 99 -9.82 -36.84 29.05
CA SER J 99 -10.40 -38.16 29.25
C SER J 99 -11.37 -38.47 28.11
N LEU J 100 -11.13 -39.59 27.43
CA LEU J 100 -11.98 -39.96 26.30
C LEU J 100 -13.44 -40.09 26.73
N ASN J 101 -13.68 -40.53 27.97
CA ASN J 101 -15.05 -40.63 28.46
C ASN J 101 -15.71 -39.26 28.49
N GLN J 102 -15.02 -38.27 29.07
CA GLN J 102 -15.58 -36.92 29.12
C GLN J 102 -15.66 -36.30 27.73
N VAL J 103 -14.72 -36.65 26.84
CA VAL J 103 -14.83 -36.20 25.46
C VAL J 103 -16.10 -36.73 24.82
N ALA J 104 -16.39 -38.02 25.03
CA ALA J 104 -17.62 -38.60 24.49
C ALA J 104 -18.85 -37.91 25.07
N GLU J 105 -18.85 -37.67 26.38
CA GLU J 105 -20.00 -37.02 27.00
C GLU J 105 -20.21 -35.62 26.44
N ASP J 106 -19.13 -34.83 26.35
CA ASP J 106 -19.24 -33.47 25.87
C ASP J 106 -19.66 -33.42 24.41
N LEU J 107 -19.15 -34.34 23.59
CA LEU J 107 -19.54 -34.36 22.19
C LEU J 107 -20.97 -34.85 22.01
N THR J 108 -21.43 -35.76 22.87
CA THR J 108 -22.84 -36.12 22.86
C THR J 108 -23.72 -34.92 23.20
N ASN J 109 -23.30 -34.13 24.19
CA ASN J 109 -24.01 -32.89 24.49
C ASN J 109 -24.00 -31.94 23.30
N ALA J 110 -22.85 -31.80 22.64
CA ALA J 110 -22.74 -30.92 21.49
C ALA J 110 -23.68 -31.36 20.36
N TYR J 111 -23.74 -32.67 20.11
CA TYR J 111 -24.63 -33.18 19.08
C TYR J 111 -26.10 -32.99 19.46
N ALA J 112 -26.44 -33.23 20.73
CA ALA J 112 -27.82 -33.05 21.16
C ALA J 112 -28.22 -31.58 21.16
N LYS J 113 -27.25 -30.66 21.19
CA LYS J 113 -27.55 -29.23 21.18
C LYS J 113 -27.63 -28.69 19.76
N GLU J 114 -26.68 -29.06 18.91
CA GLU J 114 -26.60 -28.55 17.55
C GLU J 114 -27.09 -29.55 16.51
N GLY J 115 -27.35 -30.79 16.90
CA GLY J 115 -27.65 -31.84 15.95
C GLY J 115 -29.15 -32.06 15.75
N GLU J 116 -29.49 -33.27 15.30
CA GLU J 116 -30.86 -33.57 14.92
C GLU J 116 -31.82 -33.53 16.11
N GLU J 117 -31.47 -34.18 17.21
CA GLU J 117 -32.43 -34.42 18.28
C GLU J 117 -31.81 -34.06 19.62
N GLU J 118 -32.66 -33.58 20.54
CA GLU J 118 -32.30 -33.52 21.95
C GLU J 118 -32.45 -34.92 22.54
N ILE J 119 -31.36 -35.69 22.46
CA ILE J 119 -31.42 -37.13 22.68
C ILE J 119 -31.99 -37.41 24.06
N GLY J 120 -32.86 -38.42 24.14
CA GLY J 120 -33.32 -38.90 25.44
C GLY J 120 -32.18 -39.54 26.21
N THR J 121 -32.36 -39.59 27.53
CA THR J 121 -31.27 -40.04 28.40
C THR J 121 -30.77 -41.43 28.04
N GLU J 122 -31.68 -42.35 27.72
CA GLU J 122 -31.25 -43.70 27.38
C GLU J 122 -30.42 -43.71 26.10
N GLN J 123 -30.87 -43.02 25.06
CA GLN J 123 -30.11 -42.99 23.82
C GLN J 123 -28.89 -42.08 23.96
N ARG J 124 -28.95 -41.08 24.84
CA ARG J 124 -27.76 -40.28 25.13
C ARG J 124 -26.66 -41.17 25.70
N GLU J 125 -27.01 -42.00 26.69
CA GLU J 125 -26.03 -42.91 27.27
C GLU J 125 -25.57 -43.94 26.25
N GLN J 126 -26.48 -44.42 25.41
CA GLN J 126 -26.08 -45.36 24.36
C GLN J 126 -25.07 -44.72 23.42
N LEU J 127 -25.31 -43.48 23.01
CA LEU J 127 -24.38 -42.79 22.14
C LEU J 127 -23.03 -42.57 22.81
N ILE J 128 -23.03 -42.19 24.08
CA ILE J 128 -21.77 -41.97 24.79
C ILE J 128 -20.99 -43.29 24.88
N HIS J 129 -21.68 -44.37 25.21
CA HIS J 129 -21.03 -45.68 25.32
C HIS J 129 -20.47 -46.12 23.96
N ASN J 130 -21.23 -45.89 22.89
CA ASN J 130 -20.76 -46.25 21.56
C ASN J 130 -19.55 -45.42 21.17
N LEU J 131 -19.56 -44.12 21.51
CA LEU J 131 -18.39 -43.28 21.27
C LEU J 131 -17.17 -43.84 22.00
N LEU J 132 -17.34 -44.18 23.28
CA LEU J 132 -16.22 -44.73 24.03
C LEU J 132 -15.71 -46.01 23.41
N ILE J 133 -16.62 -46.87 22.95
CA ILE J 133 -16.21 -48.14 22.34
C ILE J 133 -15.43 -47.89 21.06
N VAL J 134 -15.94 -47.02 20.20
CA VAL J 134 -15.35 -46.84 18.87
C VAL J 134 -14.21 -45.83 18.90
N LEU J 135 -14.38 -44.72 19.62
CA LEU J 135 -13.29 -43.75 19.70
C LEU J 135 -12.06 -44.35 20.35
N GLN J 136 -12.25 -45.32 21.23
CA GLN J 136 -11.12 -46.10 21.73
C GLN J 136 -10.50 -46.92 20.60
N LYS J 137 -9.42 -47.64 20.89
CA LYS J 137 -8.67 -48.35 19.86
C LYS J 137 -8.21 -47.36 18.79
N ALA J 138 -8.81 -47.38 17.61
CA ALA J 138 -8.56 -46.38 16.55
C ALA J 138 -7.09 -45.97 16.48
N GLU J 139 -6.18 -46.93 16.48
CA GLU J 139 -4.75 -46.61 16.56
C GLU J 139 -4.19 -46.30 15.17
N ASN J 140 -4.36 -47.22 14.23
CA ASN J 140 -3.81 -47.02 12.90
C ASN J 140 -4.44 -45.82 12.19
N LEU J 141 -5.75 -45.63 12.33
CA LEU J 141 -6.40 -44.47 11.71
C LEU J 141 -5.86 -43.17 12.30
N LYS J 142 -5.71 -43.12 13.63
CA LYS J 142 -5.18 -41.92 14.27
C LYS J 142 -3.76 -41.64 13.80
N LYS J 143 -2.94 -42.69 13.71
CA LYS J 143 -1.57 -42.50 13.23
C LYS J 143 -1.55 -42.06 11.77
N THR J 144 -2.47 -42.59 10.96
CA THR J 144 -2.56 -42.15 9.56
C THR J 144 -2.86 -40.67 9.48
N PHE J 145 -3.84 -40.20 10.25
CA PHE J 145 -4.16 -38.78 10.17
C PHE J 145 -3.09 -37.93 10.85
N LYS J 146 -2.30 -38.51 11.75
CA LYS J 146 -1.15 -37.78 12.27
C LYS J 146 -0.10 -37.61 11.18
N ALA J 147 0.15 -38.67 10.40
CA ALA J 147 1.05 -38.56 9.27
C ALA J 147 0.57 -37.49 8.30
N TYR J 148 -0.73 -37.44 8.04
CA TYR J 148 -1.28 -36.37 7.23
C TYR J 148 -1.08 -35.01 7.89
N ARG J 149 -1.23 -34.95 9.21
CA ARG J 149 -0.99 -33.72 9.95
C ARG J 149 0.47 -33.33 9.90
N LEU J 150 1.36 -34.27 10.19
CA LEU J 150 2.78 -34.01 10.05
C LEU J 150 3.13 -33.69 8.60
N LEU J 151 2.31 -34.16 7.66
CA LEU J 151 2.55 -33.88 6.25
C LEU J 151 2.41 -32.38 5.95
N PHE J 152 1.30 -31.78 6.36
CA PHE J 152 0.97 -30.43 5.90
C PHE J 152 1.20 -29.37 6.97
N GLU J 153 2.23 -29.52 7.79
CA GLU J 153 2.73 -28.38 8.55
C GLU J 153 3.39 -27.36 7.62
N ASN J 154 3.68 -27.76 6.38
CA ASN J 154 4.32 -26.89 5.41
C ASN J 154 3.31 -25.92 4.81
N THR J 155 3.74 -25.24 3.74
CA THR J 155 2.92 -24.17 3.17
C THR J 155 2.14 -24.65 1.94
N ARG J 156 2.73 -25.50 1.11
CA ARG J 156 2.13 -25.81 -0.18
C ARG J 156 2.55 -27.19 -0.67
N SER J 157 1.80 -27.69 -1.65
CA SER J 157 2.06 -29.00 -2.25
C SER J 157 1.46 -29.05 -3.65
N PHE J 158 2.05 -29.89 -4.49
CA PHE J 158 1.60 -30.06 -5.87
C PHE J 158 0.17 -30.55 -5.91
N ARG J 159 -0.43 -30.46 -7.11
CA ARG J 159 -1.56 -31.32 -7.45
C ARG J 159 -1.44 -31.93 -8.84
N LYS J 160 -0.82 -31.22 -9.78
CA LYS J 160 -0.74 -31.71 -11.15
C LYS J 160 0.14 -30.77 -11.96
N SER J 161 0.42 -31.16 -13.20
CA SER J 161 1.22 -30.38 -14.11
C SER J 161 0.92 -30.82 -15.54
N ARG J 162 1.35 -29.98 -16.48
CA ARG J 162 1.14 -30.22 -17.91
C ARG J 162 2.34 -29.70 -18.68
N VAL J 163 2.80 -30.47 -19.66
CA VAL J 163 3.96 -30.12 -20.46
C VAL J 163 3.51 -29.68 -21.84
N MET J 164 4.05 -28.55 -22.28
CA MET J 164 3.71 -27.97 -23.57
C MET J 164 4.99 -27.57 -24.29
N THR J 165 5.07 -27.90 -25.57
CA THR J 165 6.25 -27.56 -26.37
C THR J 165 5.82 -27.07 -27.74
N ASP J 166 6.61 -26.16 -28.29
CA ASP J 166 6.30 -25.51 -29.56
C ASP J 166 7.59 -25.41 -30.37
N MET J 167 7.44 -25.30 -31.68
CA MET J 167 8.58 -25.14 -32.57
C MET J 167 8.24 -24.02 -33.56
N ARG J 168 9.26 -23.28 -33.98
CA ARG J 168 9.07 -22.12 -34.84
C ARG J 168 10.24 -22.02 -35.82
N MET J 169 9.95 -21.62 -37.05
CA MET J 169 10.96 -21.59 -38.10
C MET J 169 11.54 -20.20 -38.26
N ILE J 170 12.72 -20.13 -38.88
CA ILE J 170 13.47 -18.89 -39.03
C ILE J 170 13.28 -18.42 -40.47
N PHE J 171 13.01 -17.13 -40.63
CA PHE J 171 12.71 -16.58 -41.94
C PHE J 171 13.74 -15.52 -42.32
N ASP J 172 13.59 -14.98 -43.53
CA ASP J 172 14.47 -13.94 -44.03
C ASP J 172 13.71 -12.62 -44.16
N ASP J 173 14.47 -11.52 -44.14
CA ASP J 173 13.89 -10.22 -44.41
C ASP J 173 13.27 -10.14 -45.80
N ASP J 174 13.97 -10.68 -46.80
CA ASP J 174 13.42 -10.85 -48.14
C ASP J 174 13.37 -12.35 -48.42
N PHE J 175 12.20 -12.83 -48.84
CA PHE J 175 11.99 -14.26 -49.03
C PHE J 175 12.47 -14.73 -50.39
N GLN J 176 13.37 -13.98 -51.03
CA GLN J 176 14.13 -14.52 -52.14
C GLN J 176 14.93 -15.73 -51.70
N LYS J 177 15.22 -15.85 -50.41
CA LYS J 177 15.81 -17.05 -49.84
C LYS J 177 14.71 -17.92 -49.24
N LYS J 178 14.77 -19.22 -49.52
CA LYS J 178 13.82 -20.17 -48.94
C LYS J 178 14.17 -20.43 -47.49
N ASN J 179 13.15 -20.71 -46.67
CA ASN J 179 13.36 -20.94 -45.25
C ASN J 179 14.00 -22.30 -45.03
N GLN J 180 15.20 -22.30 -44.46
CA GLN J 180 15.94 -23.54 -44.22
C GLN J 180 16.07 -23.87 -42.75
N THR J 181 15.64 -22.99 -41.84
CA THR J 181 16.03 -23.09 -40.44
C THR J 181 14.85 -22.83 -39.52
N GLY J 182 14.93 -23.43 -38.32
CA GLY J 182 13.93 -23.21 -37.30
C GLY J 182 14.47 -23.39 -35.90
N LEU J 183 13.57 -23.22 -34.92
CA LEU J 183 13.90 -23.29 -33.51
C LEU J 183 12.80 -24.01 -32.75
N ILE J 184 13.21 -24.86 -31.81
CA ILE J 184 12.28 -25.65 -31.00
C ILE J 184 12.41 -25.22 -29.55
N ILE J 185 11.26 -24.99 -28.91
CA ILE J 185 11.21 -24.54 -27.53
C ILE J 185 10.28 -25.46 -26.76
N HIS J 186 10.40 -25.47 -25.43
CA HIS J 186 9.60 -26.32 -24.57
C HIS J 186 9.02 -25.49 -23.43
N GLN J 187 7.85 -25.93 -22.95
CA GLN J 187 7.15 -25.26 -21.87
C GLN J 187 6.60 -26.29 -20.89
N LEU J 188 6.67 -25.95 -19.61
CA LEU J 188 6.03 -26.74 -18.57
C LEU J 188 5.12 -25.84 -17.75
N LYS J 189 3.98 -26.40 -17.34
CA LYS J 189 3.06 -25.73 -16.45
C LYS J 189 2.59 -26.69 -15.39
N LEU J 190 2.47 -26.18 -14.16
CA LEU J 190 2.31 -27.02 -12.98
C LEU J 190 1.21 -26.44 -12.11
N GLU J 191 0.63 -27.29 -11.26
CA GLU J 191 -0.44 -26.89 -10.36
C GLU J 191 -0.12 -27.39 -8.96
N TYR J 192 -0.53 -26.61 -7.97
CA TYR J 192 -0.20 -26.91 -6.58
C TYR J 192 -1.15 -26.17 -5.67
N ILE J 193 -1.23 -26.62 -4.42
CA ILE J 193 -2.02 -25.99 -3.38
C ILE J 193 -1.07 -25.34 -2.40
N GLU J 194 -1.32 -24.08 -2.05
CA GLU J 194 -0.54 -23.39 -1.03
C GLU J 194 -1.51 -22.82 0.01
N ASP J 195 -1.23 -23.13 1.28
CA ASP J 195 -2.01 -22.60 2.40
C ASP J 195 -3.51 -22.77 2.15
N ASN J 196 -3.87 -23.98 1.71
CA ASN J 196 -5.25 -24.33 1.39
C ASN J 196 -5.77 -23.57 0.17
N THR J 197 -4.86 -23.07 -0.67
CA THR J 197 -5.24 -22.32 -1.87
C THR J 197 -4.57 -22.95 -3.08
N SER J 198 -5.37 -23.24 -4.11
CA SER J 198 -4.84 -23.85 -5.31
C SER J 198 -4.06 -22.83 -6.13
N LYS J 199 -3.00 -23.29 -6.79
CA LYS J 199 -2.09 -22.42 -7.52
C LYS J 199 -1.49 -23.16 -8.70
N GLU J 200 -0.86 -22.39 -9.58
CA GLU J 200 -0.18 -22.94 -10.75
C GLU J 200 1.02 -22.05 -11.06
N PHE J 201 1.91 -22.58 -11.92
CA PHE J 201 3.16 -21.88 -12.21
C PHE J 201 3.64 -22.33 -13.58
N PHE J 202 4.17 -21.38 -14.36
CA PHE J 202 4.40 -21.59 -15.78
C PHE J 202 5.85 -21.27 -16.12
N ILE J 203 6.48 -22.13 -16.91
CA ILE J 203 7.89 -21.96 -17.27
C ILE J 203 8.15 -22.56 -18.65
N SER J 204 9.18 -22.06 -19.33
CA SER J 204 9.63 -22.56 -20.62
C SER J 204 11.02 -23.16 -20.49
N LEU J 205 11.26 -24.25 -21.22
CA LEU J 205 12.48 -25.05 -21.08
C LEU J 205 13.11 -25.33 -22.44
N ASP J 206 14.30 -25.92 -22.38
CA ASP J 206 14.98 -26.50 -23.54
C ASP J 206 15.28 -27.96 -23.24
N ASN J 207 15.48 -28.74 -24.31
CA ASN J 207 15.58 -30.19 -24.16
C ASN J 207 16.74 -30.58 -23.24
N ASP J 208 17.86 -29.86 -23.35
CA ASP J 208 19.03 -30.22 -22.56
C ASP J 208 18.73 -30.11 -21.07
N ASP J 209 18.07 -29.03 -20.65
CA ASP J 209 17.74 -28.88 -19.23
C ASP J 209 16.73 -29.93 -18.79
N VAL J 210 15.82 -30.31 -19.69
CA VAL J 210 14.87 -31.37 -19.37
C VAL J 210 15.62 -32.67 -19.11
N LEU J 211 16.61 -32.97 -19.95
CA LEU J 211 17.41 -34.17 -19.75
C LEU J 211 18.18 -34.09 -18.44
N LYS J 212 18.74 -32.93 -18.14
CA LYS J 212 19.49 -32.76 -16.90
C LYS J 212 18.59 -32.96 -15.69
N LEU J 213 17.38 -32.41 -15.74
CA LEU J 213 16.42 -32.60 -14.66
C LEU J 213 16.03 -34.07 -14.53
N SER J 214 15.87 -34.74 -15.67
CA SER J 214 15.58 -36.17 -15.63
C SER J 214 16.70 -36.92 -14.92
N GLU J 215 17.95 -36.55 -15.21
CA GLU J 215 19.07 -37.19 -14.53
C GLU J 215 19.03 -36.92 -13.03
N GLU J 216 18.77 -35.67 -12.65
CA GLU J 216 18.69 -35.32 -11.23
C GLU J 216 17.62 -36.15 -10.53
N LEU J 217 16.41 -36.16 -11.10
CA LEU J 217 15.31 -36.84 -10.44
C LEU J 217 15.52 -38.35 -10.44
N LYS J 218 16.22 -38.88 -11.44
CA LYS J 218 16.53 -40.31 -11.44
C LYS J 218 17.53 -40.63 -10.34
N ARG J 219 18.53 -39.76 -10.15
CA ARG J 219 19.48 -39.94 -9.07
C ARG J 219 18.76 -39.90 -7.72
N SER J 220 17.84 -38.95 -7.56
CA SER J 220 17.09 -38.87 -6.30
C SER J 220 16.19 -40.10 -6.13
N LEU J 221 15.67 -40.64 -7.23
CA LEU J 221 14.87 -41.85 -7.14
C LEU J 221 15.70 -43.03 -6.68
N GLU J 222 16.93 -43.14 -7.21
CA GLU J 222 17.83 -44.17 -6.72
C GLU J 222 18.15 -43.98 -5.24
N LYS J 223 18.30 -42.73 -4.82
CA LYS J 223 18.47 -42.44 -3.40
C LYS J 223 17.28 -42.94 -2.61
N GLU J 224 16.08 -42.68 -3.10
CA GLU J 224 14.87 -43.09 -2.39
C GLU J 224 14.78 -44.61 -2.32
N GLU J 225 15.17 -45.30 -3.38
CA GLU J 225 15.18 -46.75 -3.35
C GLU J 225 16.19 -47.27 -2.34
N CYS J 226 17.38 -46.68 -2.31
CA CYS J 226 18.37 -47.07 -1.32
C CYS J 226 17.85 -46.80 0.09
N ILE J 227 17.01 -45.78 0.24
CA ILE J 227 16.43 -45.48 1.55
C ILE J 227 15.35 -46.50 1.91
N LYS J 228 14.51 -46.88 0.94
CA LYS J 228 13.69 -48.07 1.10
C LYS J 228 14.51 -49.23 1.65
N ARG J 229 15.70 -49.44 1.09
CA ARG J 229 16.50 -50.62 1.43
C ARG J 229 17.20 -50.47 2.78
N ASP J 230 17.55 -49.25 3.18
CA ASP J 230 18.45 -49.06 4.31
C ASP J 230 17.87 -49.57 5.62
N PHE J 231 16.64 -49.19 5.95
CA PHE J 231 16.01 -49.56 7.21
C PHE J 231 15.01 -50.70 7.03
N ASP J 232 15.52 -51.92 6.87
CA ASP J 232 14.64 -53.08 6.83
C ASP J 232 13.88 -53.28 8.14
N GLN J 233 14.36 -52.69 9.24
CA GLN J 233 13.72 -52.83 10.53
C GLN J 233 12.47 -51.97 10.69
N VAL J 234 12.27 -51.00 9.80
CA VAL J 234 11.17 -50.05 9.91
C VAL J 234 10.42 -50.00 8.59
N GLN J 235 9.14 -49.66 8.65
CA GLN J 235 8.33 -49.50 7.45
C GLN J 235 8.14 -48.03 7.14
N PHE J 236 8.03 -47.71 5.85
CA PHE J 236 7.81 -46.35 5.39
C PHE J 236 6.68 -46.38 4.37
N ILE J 237 5.75 -45.44 4.51
CA ILE J 237 4.44 -45.54 3.86
C ILE J 237 4.22 -44.36 2.93
N ASN J 238 3.41 -44.58 1.90
CA ASN J 238 2.86 -43.51 1.08
C ASN J 238 1.41 -43.31 1.48
N ILE J 239 1.07 -42.06 1.77
CA ILE J 239 -0.24 -41.73 2.31
C ILE J 239 -0.98 -40.82 1.33
N LYS J 240 -2.21 -41.18 1.01
CA LYS J 240 -3.00 -40.46 0.03
C LYS J 240 -4.43 -40.23 0.53
#